data_6OYD
# 
_entry.id   6OYD 
# 
_audit_conform.dict_name       mmcif_pdbx.dic 
_audit_conform.dict_version    5.380 
_audit_conform.dict_location   http://mmcif.pdb.org/dictionaries/ascii/mmcif_pdbx.dic 
# 
loop_
_database_2.database_id 
_database_2.database_code 
_database_2.pdbx_database_accession 
_database_2.pdbx_DOI 
PDB   6OYD         pdb_00006oyd 10.2210/pdb6oyd/pdb 
WWPDB D_1000241582 ?            ?                   
# 
_pdbx_database_status.status_code                     REL 
_pdbx_database_status.status_code_sf                  REL 
_pdbx_database_status.status_code_mr                  ? 
_pdbx_database_status.entry_id                        6OYD 
_pdbx_database_status.recvd_initial_deposition_date   2019-05-14 
_pdbx_database_status.SG_entry                        N 
_pdbx_database_status.deposit_site                    RCSB 
_pdbx_database_status.process_site                    RCSB 
_pdbx_database_status.status_code_cs                  ? 
_pdbx_database_status.methods_development_category    ? 
_pdbx_database_status.pdb_format_compatible           Y 
_pdbx_database_status.status_code_nmr_data            ? 
# 
loop_
_audit_author.name 
_audit_author.pdbx_ordinal 
_audit_author.identifier_ORCID 
'Bulut, H.'      1 0000-0003-0262-6296 
'Hattori, S.I.'  2 ?                   
'Aoki-Ogata, H.' 3 ?                   
'Hayashi, H.'    4 ?                   
'Aoki, M.'       5 ?                   
'Ghosh, A.K.'    6 ?                   
'Mitsuya, H.'    7 ?                   
# 
_citation.abstract                  ? 
_citation.abstract_id_CAS           ? 
_citation.book_id_ISBN              ? 
_citation.book_publisher            ? 
_citation.book_publisher_city       ? 
_citation.book_title                ? 
_citation.coordinate_linkage        ? 
_citation.country                   UK 
_citation.database_id_Medline       ? 
_citation.details                   ? 
_citation.id                        primary 
_citation.journal_abbrev            'Sci Rep' 
_citation.journal_id_ASTM           ? 
_citation.journal_id_CSD            ? 
_citation.journal_id_ISSN           2045-2322 
_citation.journal_full              ? 
_citation.journal_issue             ? 
_citation.journal_volume            10 
_citation.language                  ? 
_citation.page_first                10664 
_citation.page_last                 10664 
_citation.title                     
;Single atom changes in newly synthesized HIV protease inhibitors reveal structural basis for extreme affinity, high genetic barrier, and adaptation to the HIV protease plasticity.
;
_citation.year                      2020 
_citation.database_id_CSD           ? 
_citation.pdbx_database_id_DOI      10.1038/s41598-020-65993-z 
_citation.pdbx_database_id_PubMed   32606378 
_citation.unpublished_flag          ? 
# 
loop_
_citation_author.citation_id 
_citation_author.name 
_citation_author.ordinal 
_citation_author.identifier_ORCID 
primary 'Bulut, H.'        1  ? 
primary 'Hattori, S.I.'    2  ? 
primary 'Aoki-Ogata, H.'   3  ? 
primary 'Hayashi, H.'      4  ? 
primary 'Das, D.'          5  ? 
primary 'Aoki, M.'         6  ? 
primary 'Davis, D.A.'      7  ? 
primary 'Rao, K.V.'        8  ? 
primary 'Nyalapatla, P.R.' 9  ? 
primary 'Ghosh, A.K.'      10 ? 
primary 'Mitsuya, H.'      11 ? 
# 
_cell.angle_alpha                  90.00 
_cell.angle_alpha_esd              ? 
_cell.angle_beta                   90.00 
_cell.angle_beta_esd               ? 
_cell.angle_gamma                  120.00 
_cell.angle_gamma_esd              ? 
_cell.entry_id                     6OYD 
_cell.details                      ? 
_cell.formula_units_Z              ? 
_cell.length_a                     62.825 
_cell.length_a_esd                 ? 
_cell.length_b                     62.825 
_cell.length_b_esd                 ? 
_cell.length_c                     82.280 
_cell.length_c_esd                 ? 
_cell.volume                       ? 
_cell.volume_esd                   ? 
_cell.Z_PDB                        12 
_cell.reciprocal_angle_alpha       ? 
_cell.reciprocal_angle_beta        ? 
_cell.reciprocal_angle_gamma       ? 
_cell.reciprocal_angle_alpha_esd   ? 
_cell.reciprocal_angle_beta_esd    ? 
_cell.reciprocal_angle_gamma_esd   ? 
_cell.reciprocal_length_a          ? 
_cell.reciprocal_length_b          ? 
_cell.reciprocal_length_c          ? 
_cell.reciprocal_length_a_esd      ? 
_cell.reciprocal_length_b_esd      ? 
_cell.reciprocal_length_c_esd      ? 
_cell.pdbx_unique_axis             ? 
# 
_symmetry.entry_id                         6OYD 
_symmetry.cell_setting                     ? 
_symmetry.Int_Tables_number                178 
_symmetry.space_group_name_Hall            ? 
_symmetry.space_group_name_H-M             'P 61 2 2' 
_symmetry.pdbx_full_space_group_name_H-M   ? 
# 
loop_
_entity.id 
_entity.type 
_entity.src_method 
_entity.pdbx_description 
_entity.formula_weight 
_entity.pdbx_number_of_molecules 
_entity.pdbx_ec 
_entity.pdbx_mutation 
_entity.pdbx_fragment 
_entity.details 
1 polymer     man Protease 10830.781 1  ? ? ? ? 
2 non-polymer syn 
;(3S,3aR,5R,7aS,8S)-hexahydro-4H-3,5-methanofuro[2,3-b]pyran-8-yl {(2S,3R)-1-(4-fluorophenyl)-3-hydroxy-4-[(2-methylpropyl)({2-[(propan-2-yl)amino]-1,3-benzoxazol-6-yl}sulfonyl)amino]butan-2-yl}carbamate
;
674.780   1  ? ? ? ? 
3 water       nat water 18.015    31 ? ? ? ? 
# 
_entity_poly.entity_id                      1 
_entity_poly.type                           'polypeptide(L)' 
_entity_poly.nstd_linkage                   no 
_entity_poly.nstd_monomer                   no 
_entity_poly.pdbx_seq_one_letter_code       
;PQITLWQRPLVTIKIGGQLKEALLDTGADDTVLEEMNLPGRWKPKMIGGIGGFIKVRQYDQILIEICGHKAIGTVLVGPT
PVNIIGRNLLTQIGCTLNF
;
_entity_poly.pdbx_seq_one_letter_code_can   
;PQITLWQRPLVTIKIGGQLKEALLDTGADDTVLEEMNLPGRWKPKMIGGIGGFIKVRQYDQILIEICGHKAIGTVLVGPT
PVNIIGRNLLTQIGCTLNF
;
_entity_poly.pdbx_strand_id                 A 
_entity_poly.pdbx_target_identifier         ? 
# 
loop_
_entity_poly_seq.entity_id 
_entity_poly_seq.num 
_entity_poly_seq.mon_id 
_entity_poly_seq.hetero 
1 1  PRO n 
1 2  GLN n 
1 3  ILE n 
1 4  THR n 
1 5  LEU n 
1 6  TRP n 
1 7  GLN n 
1 8  ARG n 
1 9  PRO n 
1 10 LEU n 
1 11 VAL n 
1 12 THR n 
1 13 ILE n 
1 14 LYS n 
1 15 ILE n 
1 16 GLY n 
1 17 GLY n 
1 18 GLN n 
1 19 LEU n 
1 20 LYS n 
1 21 GLU n 
1 22 ALA n 
1 23 LEU n 
1 24 LEU n 
1 25 ASP n 
1 26 THR n 
1 27 GLY n 
1 28 ALA n 
1 29 ASP n 
1 30 ASP n 
1 31 THR n 
1 32 VAL n 
1 33 LEU n 
1 34 GLU n 
1 35 GLU n 
1 36 MET n 
1 37 ASN n 
1 38 LEU n 
1 39 PRO n 
1 40 GLY n 
1 41 ARG n 
1 42 TRP n 
1 43 LYS n 
1 44 PRO n 
1 45 LYS n 
1 46 MET n 
1 47 ILE n 
1 48 GLY n 
1 49 GLY n 
1 50 ILE n 
1 51 GLY n 
1 52 GLY n 
1 53 PHE n 
1 54 ILE n 
1 55 LYS n 
1 56 VAL n 
1 57 ARG n 
1 58 GLN n 
1 59 TYR n 
1 60 ASP n 
1 61 GLN n 
1 62 ILE n 
1 63 LEU n 
1 64 ILE n 
1 65 GLU n 
1 66 ILE n 
1 67 CYS n 
1 68 GLY n 
1 69 HIS n 
1 70 LYS n 
1 71 ALA n 
1 72 ILE n 
1 73 GLY n 
1 74 THR n 
1 75 VAL n 
1 76 LEU n 
1 77 VAL n 
1 78 GLY n 
1 79 PRO n 
1 80 THR n 
1 81 PRO n 
1 82 VAL n 
1 83 ASN n 
1 84 ILE n 
1 85 ILE n 
1 86 GLY n 
1 87 ARG n 
1 88 ASN n 
1 89 LEU n 
1 90 LEU n 
1 91 THR n 
1 92 GLN n 
1 93 ILE n 
1 94 GLY n 
1 95 CYS n 
1 96 THR n 
1 97 LEU n 
1 98 ASN n 
1 99 PHE n 
# 
_entity_src_gen.entity_id                          1 
_entity_src_gen.pdbx_src_id                        1 
_entity_src_gen.pdbx_alt_source_flag               sample 
_entity_src_gen.pdbx_seq_type                      'Biological sequence' 
_entity_src_gen.pdbx_beg_seq_num                   1 
_entity_src_gen.pdbx_end_seq_num                   99 
_entity_src_gen.gene_src_common_name               ? 
_entity_src_gen.gene_src_genus                     ? 
_entity_src_gen.pdbx_gene_src_gene                 pol 
_entity_src_gen.gene_src_species                   ? 
_entity_src_gen.gene_src_strain                    ? 
_entity_src_gen.gene_src_tissue                    ? 
_entity_src_gen.gene_src_tissue_fraction           ? 
_entity_src_gen.gene_src_details                   ? 
_entity_src_gen.pdbx_gene_src_fragment             ? 
_entity_src_gen.pdbx_gene_src_scientific_name      'Human immunodeficiency virus 1' 
_entity_src_gen.pdbx_gene_src_ncbi_taxonomy_id     11676 
_entity_src_gen.pdbx_gene_src_variant              ? 
_entity_src_gen.pdbx_gene_src_cell_line            ? 
_entity_src_gen.pdbx_gene_src_atcc                 ? 
_entity_src_gen.pdbx_gene_src_organ                ? 
_entity_src_gen.pdbx_gene_src_organelle            ? 
_entity_src_gen.pdbx_gene_src_cell                 ? 
_entity_src_gen.pdbx_gene_src_cellular_location    ? 
_entity_src_gen.host_org_common_name               ? 
_entity_src_gen.pdbx_host_org_scientific_name      'Escherichia coli' 
_entity_src_gen.pdbx_host_org_ncbi_taxonomy_id     562 
_entity_src_gen.host_org_genus                     ? 
_entity_src_gen.pdbx_host_org_gene                 ? 
_entity_src_gen.pdbx_host_org_organ                ? 
_entity_src_gen.host_org_species                   ? 
_entity_src_gen.pdbx_host_org_tissue               ? 
_entity_src_gen.pdbx_host_org_tissue_fraction      ? 
_entity_src_gen.pdbx_host_org_strain               ? 
_entity_src_gen.pdbx_host_org_variant              ? 
_entity_src_gen.pdbx_host_org_cell_line            ? 
_entity_src_gen.pdbx_host_org_atcc                 ? 
_entity_src_gen.pdbx_host_org_culture_collection   ? 
_entity_src_gen.pdbx_host_org_cell                 ? 
_entity_src_gen.pdbx_host_org_organelle            ? 
_entity_src_gen.pdbx_host_org_cellular_location    ? 
_entity_src_gen.pdbx_host_org_vector_type          ? 
_entity_src_gen.pdbx_host_org_vector               ? 
_entity_src_gen.host_org_details                   ? 
_entity_src_gen.expression_system_id               ? 
_entity_src_gen.plasmid_name                       ? 
_entity_src_gen.plasmid_details                    ? 
_entity_src_gen.pdbx_description                   ? 
# 
_struct_ref.id                         1 
_struct_ref.db_name                    UNP 
_struct_ref.db_code                    Q8ULI2_9HIV1 
_struct_ref.pdbx_db_accession          Q8ULI2 
_struct_ref.pdbx_db_isoform            ? 
_struct_ref.entity_id                  1 
_struct_ref.pdbx_seq_one_letter_code   
;PQITLWQRPLVTIKIGGQLKEALLDTGADDTVLEEMNLPGRWKPKMIGGIGGFIKVRQYDQILIEICGHKAIGTVLVGPT
PVNIIGRNLLTQIGCTLNF
;
_struct_ref.pdbx_align_begin           1 
# 
_struct_ref_seq.align_id                      1 
_struct_ref_seq.ref_id                        1 
_struct_ref_seq.pdbx_PDB_id_code              6OYD 
_struct_ref_seq.pdbx_strand_id                A 
_struct_ref_seq.seq_align_beg                 1 
_struct_ref_seq.pdbx_seq_align_beg_ins_code   ? 
_struct_ref_seq.seq_align_end                 99 
_struct_ref_seq.pdbx_seq_align_end_ins_code   ? 
_struct_ref_seq.pdbx_db_accession             Q8ULI2 
_struct_ref_seq.db_align_beg                  1 
_struct_ref_seq.pdbx_db_align_beg_ins_code    ? 
_struct_ref_seq.db_align_end                  99 
_struct_ref_seq.pdbx_db_align_end_ins_code    ? 
_struct_ref_seq.pdbx_auth_seq_align_beg       1 
_struct_ref_seq.pdbx_auth_seq_align_end       99 
# 
loop_
_chem_comp.id 
_chem_comp.type 
_chem_comp.mon_nstd_flag 
_chem_comp.name 
_chem_comp.pdbx_synonyms 
_chem_comp.formula 
_chem_comp.formula_weight 
ALA 'L-peptide linking' y ALANINE ? 'C3 H7 N O2'        89.093  
ARG 'L-peptide linking' y ARGININE ? 'C6 H15 N4 O2 1'    175.209 
ASN 'L-peptide linking' y ASPARAGINE ? 'C4 H8 N2 O3'       132.118 
ASP 'L-peptide linking' y 'ASPARTIC ACID' ? 'C4 H7 N O4'        133.103 
CYS 'L-peptide linking' y CYSTEINE ? 'C3 H7 N O2 S'      121.158 
GLN 'L-peptide linking' y GLUTAMINE ? 'C5 H10 N2 O3'      146.144 
GLU 'L-peptide linking' y 'GLUTAMIC ACID' ? 'C5 H9 N O4'        147.129 
GLY 'peptide linking'   y GLYCINE ? 'C2 H5 N O2'        75.067  
HIS 'L-peptide linking' y HISTIDINE ? 'C6 H10 N3 O2 1'    156.162 
HOH non-polymer         . WATER ? 'H2 O'              18.015  
ILE 'L-peptide linking' y ISOLEUCINE ? 'C6 H13 N O2'       131.173 
LEU 'L-peptide linking' y LEUCINE ? 'C6 H13 N O2'       131.173 
LYS 'L-peptide linking' y LYSINE ? 'C6 H15 N2 O2 1'    147.195 
MET 'L-peptide linking' y METHIONINE ? 'C5 H11 N O2 S'     149.211 
NKA non-polymer         . 
;(3S,3aR,5R,7aS,8S)-hexahydro-4H-3,5-methanofuro[2,3-b]pyran-8-yl {(2S,3R)-1-(4-fluorophenyl)-3-hydroxy-4-[(2-methylpropyl)({2-[(propan-2-yl)amino]-1,3-benzoxazol-6-yl}sulfonyl)amino]butan-2-yl}carbamate
;
? 'C33 H43 F N4 O8 S' 674.780 
PHE 'L-peptide linking' y PHENYLALANINE ? 'C9 H11 N O2'       165.189 
PRO 'L-peptide linking' y PROLINE ? 'C5 H9 N O2'        115.130 
THR 'L-peptide linking' y THREONINE ? 'C4 H9 N O3'        119.119 
TRP 'L-peptide linking' y TRYPTOPHAN ? 'C11 H12 N2 O2'     204.225 
TYR 'L-peptide linking' y TYROSINE ? 'C9 H11 N O3'       181.189 
VAL 'L-peptide linking' y VALINE ? 'C5 H11 N O2'       117.146 
# 
_exptl.absorpt_coefficient_mu     ? 
_exptl.absorpt_correction_T_max   ? 
_exptl.absorpt_correction_T_min   ? 
_exptl.absorpt_correction_type    ? 
_exptl.absorpt_process_details    ? 
_exptl.entry_id                   6OYD 
_exptl.crystals_number            1 
_exptl.details                    ? 
_exptl.method                     'X-RAY DIFFRACTION' 
_exptl.method_details             ? 
# 
_exptl_crystal.colour                      ? 
_exptl_crystal.density_diffrn              ? 
_exptl_crystal.density_Matthews            2.16 
_exptl_crystal.density_method              ? 
_exptl_crystal.density_percent_sol         43.16 
_exptl_crystal.description                 ? 
_exptl_crystal.F_000                       ? 
_exptl_crystal.id                          1 
_exptl_crystal.preparation                 ? 
_exptl_crystal.size_max                    ? 
_exptl_crystal.size_mid                    ? 
_exptl_crystal.size_min                    ? 
_exptl_crystal.size_rad                    ? 
_exptl_crystal.colour_lustre               ? 
_exptl_crystal.colour_modifier             ? 
_exptl_crystal.colour_primary              ? 
_exptl_crystal.density_meas                ? 
_exptl_crystal.density_meas_esd            ? 
_exptl_crystal.density_meas_gt             ? 
_exptl_crystal.density_meas_lt             ? 
_exptl_crystal.density_meas_temp           ? 
_exptl_crystal.density_meas_temp_esd       ? 
_exptl_crystal.density_meas_temp_gt        ? 
_exptl_crystal.density_meas_temp_lt        ? 
_exptl_crystal.pdbx_crystal_image_url      ? 
_exptl_crystal.pdbx_crystal_image_format   ? 
_exptl_crystal.pdbx_mosaicity              ? 
_exptl_crystal.pdbx_mosaicity_esd          ? 
# 
_exptl_crystal_grow.apparatus       ? 
_exptl_crystal_grow.atmosphere      ? 
_exptl_crystal_grow.crystal_id      1 
_exptl_crystal_grow.details         ? 
_exptl_crystal_grow.method          'VAPOR DIFFUSION, HANGING DROP' 
_exptl_crystal_grow.method_ref      ? 
_exptl_crystal_grow.pH              6.5 
_exptl_crystal_grow.pressure        ? 
_exptl_crystal_grow.pressure_esd    ? 
_exptl_crystal_grow.seeding         ? 
_exptl_crystal_grow.seeding_ref     ? 
_exptl_crystal_grow.temp            298.0 
_exptl_crystal_grow.temp_details    ? 
_exptl_crystal_grow.temp_esd        ? 
_exptl_crystal_grow.time            ? 
_exptl_crystal_grow.pdbx_details    '0.2 M Sodium chloride, 0.1 M MES (pH 6.5), 10%(w/v) PEG 4000' 
_exptl_crystal_grow.pdbx_pH_range   ? 
# 
_diffrn.ambient_environment              ? 
_diffrn.ambient_temp                     100 
_diffrn.ambient_temp_details             ? 
_diffrn.ambient_temp_esd                 ? 
_diffrn.crystal_id                       1 
_diffrn.crystal_support                  ? 
_diffrn.crystal_treatment                ? 
_diffrn.details                          ? 
_diffrn.id                               1 
_diffrn.ambient_pressure                 ? 
_diffrn.ambient_pressure_esd             ? 
_diffrn.ambient_pressure_gt              ? 
_diffrn.ambient_pressure_lt              ? 
_diffrn.ambient_temp_gt                  ? 
_diffrn.ambient_temp_lt                  ? 
_diffrn.pdbx_serial_crystal_experiment   N 
# 
_diffrn_detector.details                      ? 
_diffrn_detector.detector                     PIXEL 
_diffrn_detector.diffrn_id                    1 
_diffrn_detector.type                         'DECTRIS PILATUS 6M' 
_diffrn_detector.area_resol_mean              ? 
_diffrn_detector.dtime                        ? 
_diffrn_detector.pdbx_frames_total            ? 
_diffrn_detector.pdbx_collection_time_total   ? 
_diffrn_detector.pdbx_collection_date         2016-10-31 
_diffrn_detector.pdbx_frequency               ? 
# 
_diffrn_radiation.collimation                      ? 
_diffrn_radiation.diffrn_id                        1 
_diffrn_radiation.filter_edge                      ? 
_diffrn_radiation.inhomogeneity                    ? 
_diffrn_radiation.monochromator                    ? 
_diffrn_radiation.polarisn_norm                    ? 
_diffrn_radiation.polarisn_ratio                   ? 
_diffrn_radiation.probe                            ? 
_diffrn_radiation.type                             ? 
_diffrn_radiation.xray_symbol                      ? 
_diffrn_radiation.wavelength_id                    1 
_diffrn_radiation.pdbx_monochromatic_or_laue_m_l   M 
_diffrn_radiation.pdbx_wavelength_list             ? 
_diffrn_radiation.pdbx_wavelength                  ? 
_diffrn_radiation.pdbx_diffrn_protocol             'SINGLE WAVELENGTH' 
_diffrn_radiation.pdbx_analyzer                    ? 
_diffrn_radiation.pdbx_scattering_type             x-ray 
# 
_diffrn_radiation_wavelength.id           1 
_diffrn_radiation_wavelength.wavelength   1.0 
_diffrn_radiation_wavelength.wt           1.0 
# 
_diffrn_source.current                     ? 
_diffrn_source.details                     ? 
_diffrn_source.diffrn_id                   1 
_diffrn_source.power                       ? 
_diffrn_source.size                        ? 
_diffrn_source.source                      SYNCHROTRON 
_diffrn_source.target                      ? 
_diffrn_source.type                        'SPRING-8 BEAMLINE BL41XU' 
_diffrn_source.voltage                     ? 
_diffrn_source.take-off_angle              ? 
_diffrn_source.pdbx_wavelength_list        1.0 
_diffrn_source.pdbx_wavelength             ? 
_diffrn_source.pdbx_synchrotron_beamline   BL41XU 
_diffrn_source.pdbx_synchrotron_site       SPring-8 
# 
_reflns.B_iso_Wilson_estimate            ? 
_reflns.entry_id                         6OYD 
_reflns.data_reduction_details           ? 
_reflns.data_reduction_method            ? 
_reflns.d_resolution_high                1.46 
_reflns.d_resolution_low                 54.41 
_reflns.details                          ? 
_reflns.limit_h_max                      ? 
_reflns.limit_h_min                      ? 
_reflns.limit_k_max                      ? 
_reflns.limit_k_min                      ? 
_reflns.limit_l_max                      ? 
_reflns.limit_l_min                      ? 
_reflns.number_all                       ? 
_reflns.number_obs                       17208 
_reflns.observed_criterion               ? 
_reflns.observed_criterion_F_max         ? 
_reflns.observed_criterion_F_min         ? 
_reflns.observed_criterion_I_max         ? 
_reflns.observed_criterion_I_min         ? 
_reflns.observed_criterion_sigma_F       ? 
_reflns.observed_criterion_sigma_I       ? 
_reflns.percent_possible_obs             99.63 
_reflns.R_free_details                   ? 
_reflns.Rmerge_F_all                     ? 
_reflns.Rmerge_F_obs                     ? 
_reflns.Friedel_coverage                 ? 
_reflns.number_gt                        ? 
_reflns.threshold_expression             ? 
_reflns.pdbx_redundancy                  18.6 
_reflns.pdbx_Rmerge_I_obs                ? 
_reflns.pdbx_Rmerge_I_all                ? 
_reflns.pdbx_Rsym_value                  ? 
_reflns.pdbx_netI_over_av_sigmaI         ? 
_reflns.pdbx_netI_over_sigmaI            14.10 
_reflns.pdbx_res_netI_over_av_sigmaI_2   ? 
_reflns.pdbx_res_netI_over_sigmaI_2      ? 
_reflns.pdbx_chi_squared                 ? 
_reflns.pdbx_scaling_rejects             ? 
_reflns.pdbx_d_res_high_opt              ? 
_reflns.pdbx_d_res_low_opt               ? 
_reflns.pdbx_d_res_opt_method            ? 
_reflns.phase_calculation_details        ? 
_reflns.pdbx_Rrim_I_all                  ? 
_reflns.pdbx_Rpim_I_all                  ? 
_reflns.pdbx_d_opt                       ? 
_reflns.pdbx_number_measured_all         ? 
_reflns.pdbx_diffrn_id                   1 
_reflns.pdbx_ordinal                     1 
_reflns.pdbx_CC_half                     ? 
_reflns.pdbx_R_split                     ? 
# 
_reflns_shell.d_res_high                  1.46 
_reflns_shell.d_res_low                   1.512 
_reflns_shell.meanI_over_sigI_all         ? 
_reflns_shell.meanI_over_sigI_obs         ? 
_reflns_shell.number_measured_all         ? 
_reflns_shell.number_measured_obs         ? 
_reflns_shell.number_possible             ? 
_reflns_shell.number_unique_all           ? 
_reflns_shell.number_unique_obs           17203 
_reflns_shell.percent_possible_all        ? 
_reflns_shell.percent_possible_obs        ? 
_reflns_shell.Rmerge_F_all                ? 
_reflns_shell.Rmerge_F_obs                ? 
_reflns_shell.Rmerge_I_all                ? 
_reflns_shell.Rmerge_I_obs                ? 
_reflns_shell.meanI_over_sigI_gt          ? 
_reflns_shell.meanI_over_uI_all           ? 
_reflns_shell.meanI_over_uI_gt            ? 
_reflns_shell.number_measured_gt          ? 
_reflns_shell.number_unique_gt            ? 
_reflns_shell.percent_possible_gt         ? 
_reflns_shell.Rmerge_F_gt                 ? 
_reflns_shell.Rmerge_I_gt                 ? 
_reflns_shell.pdbx_redundancy             ? 
_reflns_shell.pdbx_Rsym_value             ? 
_reflns_shell.pdbx_chi_squared            ? 
_reflns_shell.pdbx_netI_over_sigmaI_all   ? 
_reflns_shell.pdbx_netI_over_sigmaI_obs   ? 
_reflns_shell.pdbx_Rrim_I_all             ? 
_reflns_shell.pdbx_Rpim_I_all             ? 
_reflns_shell.pdbx_rejects                ? 
_reflns_shell.pdbx_ordinal                1 
_reflns_shell.pdbx_diffrn_id              1 
_reflns_shell.pdbx_CC_half                ? 
_reflns_shell.pdbx_R_split                ? 
# 
_refine.aniso_B[1][1]                            0.05 
_refine.aniso_B[1][2]                            0.02 
_refine.aniso_B[1][3]                            0.00 
_refine.aniso_B[2][2]                            0.05 
_refine.aniso_B[2][3]                            0.00 
_refine.aniso_B[3][3]                            -0.15 
_refine.B_iso_max                                ? 
_refine.B_iso_mean                               23.611 
_refine.B_iso_min                                ? 
_refine.correlation_coeff_Fo_to_Fc               0.960 
_refine.correlation_coeff_Fo_to_Fc_free          0.952 
_refine.details                                  'HYDROGENS HAVE BEEN ADDED IN THE RIDING POSITIONS' 
_refine.diff_density_max                         ? 
_refine.diff_density_max_esd                     ? 
_refine.diff_density_min                         ? 
_refine.diff_density_min_esd                     ? 
_refine.diff_density_rms                         ? 
_refine.diff_density_rms_esd                     ? 
_refine.entry_id                                 6OYD 
_refine.pdbx_refine_id                           'X-RAY DIFFRACTION' 
_refine.ls_abs_structure_details                 ? 
_refine.ls_abs_structure_Flack                   ? 
_refine.ls_abs_structure_Flack_esd               ? 
_refine.ls_abs_structure_Rogers                  ? 
_refine.ls_abs_structure_Rogers_esd              ? 
_refine.ls_d_res_high                            1.46 
_refine.ls_d_res_low                             54.41 
_refine.ls_extinction_coef                       ? 
_refine.ls_extinction_coef_esd                   ? 
_refine.ls_extinction_expression                 ? 
_refine.ls_extinction_method                     ? 
_refine.ls_goodness_of_fit_all                   ? 
_refine.ls_goodness_of_fit_all_esd               ? 
_refine.ls_goodness_of_fit_obs                   ? 
_refine.ls_goodness_of_fit_obs_esd               ? 
_refine.ls_hydrogen_treatment                    ? 
_refine.ls_matrix_type                           ? 
_refine.ls_number_constraints                    ? 
_refine.ls_number_parameters                     ? 
_refine.ls_number_reflns_all                     ? 
_refine.ls_number_reflns_obs                     16345 
_refine.ls_number_reflns_R_free                  860 
_refine.ls_number_reflns_R_work                  ? 
_refine.ls_number_restraints                     ? 
_refine.ls_percent_reflns_obs                    99.64 
_refine.ls_percent_reflns_R_free                 5.0 
_refine.ls_R_factor_all                          ? 
_refine.ls_R_factor_obs                          0.22009 
_refine.ls_R_factor_R_free                       0.25721 
_refine.ls_R_factor_R_free_error                 ? 
_refine.ls_R_factor_R_free_error_details         ? 
_refine.ls_R_factor_R_work                       0.21819 
_refine.ls_R_Fsqd_factor_obs                     ? 
_refine.ls_R_I_factor_obs                        ? 
_refine.ls_redundancy_reflns_all                 ? 
_refine.ls_redundancy_reflns_obs                 ? 
_refine.ls_restrained_S_all                      ? 
_refine.ls_restrained_S_obs                      ? 
_refine.ls_shift_over_esd_max                    ? 
_refine.ls_shift_over_esd_mean                   ? 
_refine.ls_structure_factor_coef                 ? 
_refine.ls_weighting_details                     ? 
_refine.ls_weighting_scheme                      ? 
_refine.ls_wR_factor_all                         ? 
_refine.ls_wR_factor_obs                         ? 
_refine.ls_wR_factor_R_free                      ? 
_refine.ls_wR_factor_R_work                      ? 
_refine.occupancy_max                            ? 
_refine.occupancy_min                            ? 
_refine.solvent_model_details                    ? 
_refine.solvent_model_param_bsol                 ? 
_refine.solvent_model_param_ksol                 ? 
_refine.ls_R_factor_gt                           ? 
_refine.ls_goodness_of_fit_gt                    ? 
_refine.ls_goodness_of_fit_ref                   ? 
_refine.ls_shift_over_su_max                     ? 
_refine.ls_shift_over_su_max_lt                  ? 
_refine.ls_shift_over_su_mean                    ? 
_refine.ls_shift_over_su_mean_lt                 ? 
_refine.pdbx_ls_sigma_I                          ? 
_refine.pdbx_ls_sigma_F                          ? 
_refine.pdbx_ls_sigma_Fsqd                       ? 
_refine.pdbx_data_cutoff_high_absF               ? 
_refine.pdbx_data_cutoff_high_rms_absF           ? 
_refine.pdbx_data_cutoff_low_absF                ? 
_refine.pdbx_isotropic_thermal_model             ? 
_refine.pdbx_ls_cross_valid_method               THROUGHOUT 
_refine.pdbx_method_to_determine_struct          'MOLECULAR REPLACEMENT' 
_refine.pdbx_starting_model                      5TYR 
_refine.pdbx_stereochemistry_target_values       ? 
_refine.pdbx_R_Free_selection_details            RANDOM 
_refine.pdbx_stereochem_target_val_spec_case     ? 
_refine.pdbx_overall_ESU_R                       0.084 
_refine.pdbx_overall_ESU_R_Free                  0.088 
_refine.pdbx_solvent_vdw_probe_radii             1.20 
_refine.pdbx_solvent_ion_probe_radii             0.80 
_refine.pdbx_solvent_shrinkage_radii             0.80 
_refine.pdbx_real_space_R                        ? 
_refine.pdbx_density_correlation                 ? 
_refine.pdbx_pd_number_of_powder_patterns        ? 
_refine.pdbx_pd_number_of_points                 ? 
_refine.pdbx_pd_meas_number_of_points            ? 
_refine.pdbx_pd_proc_ls_prof_R_factor            ? 
_refine.pdbx_pd_proc_ls_prof_wR_factor           ? 
_refine.pdbx_pd_Marquardt_correlation_coeff      ? 
_refine.pdbx_pd_Fsqrd_R_factor                   ? 
_refine.pdbx_pd_ls_matrix_band_width             ? 
_refine.pdbx_overall_phase_error                 ? 
_refine.pdbx_overall_SU_R_free_Cruickshank_DPI   ? 
_refine.pdbx_overall_SU_R_free_Blow_DPI          ? 
_refine.pdbx_overall_SU_R_Blow_DPI               ? 
_refine.pdbx_TLS_residual_ADP_flag               ? 
_refine.pdbx_diffrn_id                           1 
_refine.overall_SU_B                             1.856 
_refine.overall_SU_ML                            0.068 
_refine.overall_SU_R_Cruickshank_DPI             ? 
_refine.overall_SU_R_free                        ? 
_refine.overall_FOM_free_R_set                   ? 
_refine.overall_FOM_work_R_set                   ? 
_refine.pdbx_average_fsc_overall                 ? 
_refine.pdbx_average_fsc_work                    ? 
_refine.pdbx_average_fsc_free                    ? 
# 
_refine_hist.pdbx_refine_id                   'X-RAY DIFFRACTION' 
_refine_hist.cycle_id                         1 
_refine_hist.details                          ? 
_refine_hist.d_res_high                       1.46 
_refine_hist.d_res_low                        54.41 
_refine_hist.number_atoms_solvent             31 
_refine_hist.number_atoms_total               838 
_refine_hist.number_reflns_all                ? 
_refine_hist.number_reflns_obs                ? 
_refine_hist.number_reflns_R_free             ? 
_refine_hist.number_reflns_R_work             ? 
_refine_hist.R_factor_all                     ? 
_refine_hist.R_factor_obs                     ? 
_refine_hist.R_factor_R_free                  ? 
_refine_hist.R_factor_R_work                  ? 
_refine_hist.pdbx_number_residues_total       ? 
_refine_hist.pdbx_B_iso_mean_ligand           ? 
_refine_hist.pdbx_B_iso_mean_solvent          ? 
_refine_hist.pdbx_number_atoms_protein        760 
_refine_hist.pdbx_number_atoms_nucleic_acid   0 
_refine_hist.pdbx_number_atoms_ligand         47 
_refine_hist.pdbx_number_atoms_lipid          ? 
_refine_hist.pdbx_number_atoms_carb           ? 
_refine_hist.pdbx_pseudo_atom_details         ? 
# 
loop_
_refine_ls_restr.pdbx_refine_id 
_refine_ls_restr.criterion 
_refine_ls_restr.dev_ideal 
_refine_ls_restr.dev_ideal_target 
_refine_ls_restr.number 
_refine_ls_restr.rejects 
_refine_ls_restr.type 
_refine_ls_restr.weight 
_refine_ls_restr.pdbx_restraint_function 
'X-RAY DIFFRACTION' ? 0.015  0.014  847  ? r_bond_refined_d             ? ? 
'X-RAY DIFFRACTION' ? 0.003  0.018  838  ? r_bond_other_d               ? ? 
'X-RAY DIFFRACTION' ? 2.003  1.727  1158 ? r_angle_refined_deg          ? ? 
'X-RAY DIFFRACTION' ? 1.620  1.666  1946 ? r_angle_other_deg            ? ? 
'X-RAY DIFFRACTION' ? 8.104  5.000  102  ? r_dihedral_angle_1_deg       ? ? 
'X-RAY DIFFRACTION' ? 33.707 23.030 33   ? r_dihedral_angle_2_deg       ? ? 
'X-RAY DIFFRACTION' ? 13.384 15.000 145  ? r_dihedral_angle_3_deg       ? ? 
'X-RAY DIFFRACTION' ? 24.206 15.000 4    ? r_dihedral_angle_4_deg       ? ? 
'X-RAY DIFFRACTION' ? 0.095  0.200  121  ? r_chiral_restr               ? ? 
'X-RAY DIFFRACTION' ? 0.015  0.020  905  ? r_gen_planes_refined         ? ? 
'X-RAY DIFFRACTION' ? 0.009  0.020  159  ? r_gen_planes_other           ? ? 
'X-RAY DIFFRACTION' ? ?      ?      ?    ? r_nbd_refined                ? ? 
'X-RAY DIFFRACTION' ? ?      ?      ?    ? r_nbd_other                  ? ? 
'X-RAY DIFFRACTION' ? ?      ?      ?    ? r_nbtor_refined              ? ? 
'X-RAY DIFFRACTION' ? ?      ?      ?    ? r_nbtor_other                ? ? 
'X-RAY DIFFRACTION' ? ?      ?      ?    ? r_xyhbond_nbd_refined        ? ? 
'X-RAY DIFFRACTION' ? ?      ?      ?    ? r_xyhbond_nbd_other          ? ? 
'X-RAY DIFFRACTION' ? ?      ?      ?    ? r_metal_ion_refined          ? ? 
'X-RAY DIFFRACTION' ? ?      ?      ?    ? r_metal_ion_other            ? ? 
'X-RAY DIFFRACTION' ? ?      ?      ?    ? r_symmetry_vdw_refined       ? ? 
'X-RAY DIFFRACTION' ? ?      ?      ?    ? r_symmetry_vdw_other         ? ? 
'X-RAY DIFFRACTION' ? ?      ?      ?    ? r_symmetry_hbond_refined     ? ? 
'X-RAY DIFFRACTION' ? ?      ?      ?    ? r_symmetry_hbond_other       ? ? 
'X-RAY DIFFRACTION' ? ?      ?      ?    ? r_symmetry_metal_ion_refined ? ? 
'X-RAY DIFFRACTION' ? ?      ?      ?    ? r_symmetry_metal_ion_other   ? ? 
'X-RAY DIFFRACTION' ? 2.294  2.268  405  ? r_mcbond_it                  ? ? 
'X-RAY DIFFRACTION' ? 2.289  2.266  404  ? r_mcbond_other               ? ? 
'X-RAY DIFFRACTION' ? 3.091  3.400  508  ? r_mcangle_it                 ? ? 
'X-RAY DIFFRACTION' ? 3.091  3.402  509  ? r_mcangle_other              ? ? 
'X-RAY DIFFRACTION' ? 3.136  2.652  441  ? r_scbond_it                  ? ? 
'X-RAY DIFFRACTION' ? 3.132  2.651  442  ? r_scbond_other               ? ? 
'X-RAY DIFFRACTION' ? ?      ?      ?    ? r_scangle_it                 ? ? 
'X-RAY DIFFRACTION' ? 4.723  3.817  651  ? r_scangle_other              ? ? 
'X-RAY DIFFRACTION' ? 5.923  26.456 811  ? r_long_range_B_refined       ? ? 
'X-RAY DIFFRACTION' ? 5.926  26.472 810  ? r_long_range_B_other         ? ? 
'X-RAY DIFFRACTION' ? ?      ?      ?    ? r_rigid_bond_restr           ? ? 
'X-RAY DIFFRACTION' ? ?      ?      ?    ? r_sphericity_free            ? ? 
'X-RAY DIFFRACTION' ? ?      ?      ?    ? r_sphericity_bonded          ? ? 
# 
_refine_ls_shell.pdbx_refine_id                   'X-RAY DIFFRACTION' 
_refine_ls_shell.d_res_high                       1.460 
_refine_ls_shell.d_res_low                        1.498 
_refine_ls_shell.number_reflns_all                ? 
_refine_ls_shell.number_reflns_obs                ? 
_refine_ls_shell.number_reflns_R_free             70 
_refine_ls_shell.number_reflns_R_work             1164 
_refine_ls_shell.percent_reflns_obs               98.64 
_refine_ls_shell.percent_reflns_R_free            ? 
_refine_ls_shell.R_factor_all                     ? 
_refine_ls_shell.R_factor_obs                     ? 
_refine_ls_shell.R_factor_R_free                  0.395 
_refine_ls_shell.R_factor_R_free_error            ? 
_refine_ls_shell.R_factor_R_work                  0.348 
_refine_ls_shell.redundancy_reflns_all            ? 
_refine_ls_shell.redundancy_reflns_obs            ? 
_refine_ls_shell.wR_factor_all                    ? 
_refine_ls_shell.wR_factor_obs                    ? 
_refine_ls_shell.wR_factor_R_free                 ? 
_refine_ls_shell.wR_factor_R_work                 ? 
_refine_ls_shell.pdbx_total_number_of_bins_used   20 
_refine_ls_shell.pdbx_phase_error                 ? 
_refine_ls_shell.pdbx_fsc_work                    ? 
_refine_ls_shell.pdbx_fsc_free                    ? 
# 
_struct.entry_id                     6OYD 
_struct.title                        'X-ray crystal structure of wild type HIV-1 protease in complex with GRL-004' 
_struct.pdbx_model_details           ? 
_struct.pdbx_formula_weight          ? 
_struct.pdbx_formula_weight_method   ? 
_struct.pdbx_model_type_details      ? 
_struct.pdbx_CASP_flag               N 
# 
_struct_keywords.entry_id        6OYD 
_struct_keywords.text            'Inhibitor, VIRAL PROTEIN, VIRAL PROTEIN-INHIBITOR complex' 
_struct_keywords.pdbx_keywords   'VIRAL PROTEIN/INHIBITOR' 
# 
loop_
_struct_asym.id 
_struct_asym.pdbx_blank_PDB_chainid_flag 
_struct_asym.pdbx_modified 
_struct_asym.entity_id 
_struct_asym.details 
A N N 1 ? 
B N N 2 ? 
C N N 3 ? 
# 
_struct_conf.conf_type_id            HELX_P 
_struct_conf.id                      HELX_P1 
_struct_conf.pdbx_PDB_helix_id       AA1 
_struct_conf.beg_label_comp_id       GLY 
_struct_conf.beg_label_asym_id       A 
_struct_conf.beg_label_seq_id        86 
_struct_conf.pdbx_beg_PDB_ins_code   ? 
_struct_conf.end_label_comp_id       THR 
_struct_conf.end_label_asym_id       A 
_struct_conf.end_label_seq_id        91 
_struct_conf.pdbx_end_PDB_ins_code   ? 
_struct_conf.beg_auth_comp_id        GLY 
_struct_conf.beg_auth_asym_id        A 
_struct_conf.beg_auth_seq_id         86 
_struct_conf.end_auth_comp_id        THR 
_struct_conf.end_auth_asym_id        A 
_struct_conf.end_auth_seq_id         91 
_struct_conf.pdbx_PDB_helix_class    1 
_struct_conf.details                 ? 
_struct_conf.pdbx_PDB_helix_length   6 
# 
_struct_conf_type.id          HELX_P 
_struct_conf_type.criteria    ? 
_struct_conf_type.reference   ? 
# 
_struct_sheet.id               AA1 
_struct_sheet.type             ? 
_struct_sheet.number_strands   8 
_struct_sheet.details          ? 
# 
loop_
_struct_sheet_order.sheet_id 
_struct_sheet_order.range_id_1 
_struct_sheet_order.range_id_2 
_struct_sheet_order.offset 
_struct_sheet_order.sense 
AA1 1 2 ? anti-parallel 
AA1 2 3 ? anti-parallel 
AA1 3 4 ? parallel      
AA1 4 5 ? anti-parallel 
AA1 5 6 ? parallel      
AA1 6 7 ? anti-parallel 
AA1 7 8 ? anti-parallel 
# 
loop_
_struct_sheet_range.sheet_id 
_struct_sheet_range.id 
_struct_sheet_range.beg_label_comp_id 
_struct_sheet_range.beg_label_asym_id 
_struct_sheet_range.beg_label_seq_id 
_struct_sheet_range.pdbx_beg_PDB_ins_code 
_struct_sheet_range.end_label_comp_id 
_struct_sheet_range.end_label_asym_id 
_struct_sheet_range.end_label_seq_id 
_struct_sheet_range.pdbx_end_PDB_ins_code 
_struct_sheet_range.beg_auth_comp_id 
_struct_sheet_range.beg_auth_asym_id 
_struct_sheet_range.beg_auth_seq_id 
_struct_sheet_range.end_auth_comp_id 
_struct_sheet_range.end_auth_asym_id 
_struct_sheet_range.end_auth_seq_id 
AA1 1 LYS A 43 ? GLY A 49 ? LYS A 43 GLY A 49 
AA1 2 GLY A 52 ? ILE A 66 ? GLY A 52 ILE A 66 
AA1 3 HIS A 69 ? VAL A 77 ? HIS A 69 VAL A 77 
AA1 4 THR A 31 ? LEU A 33 ? THR A 31 LEU A 33 
AA1 5 ILE A 84 ? ILE A 85 ? ILE A 84 ILE A 85 
AA1 6 GLN A 18 ? LEU A 24 ? GLN A 18 LEU A 24 
AA1 7 LEU A 10 ? ILE A 15 ? LEU A 10 ILE A 15 
AA1 8 GLY A 52 ? ILE A 66 ? GLY A 52 ILE A 66 
# 
loop_
_pdbx_struct_sheet_hbond.sheet_id 
_pdbx_struct_sheet_hbond.range_id_1 
_pdbx_struct_sheet_hbond.range_id_2 
_pdbx_struct_sheet_hbond.range_1_label_atom_id 
_pdbx_struct_sheet_hbond.range_1_label_comp_id 
_pdbx_struct_sheet_hbond.range_1_label_asym_id 
_pdbx_struct_sheet_hbond.range_1_label_seq_id 
_pdbx_struct_sheet_hbond.range_1_PDB_ins_code 
_pdbx_struct_sheet_hbond.range_1_auth_atom_id 
_pdbx_struct_sheet_hbond.range_1_auth_comp_id 
_pdbx_struct_sheet_hbond.range_1_auth_asym_id 
_pdbx_struct_sheet_hbond.range_1_auth_seq_id 
_pdbx_struct_sheet_hbond.range_2_label_atom_id 
_pdbx_struct_sheet_hbond.range_2_label_comp_id 
_pdbx_struct_sheet_hbond.range_2_label_asym_id 
_pdbx_struct_sheet_hbond.range_2_label_seq_id 
_pdbx_struct_sheet_hbond.range_2_PDB_ins_code 
_pdbx_struct_sheet_hbond.range_2_auth_atom_id 
_pdbx_struct_sheet_hbond.range_2_auth_comp_id 
_pdbx_struct_sheet_hbond.range_2_auth_asym_id 
_pdbx_struct_sheet_hbond.range_2_auth_seq_id 
AA1 1 2 N LYS A 45 ? N LYS A 45 O VAL A 56 ? O VAL A 56 
AA1 2 3 N ILE A 66 ? N ILE A 66 O HIS A 69 ? O HIS A 69 
AA1 3 4 O LEU A 76 ? O LEU A 76 N LEU A 33 ? N LEU A 33 
AA1 4 5 N VAL A 32 ? N VAL A 32 O ILE A 84 ? O ILE A 84 
AA1 5 6 O ILE A 85 ? O ILE A 85 N LEU A 23 ? N LEU A 23 
AA1 6 7 O LYS A 20 ? O LYS A 20 N ILE A 13 ? N ILE A 13 
AA1 7 8 N LYS A 14 ? N LYS A 14 O GLU A 65 ? O GLU A 65 
# 
_struct_site.id                   AC1 
_struct_site.pdbx_evidence_code   Software 
_struct_site.pdbx_auth_asym_id    A 
_struct_site.pdbx_auth_comp_id    NKA 
_struct_site.pdbx_auth_seq_id     101 
_struct_site.pdbx_auth_ins_code   ? 
_struct_site.pdbx_num_residues    20 
_struct_site.details              'binding site for residue NKA A 101' 
# 
loop_
_struct_site_gen.id 
_struct_site_gen.site_id 
_struct_site_gen.pdbx_num_res 
_struct_site_gen.label_comp_id 
_struct_site_gen.label_asym_id 
_struct_site_gen.label_seq_id 
_struct_site_gen.pdbx_auth_ins_code 
_struct_site_gen.auth_comp_id 
_struct_site_gen.auth_asym_id 
_struct_site_gen.auth_seq_id 
_struct_site_gen.label_atom_id 
_struct_site_gen.label_alt_id 
_struct_site_gen.symmetry 
_struct_site_gen.details 
1  AC1 20 ASP A 25 ? ASP A 25  . ? 1_555 ? 
2  AC1 20 ASP A 25 ? ASP A 25  . ? 7_555 ? 
3  AC1 20 GLY A 27 ? GLY A 27  . ? 7_555 ? 
4  AC1 20 GLY A 27 ? GLY A 27  . ? 1_555 ? 
5  AC1 20 ALA A 28 ? ALA A 28  . ? 1_555 ? 
6  AC1 20 ASP A 29 ? ASP A 29  . ? 7_555 ? 
7  AC1 20 ASP A 29 ? ASP A 29  . ? 1_555 ? 
8  AC1 20 ASP A 30 ? ASP A 30  . ? 7_555 ? 
9  AC1 20 ASP A 30 ? ASP A 30  . ? 1_555 ? 
10 AC1 20 ILE A 47 ? ILE A 47  . ? 7_555 ? 
11 AC1 20 GLY A 48 ? GLY A 48  . ? 7_555 ? 
12 AC1 20 GLY A 48 ? GLY A 48  . ? 1_555 ? 
13 AC1 20 GLY A 49 ? GLY A 49  . ? 1_555 ? 
14 AC1 20 GLY A 49 ? GLY A 49  . ? 7_555 ? 
15 AC1 20 ILE A 50 ? ILE A 50  . ? 7_555 ? 
16 AC1 20 PRO A 81 ? PRO A 81  . ? 1_555 ? 
17 AC1 20 VAL A 82 ? VAL A 82  . ? 7_555 ? 
18 AC1 20 VAL A 82 ? VAL A 82  . ? 1_555 ? 
19 AC1 20 HOH C .  ? HOH A 201 . ? 7_555 ? 
20 AC1 20 HOH C .  ? HOH A 201 . ? 1_555 ? 
# 
_atom_sites.entry_id                    6OYD 
_atom_sites.fract_transf_matrix[1][1]   -0.01289973 
_atom_sites.fract_transf_matrix[1][2]   -0.00185044 
_atom_sites.fract_transf_matrix[1][3]   0.01296071 
_atom_sites.fract_transf_matrix[2][1]   -0.01704180 
_atom_sites.fract_transf_matrix[2][2]   0.00617364 
_atom_sites.fract_transf_matrix[2][3]   -0.00304755 
_atom_sites.fract_transf_matrix[3][1]   -0.00308988 
_atom_sites.fract_transf_matrix[3][2]   -0.01080929 
_atom_sites.fract_transf_matrix[3][3]   -0.00461862 
_atom_sites.fract_transf_vector[1]      -0.311986 
_atom_sites.fract_transf_vector[2]      -0.429120 
_atom_sites.fract_transf_vector[3]      0.060968 
# 
loop_
_atom_type.symbol 
C 
F 
N 
O 
S 
# 
loop_
_atom_site.group_PDB 
_atom_site.id 
_atom_site.type_symbol 
_atom_site.label_atom_id 
_atom_site.label_alt_id 
_atom_site.label_comp_id 
_atom_site.label_asym_id 
_atom_site.label_entity_id 
_atom_site.label_seq_id 
_atom_site.pdbx_PDB_ins_code 
_atom_site.Cartn_x 
_atom_site.Cartn_y 
_atom_site.Cartn_z 
_atom_site.occupancy 
_atom_site.B_iso_or_equiv 
_atom_site.pdbx_formal_charge 
_atom_site.auth_seq_id 
_atom_site.auth_comp_id 
_atom_site.auth_asym_id 
_atom_site.auth_atom_id 
_atom_site.pdbx_PDB_model_num 
ATOM   1   N N   . PRO A 1 1  ? 15.020  -7.982  -5.245  1.00 38.71 ? 1   PRO A N   1 
ATOM   2   C CA  . PRO A 1 1  ? 14.651  -9.344  -5.693  1.00 35.60 ? 1   PRO A CA  1 
ATOM   3   C C   . PRO A 1 1  ? 13.927  -9.345  -7.051  1.00 33.32 ? 1   PRO A C   1 
ATOM   4   O O   . PRO A 1 1  ? 13.366  -8.344  -7.431  1.00 30.34 ? 1   PRO A O   1 
ATOM   5   C CB  . PRO A 1 1  ? 13.683  -9.854  -4.612  1.00 37.41 ? 1   PRO A CB  1 
ATOM   6   C CG  . PRO A 1 1  ? 12.980  -8.596  -4.180  1.00 39.46 ? 1   PRO A CG  1 
ATOM   7   C CD  . PRO A 1 1  ? 14.111  -7.589  -4.150  1.00 38.72 ? 1   PRO A CD  1 
ATOM   8   N N   . GLN A 1 2  ? 14.056  -10.425 -7.807  1.00 29.16 ? 2   GLN A N   1 
ATOM   9   C CA  . GLN A 1 2  ? 13.107  -10.708 -8.906  1.00 31.37 ? 2   GLN A CA  1 
ATOM   10  C C   . GLN A 1 2  ? 11.997  -11.541 -8.276  1.00 26.19 ? 2   GLN A C   1 
ATOM   11  O O   . GLN A 1 2  ? 12.302  -12.467 -7.510  1.00 28.42 ? 2   GLN A O   1 
ATOM   12  C CB  . GLN A 1 2  ? 13.789  -11.400 -10.085 1.00 34.32 ? 2   GLN A CB  1 
ATOM   13  C CG  . GLN A 1 2  ? 12.818  -11.715 -11.212 1.00 37.63 ? 2   GLN A CG  1 
ATOM   14  C CD  . GLN A 1 2  ? 13.525  -12.145 -12.475 1.00 43.55 ? 2   GLN A CD  1 
ATOM   15  O OE1 . GLN A 1 2  ? 13.620  -11.400 -13.453 1.00 42.07 ? 2   GLN A OE1 1 
ATOM   16  N NE2 . GLN A 1 2  ? 14.039  -13.355 -12.448 1.00 42.41 ? 2   GLN A NE2 1 
ATOM   17  N N   . ILE A 1 3  ? 10.742  -11.270 -8.612  1.00 22.00 ? 3   ILE A N   1 
ATOM   18  C CA  . ILE A 1 3  ? 9.569   -11.988 -8.046  1.00 20.80 ? 3   ILE A CA  1 
ATOM   19  C C   . ILE A 1 3  ? 8.728   -12.547 -9.207  1.00 22.05 ? 3   ILE A C   1 
ATOM   20  O O   . ILE A 1 3  ? 8.239   -11.759 -10.035 1.00 21.02 ? 3   ILE A O   1 
ATOM   21  C CB  . ILE A 1 3  ? 8.757   -11.051 -7.144  1.00 23.81 ? 3   ILE A CB  1 
ATOM   22  C CG1 . ILE A 1 3  ? 9.599   -10.523 -5.977  1.00 26.70 ? 3   ILE A CG1 1 
ATOM   23  C CG2 . ILE A 1 3  ? 7.559   -11.767 -6.612  1.00 22.95 ? 3   ILE A CG2 1 
ATOM   24  C CD1 . ILE A 1 3  ? 8.870   -9.518  -5.105  1.00 26.60 ? 3   ILE A CD1 1 
ATOM   25  N N   . THR A 1 4  ? 8.531   -13.857 -9.283  1.00 20.17 ? 4   THR A N   1 
ATOM   26  C CA  . THR A 1 4  ? 7.683   -14.461 -10.333 1.00 19.94 ? 4   THR A CA  1 
ATOM   27  C C   . THR A 1 4  ? 6.252   -14.429 -9.777  1.00 19.13 ? 4   THR A C   1 
ATOM   28  O O   . THR A 1 4  ? 6.049   -14.089 -8.606  1.00 20.33 ? 4   THR A O   1 
ATOM   29  C CB  . THR A 1 4  ? 8.150   -15.860 -10.750 1.00 24.37 ? 4   THR A CB  1 
ATOM   30  O OG1 . THR A 1 4  ? 8.164   -16.642 -9.565  1.00 23.72 ? 4   THR A OG1 1 
ATOM   31  C CG2 . THR A 1 4  ? 9.531   -15.895 -11.371 1.00 27.38 ? 4   THR A CG2 1 
ATOM   32  N N   . LEU A 1 5  ? 5.263   -14.758 -10.575 1.00 17.32 ? 5   LEU A N   1 
ATOM   33  C CA  . LEU A 1 5  ? 3.876   -14.461 -10.218 1.00 15.60 ? 5   LEU A CA  1 
ATOM   34  C C   . LEU A 1 5  ? 3.029   -15.723 -10.112 1.00 16.78 ? 5   LEU A C   1 
ATOM   35  O O   . LEU A 1 5  ? 1.803   -15.661 -10.151 1.00 16.33 ? 5   LEU A O   1 
ATOM   36  C CB  . LEU A 1 5  ? 3.341   -13.456 -11.250 1.00 15.48 ? 5   LEU A CB  1 
ATOM   37  C CG  . LEU A 1 5  ? 3.985   -12.066 -11.162 1.00 16.08 ? 5   LEU A CG  1 
ATOM   38  C CD1 . LEU A 1 5  ? 3.571   -11.205 -12.325 1.00 17.45 ? 5   LEU A CD1 1 
ATOM   39  C CD2 . LEU A 1 5  ? 3.592   -11.358 -9.882  1.00 15.55 ? 5   LEU A CD2 1 
ATOM   40  N N   . TRP A 1 6  ? 3.683   -16.873 -9.857  1.00 17.56 ? 6   TRP A N   1 
ATOM   41  C CA  . TRP A 1 6  ? 2.948   -18.131 -9.647  1.00 18.65 ? 6   TRP A CA  1 
ATOM   42  C C   . TRP A 1 6  ? 2.175   -18.090 -8.335  1.00 16.83 ? 6   TRP A C   1 
ATOM   43  O O   . TRP A 1 6  ? 1.183   -18.800 -8.182  1.00 20.68 ? 6   TRP A O   1 
ATOM   44  C CB  . TRP A 1 6  ? 3.959   -19.293 -9.729  1.00 18.87 ? 6   TRP A CB  1 
ATOM   45  C CG  . TRP A 1 6  ? 4.710   -19.318 -11.020 1.00 20.11 ? 6   TRP A CG  1 
ATOM   46  C CD1 . TRP A 1 6  ? 5.947   -18.842 -11.301 1.00 23.40 ? 6   TRP A CD1 1 
ATOM   47  C CD2 . TRP A 1 6  ? 4.234   -19.883 -12.237 1.00 19.40 ? 6   TRP A CD2 1 
ATOM   48  N NE1 . TRP A 1 6  ? 6.234   -18.982 -12.635 1.00 23.73 ? 6   TRP A NE1 1 
ATOM   49  C CE2 . TRP A 1 6  ? 5.216   -19.681 -13.219 1.00 21.77 ? 6   TRP A CE2 1 
ATOM   50  C CE3 . TRP A 1 6  ? 3.036   -20.516 -12.551 1.00 22.19 ? 6   TRP A CE3 1 
ATOM   51  C CZ2 . TRP A 1 6  ? 5.066   -20.141 -14.529 1.00 22.99 ? 6   TRP A CZ2 1 
ATOM   52  C CZ3 . TRP A 1 6  ? 2.882   -20.959 -13.841 1.00 23.81 ? 6   TRP A CZ3 1 
ATOM   53  C CH2 . TRP A 1 6  ? 3.865   -20.755 -14.806 1.00 21.52 ? 6   TRP A CH2 1 
ATOM   54  N N   . GLN A 1 7  ? 2.631   -17.293 -7.375  1.00 16.40 ? 7   GLN A N   1 
ATOM   55  C CA  . GLN A 1 7  ? 1.933   -16.983 -6.123  1.00 16.17 ? 7   GLN A CA  1 
ATOM   56  C C   . GLN A 1 7  ? 1.704   -15.465 -5.988  1.00 14.08 ? 7   GLN A C   1 
ATOM   57  O O   . GLN A 1 7  ? 2.382   -14.707 -6.710  1.00 15.39 ? 7   GLN A O   1 
ATOM   58  C CB  . GLN A 1 7  ? 2.769   -17.482 -4.936  1.00 18.97 ? 7   GLN A CB  1 
ATOM   59  C CG  . GLN A 1 7  ? 3.057   -18.972 -5.046  1.00 22.18 ? 7   GLN A CG  1 
ATOM   60  C CD  . GLN A 1 7  ? 1.859   -19.850 -4.785  1.00 28.55 ? 7   GLN A CD  1 
ATOM   61  O OE1 . GLN A 1 7  ? 0.956   -19.474 -4.039  1.00 33.63 ? 7   GLN A OE1 1 
ATOM   62  N NE2 . GLN A 1 7  ? 1.882   -21.085 -5.315  1.00 28.99 ? 7   GLN A NE2 1 
ATOM   63  N N   . ARG A 1 8  ? 0.812   -15.064 -5.115  1.00 15.82 ? 8   ARG A N   1 
ATOM   64  C CA  . ARG A 1 8  ? 0.625   -13.610 -4.810  1.00 15.39 ? 8   ARG A CA  1 
ATOM   65  C C   . ARG A 1 8  ? 1.972   -13.013 -4.408  1.00 14.83 ? 8   ARG A C   1 
ATOM   66  O O   . ARG A 1 8  ? 2.725   -13.587 -3.604  1.00 15.69 ? 8   ARG A O   1 
ATOM   67  C CB  . ARG A 1 8  ? -0.411  -13.387 -3.724  1.00 16.95 ? 8   ARG A CB  1 
ATOM   68  C CG  . ARG A 1 8  ? -1.810  -13.784 -4.159  1.00 19.44 ? 8   ARG A CG  1 
ATOM   69  C CD  . ARG A 1 8  ? -2.772  -13.480 -3.040  1.00 23.75 ? 8   ARG A CD  1 
ATOM   70  N NE  . ARG A 1 8  ? -4.150  -13.837 -3.370  1.00 28.46 ? 8   ARG A NE  1 
ATOM   71  C CZ  . ARG A 1 8  ? -5.226  -13.051 -3.150  1.00 41.92 ? 8   ARG A CZ  1 
ATOM   72  N NH1 . ARG A 1 8  ? -5.109  -11.807 -2.671  1.00 46.48 ? 8   ARG A NH1 1 
ATOM   73  N NH2 . ARG A 1 8  ? -6.431  -13.508 -3.467  1.00 42.95 ? 8   ARG A NH2 1 
ATOM   74  N N   . PRO A 1 9  ? 2.313   -11.809 -4.946  1.00 14.23 ? 9   PRO A N   1 
ATOM   75  C CA  . PRO A 1 9  ? 3.579   -11.144 -4.633  1.00 15.09 ? 9   PRO A CA  1 
ATOM   76  C C   . PRO A 1 9  ? 3.491   -10.391 -3.301  1.00 16.21 ? 9   PRO A C   1 
ATOM   77  O O   . PRO A 1 9  ? 3.379   -9.180  -3.238  1.00 14.61 ? 9   PRO A O   1 
ATOM   78  C CB  . PRO A 1 9  ? 3.795   -10.246 -5.844  1.00 14.99 ? 9   PRO A CB  1 
ATOM   79  C CG  . PRO A 1 9  ? 2.420   -9.891  -6.248  1.00 15.98 ? 9   PRO A CG  1 
ATOM   80  C CD  . PRO A 1 9  ? 1.650   -11.207 -6.135  1.00 15.39 ? 9   PRO A CD  1 
ATOM   81  N N   . LEU A 1 10 ? 3.484   -11.142 -2.202  1.00 15.95 ? 10  LEU A N   1 
ATOM   82  C CA  . LEU A 1 10 ? 3.368   -10.584 -0.816  1.00 16.26 ? 10  LEU A CA  1 
ATOM   83  C C   . LEU A 1 10 ? 4.759   -10.286 -0.304  1.00 16.85 ? 10  LEU A C   1 
ATOM   84  O O   . LEU A 1 10 ? 5.681   -11.129 -0.445  1.00 19.51 ? 10  LEU A O   1 
ATOM   85  C CB  . LEU A 1 10 ? 2.641   -11.556 0.105   1.00 18.01 ? 10  LEU A CB  1 
ATOM   86  C CG  . LEU A 1 10 ? 1.236   -11.918 -0.330  1.00 21.64 ? 10  LEU A CG  1 
ATOM   87  C CD1 . LEU A 1 10 ? 0.772   -13.180 0.349   1.00 25.56 ? 10  LEU A CD1 1 
ATOM   88  C CD2 . LEU A 1 10 ? 0.296   -10.780 -0.061  1.00 26.17 ? 10  LEU A CD2 1 
ATOM   89  N N   . VAL A 1 11 ? 4.868   -9.175  0.406   1.00 15.39 ? 11  VAL A N   1 
ATOM   90  C CA  . VAL A 1 11 ? 6.120   -8.752  1.045   1.00 15.06 ? 11  VAL A CA  1 
ATOM   91  C C   . VAL A 1 11 ? 5.802   -8.303  2.461   1.00 13.81 ? 11  VAL A C   1 
ATOM   92  O O   . VAL A 1 11 ? 4.663   -7.958  2.800   1.00 14.52 ? 11  VAL A O   1 
ATOM   93  C CB  . VAL A 1 11 ? 6.832   -7.640  0.266   1.00 17.84 ? 11  VAL A CB  1 
ATOM   94  C CG1 . VAL A 1 11 ? 7.265   -8.119  -1.106  1.00 23.69 ? 11  VAL A CG1 1 
ATOM   95  C CG2 . VAL A 1 11 ? 5.963   -6.405  0.193   1.00 18.92 ? 11  VAL A CG2 1 
ATOM   96  N N   . THR A 1 12 ? 6.843   -8.314  3.274   1.00 15.55 ? 12  THR A N   1 
ATOM   97  C CA  . THR A 1 12 ? 6.754   -7.752  4.633   1.00 16.08 ? 12  THR A CA  1 
ATOM   98  C C   . THR A 1 12 ? 6.969   -6.247  4.562   1.00 17.31 ? 12  THR A C   1 
ATOM   99  O O   . THR A 1 12 ? 7.816   -5.795  3.786   1.00 19.61 ? 12  THR A O   1 
ATOM   100 C CB  . THR A 1 12 ? 7.710   -8.486  5.553   1.00 18.40 ? 12  THR A CB  1 
ATOM   101 O OG1 . THR A 1 12 ? 9.014   -8.291  5.012   1.00 32.82 ? 12  THR A OG1 1 
ATOM   102 C CG2 . THR A 1 12 ? 7.351   -9.932  5.608   1.00 17.20 ? 12  THR A CG2 1 
ATOM   103 N N   . ILE A 1 13 ? 6.156   -5.517  5.295   1.00 16.65 ? 13  ILE A N   1 
ATOM   104 C CA  . ILE A 1 13 ? 6.292   -4.037  5.389   1.00 16.18 ? 13  ILE A CA  1 
ATOM   105 C C   . ILE A 1 13 ? 6.377   -3.686  6.871   1.00 17.05 ? 13  ILE A C   1 
ATOM   106 O O   . ILE A 1 13 ? 5.933   -4.461  7.749   1.00 16.25 ? 13  ILE A O   1 
ATOM   107 C CB  . ILE A 1 13 ? 5.145   -3.294  4.690   1.00 16.64 ? 13  ILE A CB  1 
ATOM   108 C CG1 . ILE A 1 13 ? 3.805   -3.498  5.391   1.00 17.76 ? 13  ILE A CG1 1 
ATOM   109 C CG2 . ILE A 1 13 ? 5.119   -3.754  3.225   1.00 17.51 ? 13  ILE A CG2 1 
ATOM   110 C CD1 . ILE A 1 13 ? 2.691   -2.596  4.943   1.00 19.44 ? 13  ILE A CD1 1 
ATOM   111 N N   . LYS A 1 14 ? 7.008   -2.560  7.123   1.00 16.30 ? 14  LYS A N   1 
ATOM   112 C CA  . LYS A 1 14 ? 7.000   -1.987  8.487   1.00 15.82 ? 14  LYS A CA  1 
ATOM   113 C C   . LYS A 1 14 ? 6.484   -0.563  8.321   1.00 16.45 ? 14  LYS A C   1 
ATOM   114 O O   . LYS A 1 14 ? 6.995   0.207   7.502   1.00 16.65 ? 14  LYS A O   1 
ATOM   115 C CB  . LYS A 1 14 ? 8.362   -1.984  9.152   1.00 19.07 ? 14  LYS A CB  1 
ATOM   116 C CG  . LYS A 1 14 ? 8.290   -1.445  10.581  1.00 20.90 ? 14  LYS A CG  1 
ATOM   117 C CD  . LYS A 1 14 ? 9.607   -1.590  11.307  1.00 23.51 ? 14  LYS A CD  1 
ATOM   118 C CE  . LYS A 1 14 ? 9.537   -1.111  12.744  1.00 25.67 ? 14  LYS A CE  1 
ATOM   119 N NZ  . LYS A 1 14 ? 10.891  -1.096  13.335  1.00 28.55 ? 14  LYS A NZ  1 
ATOM   120 N N   . ILE A 1 15 ? 5.428   -0.281  9.040   1.00 15.53 ? 15  ILE A N   1 
ATOM   121 C CA  . ILE A 1 15 ? 4.727   1.035   8.981   1.00 15.89 ? 15  ILE A CA  1 
ATOM   122 C C   . ILE A 1 15 ? 4.152   1.341   10.373  1.00 19.04 ? 15  ILE A C   1 
ATOM   123 O O   . ILE A 1 15 ? 3.520   0.458   10.993  1.00 18.20 ? 15  ILE A O   1 
ATOM   124 C CB  . ILE A 1 15 ? 3.654   1.060   7.859   1.00 18.57 ? 15  ILE A CB  1 
ATOM   125 C CG1 . ILE A 1 15 ? 2.991   2.455   7.820   1.00 21.20 ? 15  ILE A CG1 1 
ATOM   126 C CG2 . ILE A 1 15 ? 2.679   -0.094  8.057   1.00 19.01 ? 15  ILE A CG2 1 
ATOM   127 C CD1 . ILE A 1 15 ? 1.955   2.648   6.733   1.00 20.57 ? 15  ILE A CD1 1 
ATOM   128 N N   . GLY A 1 16 ? 4.332   2.589   10.795  1.00 20.77 ? 16  GLY A N   1 
ATOM   129 C CA  . GLY A 1 16 ? 3.786   3.040   12.093  1.00 22.16 ? 16  GLY A CA  1 
ATOM   130 C C   . GLY A 1 16 ? 4.235   2.116   13.218  1.00 19.61 ? 16  GLY A C   1 
ATOM   131 O O   . GLY A 1 16 ? 3.408   1.882   14.108  1.00 21.78 ? 16  GLY A O   1 
ATOM   132 N N   . GLY A 1 17 ? 5.475   1.634   13.154  1.00 17.59 ? 17  GLY A N   1 
ATOM   133 C CA  . GLY A 1 17 ? 6.068   0.729   14.155  1.00 18.34 ? 17  GLY A CA  1 
ATOM   134 C C   . GLY A 1 17 ? 5.575   -0.724  14.104  1.00 16.83 ? 17  GLY A C   1 
ATOM   135 O O   . GLY A 1 17 ? 5.963   -1.504  15.034  1.00 17.61 ? 17  GLY A O   1 
ATOM   136 N N   . GLN A 1 18 ? 4.678   -1.057  13.147  1.00 14.89 ? 18  GLN A N   1 
ATOM   137 C CA  . GLN A 1 18 ? 4.014   -2.382  13.062  1.00 14.68 ? 18  GLN A CA  1 
ATOM   138 C C   . GLN A 1 18 ? 4.511   -3.162  11.860  1.00 13.81 ? 18  GLN A C   1 
ATOM   139 O O   . GLN A 1 18 ? 4.867   -2.543  10.835  1.00 16.79 ? 18  GLN A O   1 
ATOM   140 C CB  . GLN A 1 18 ? 2.525   -2.192  12.956  1.00 16.74 ? 18  GLN A CB  1 
ATOM   141 C CG  . GLN A 1 18 ? 1.984   -1.597  14.264  1.00 19.01 ? 18  GLN A CG  1 
ATOM   142 C CD  . GLN A 1 18 ? 0.577   -1.103  14.083  1.00 22.93 ? 18  GLN A CD  1 
ATOM   143 O OE1 . GLN A 1 18 ? -0.334  -1.898  13.892  1.00 28.24 ? 18  GLN A OE1 1 
ATOM   144 N NE2 . GLN A 1 18 ? 0.432   0.214   14.072  1.00 26.10 ? 18  GLN A NE2 1 
ATOM   145 N N   . LEU A 1 19 ? 4.518   -4.471  12.019  1.00 13.35 ? 19  LEU A N   1 
ATOM   146 C CA  . LEU A 1 19 ? 4.874   -5.368  10.907  1.00 14.49 ? 19  LEU A CA  1 
ATOM   147 C C   . LEU A 1 19 ? 3.598   -5.925  10.301  1.00 13.83 ? 19  LEU A C   1 
ATOM   148 O O   . LEU A 1 19 ? 2.720   -6.473  10.996  1.00 17.48 ? 19  LEU A O   1 
ATOM   149 C CB  . LEU A 1 19 ? 5.745   -6.510  11.413  1.00 14.75 ? 19  LEU A CB  1 
ATOM   150 C CG  . LEU A 1 19 ? 6.896   -6.097  12.302  1.00 17.93 ? 19  LEU A CG  1 
ATOM   151 C CD1 . LEU A 1 19 ? 7.585   -7.359  12.865  1.00 19.81 ? 19  LEU A CD1 1 
ATOM   152 C CD2 . LEU A 1 19 ? 7.850   -5.203  11.581  1.00 21.07 ? 19  LEU A CD2 1 
ATOM   153 N N   . LYS A 1 20 ? 3.541   -5.884  8.972   1.00 14.42 ? 20  LYS A N   1 
ATOM   154 C CA  . LYS A 1 20 ? 2.391   -6.336  8.193   1.00 14.21 ? 20  LYS A CA  1 
ATOM   155 C C   . LYS A 1 20 ? 2.848   -7.019  6.908   1.00 14.40 ? 20  LYS A C   1 
ATOM   156 O O   . LYS A 1 20 ? 3.995   -6.900  6.551   1.00 15.91 ? 20  LYS A O   1 
ATOM   157 C CB  . LYS A 1 20 ? 1.471   -5.165  7.833   1.00 16.56 ? 20  LYS A CB  1 
ATOM   158 C CG  . LYS A 1 20 ? 0.849   -4.488  9.050   1.00 19.80 ? 20  LYS A CG  1 
ATOM   159 C CD  . LYS A 1 20 ? 0.025   -3.317  8.723   1.00 23.96 ? 20  LYS A CD  1 
ATOM   160 C CE  . LYS A 1 20 ? -0.578  -2.669  9.952   1.00 27.75 ? 20  LYS A CE  1 
ATOM   161 N NZ  . LYS A 1 20 ? -1.494  -3.639  10.567  1.00 33.62 ? 20  LYS A NZ  1 
ATOM   162 N N   . GLU A 1 21 ? 1.951   -7.758  6.274   1.00 14.76 ? 21  GLU A N   1 
ATOM   163 C CA  . GLU A 1 21 ? 2.200   -8.271  4.905   1.00 16.20 ? 21  GLU A CA  1 
ATOM   164 C C   . GLU A 1 21 ? 1.351   -7.463  3.930   1.00 15.02 ? 21  GLU A C   1 
ATOM   165 O O   . GLU A 1 21 ? 0.235   -7.094  4.288   1.00 15.96 ? 21  GLU A O   1 
ATOM   166 C CB  . GLU A 1 21 ? 1.846   -9.741  4.732   1.00 20.89 ? 21  GLU A CB  1 
ATOM   167 C CG  . GLU A 1 21 ? 2.747   -10.687 5.461   1.00 29.25 ? 21  GLU A CG  1 
ATOM   168 C CD  . GLU A 1 21 ? 2.671   -12.005 4.712   1.00 34.48 ? 21  GLU A CD  1 
ATOM   169 O OE1 . GLU A 1 21 ? 1.567   -12.307 4.150   1.00 36.51 ? 21  GLU A OE1 1 
ATOM   170 O OE2 . GLU A 1 21 ? 3.709   -12.634 4.578   1.00 36.03 ? 21  GLU A OE2 1 
ATOM   171 N N   . ALA A 1 22 ? 1.876   -7.229  2.750   1.00 13.70 ? 22  ALA A N   1 
ATOM   172 C CA  . ALA A 1 22 ? 1.144   -6.461  1.710   1.00 13.81 ? 22  ALA A CA  1 
ATOM   173 C C   . ALA A 1 22 ? 1.461   -7.006  0.331   1.00 12.97 ? 22  ALA A C   1 
ATOM   174 O O   . ALA A 1 22 ? 2.533   -7.561  0.097   1.00 14.22 ? 22  ALA A O   1 
ATOM   175 C CB  . ALA A 1 22 ? 1.482   -4.996  1.777   1.00 14.73 ? 22  ALA A CB  1 
ATOM   176 N N   . LEU A 1 23 ? 0.515   -6.792  -0.592  1.00 13.51 ? 23  LEU A N   1 
ATOM   177 C CA  . LEU A 1 23 ? 0.576   -7.273  -1.963  1.00 15.18 ? 23  LEU A CA  1 
ATOM   178 C C   . LEU A 1 23 ? 1.223   -6.176  -2.809  1.00 15.27 ? 23  LEU A C   1 
ATOM   179 O O   . LEU A 1 23 ? 0.662   -5.032  -2.793  1.00 18.58 ? 23  LEU A O   1 
ATOM   180 C CB  . LEU A 1 23 ? -0.890  -7.564  -2.303  1.00 17.64 ? 23  LEU A CB  1 
ATOM   181 C CG  . LEU A 1 23 ? -1.221  -8.193  -3.641  1.00 21.20 ? 23  LEU A CG  1 
ATOM   182 C CD1 . LEU A 1 23 ? -0.631  -9.574  -3.770  1.00 21.31 ? 23  LEU A CD1 1 
ATOM   183 C CD2 . LEU A 1 23 ? -2.742  -8.224  -3.761  1.00 22.56 ? 23  LEU A CD2 1 
ATOM   184 N N   . LEU A 1 24 ? 2.271   -6.482  -3.571  1.00 15.34 ? 24  LEU A N   1 
ATOM   185 C CA  . LEU A 1 24 ? 2.841   -5.556  -4.573  1.00 15.68 ? 24  LEU A CA  1 
ATOM   186 C C   . LEU A 1 24 ? 1.872   -5.525  -5.756  1.00 17.91 ? 24  LEU A C   1 
ATOM   187 O O   . LEU A 1 24 ? 1.627   -6.584  -6.398  1.00 18.47 ? 24  LEU A O   1 
ATOM   188 C CB  . LEU A 1 24 ? 4.211   -5.987  -5.026  1.00 16.80 ? 24  LEU A CB  1 
ATOM   189 C CG  . LEU A 1 24 ? 5.267   -6.094  -3.926  1.00 17.55 ? 24  LEU A CG  1 
ATOM   190 C CD1 . LEU A 1 24 ? 6.496   -6.685  -4.534  1.00 18.35 ? 24  LEU A CD1 1 
ATOM   191 C CD2 . LEU A 1 24 ? 5.564   -4.786  -3.213  1.00 20.44 ? 24  LEU A CD2 1 
ATOM   192 N N   . ASP A 1 25 ? 1.190   -4.406  -5.930  1.00 15.48 ? 25  ASP A N   1 
ATOM   193 C CA  . ASP A 1 25 ? 0.009   -4.385  -6.803  1.00 14.92 ? 25  ASP A CA  1 
ATOM   194 C C   . ASP A 1 25 ? 0.174   -3.332  -7.905  1.00 13.45 ? 25  ASP A C   1 
ATOM   195 O O   . ASP A 1 25 ? -0.153  -2.129  -7.702  1.00 14.27 ? 25  ASP A O   1 
ATOM   196 C CB  . ASP A 1 25 ? -1.233  -4.102  -5.963  1.00 15.36 ? 25  ASP A CB  1 
ATOM   197 C CG  . ASP A 1 25 ? -2.519  -4.236  -6.722  1.00 17.31 ? 25  ASP A CG  1 
ATOM   198 O OD1 . ASP A 1 25 ? -2.431  -4.489  -7.992  1.00 17.49 ? 25  ASP A OD1 1 
ATOM   199 O OD2 . ASP A 1 25 ? -3.552  -4.217  -6.085  1.00 18.40 ? 25  ASP A OD2 1 
ATOM   200 N N   . THR A 1 26 ? 0.594   -3.770  -9.088  1.00 13.09 ? 26  THR A N   1 
ATOM   201 C CA  . THR A 1 26 ? 0.796   -2.829  -10.211 1.00 12.25 ? 26  THR A CA  1 
ATOM   202 C C   . THR A 1 26 ? -0.546  -2.262  -10.697 1.00 13.64 ? 26  THR A C   1 
ATOM   203 O O   . THR A 1 26 ? -0.509  -1.247  -11.452 1.00 13.94 ? 26  THR A O   1 
ATOM   204 C CB  . THR A 1 26 ? 1.546   -3.536  -11.346 1.00 13.21 ? 26  THR A CB  1 
ATOM   205 O OG1 . THR A 1 26 ? 0.807   -4.681  -11.810 1.00 12.45 ? 26  THR A OG1 1 
ATOM   206 C CG2 . THR A 1 26 ? 2.926   -3.963  -10.917 1.00 12.86 ? 26  THR A CG2 1 
ATOM   207 N N   . GLY A 1 27 ? -1.678  -2.839  -10.375 1.00 13.41 ? 27  GLY A N   1 
ATOM   208 C CA  . GLY A 1 27 ? -2.991  -2.323  -10.798 1.00 13.94 ? 27  GLY A CA  1 
ATOM   209 C C   . GLY A 1 27 ? -3.569  -1.304  -9.850  1.00 14.68 ? 27  GLY A C   1 
ATOM   210 O O   . GLY A 1 27 ? -4.697  -0.865  -10.082 1.00 17.59 ? 27  GLY A O   1 
ATOM   211 N N   . ALA A 1 28 ? -2.836  -0.970  -8.799  1.00 13.55 ? 28  ALA A N   1 
ATOM   212 C CA  . ALA A 1 28 ? -3.225  -0.003  -7.759  1.00 14.17 ? 28  ALA A CA  1 
ATOM   213 C C   . ALA A 1 28 ? -2.407  1.275   -7.972  1.00 13.28 ? 28  ALA A C   1 
ATOM   214 O O   . ALA A 1 28 ? -1.175  1.283   -7.909  1.00 15.10 ? 28  ALA A O   1 
ATOM   215 C CB  . ALA A 1 28 ? -2.965  -0.609  -6.369  1.00 13.88 ? 28  ALA A CB  1 
ATOM   216 N N   . ASP A 1 29 ? -3.118  2.395   -8.198  1.00 16.04 ? 29  ASP A N   1 
ATOM   217 C CA  . ASP A 1 29 ? -2.431  3.702   -8.294  1.00 15.33 ? 29  ASP A CA  1 
ATOM   218 C C   . ASP A 1 29 ? -1.857  4.081   -6.927  1.00 14.51 ? 29  ASP A C   1 
ATOM   219 O O   . ASP A 1 29 ? -0.716  4.558   -6.855  1.00 15.61 ? 29  ASP A O   1 
ATOM   220 C CB  . ASP A 1 29 ? -3.427  4.780   -8.710  1.00 15.48 ? 29  ASP A CB  1 
ATOM   221 C CG  . ASP A 1 29 ? -4.017  4.644   -10.108 1.00 20.03 ? 29  ASP A CG  1 
ATOM   222 O OD1 . ASP A 1 29 ? -3.494  3.879   -10.941 1.00 20.12 ? 29  ASP A OD1 1 
ATOM   223 O OD2 . ASP A 1 29 ? -5.004  5.374   -10.378 1.00 24.56 ? 29  ASP A OD2 1 
ATOM   224 N N   . ASP A 1 30 ? -2.654  3.818   -5.909  1.00 16.02 ? 30  ASP A N   1 
ATOM   225 C CA  . ASP A 1 30 ? -2.362  4.288   -4.539  1.00 16.74 ? 30  ASP A CA  1 
ATOM   226 C C   . ASP A 1 30 ? -2.234  3.073   -3.610  1.00 16.76 ? 30  ASP A C   1 
ATOM   227 O O   . ASP A 1 30 ? -2.591  1.929   -3.994  1.00 17.11 ? 30  ASP A O   1 
ATOM   228 C CB  . ASP A 1 30 ? -3.501  5.206   -4.108  1.00 19.65 ? 30  ASP A CB  1 
ATOM   229 C CG  . ASP A 1 30 ? -3.661  6.435   -5.012  1.00 23.55 ? 30  ASP A CG  1 
ATOM   230 O OD1 . ASP A 1 30 ? -2.632  7.016   -5.426  1.00 27.16 ? 30  ASP A OD1 1 
ATOM   231 O OD2 . ASP A 1 30 ? -4.796  6.728   -5.317  1.00 33.11 ? 30  ASP A OD2 1 
ATOM   232 N N   . THR A 1 31 ? -1.664  3.334   -2.444  1.00 16.88 ? 31  THR A N   1 
ATOM   233 C CA  . THR A 1 31 ? -1.403  2.321   -1.390  1.00 17.09 ? 31  THR A CA  1 
ATOM   234 C C   . THR A 1 31 ? -2.564  2.317   -0.393  1.00 17.26 ? 31  THR A C   1 
ATOM   235 O O   . THR A 1 31 ? -2.941  3.434   0.068   1.00 17.13 ? 31  THR A O   1 
ATOM   236 C CB  . THR A 1 31 ? -0.050  2.611   -0.745  1.00 17.19 ? 31  THR A CB  1 
ATOM   237 O OG1 . THR A 1 31 ? 0.943   2.354   -1.736  1.00 16.50 ? 31  THR A OG1 1 
ATOM   238 C CG2 . THR A 1 31 ? 0.185   1.743   0.473   1.00 16.74 ? 31  THR A CG2 1 
ATOM   239 N N   . VAL A 1 32 ? -3.171  1.183   -0.137  1.00 16.68 ? 32  VAL A N   1 
ATOM   240 C CA  . VAL A 1 32 ? -4.395  1.037   0.680   1.00 17.46 ? 32  VAL A CA  1 
ATOM   241 C C   . VAL A 1 32 ? -4.119  -0.061  1.697   1.00 17.19 ? 32  VAL A C   1 
ATOM   242 O O   . VAL A 1 32 ? -3.932  -1.194  1.323   1.00 17.21 ? 32  VAL A O   1 
ATOM   243 C CB  . VAL A 1 32 ? -5.660  0.733   -0.143  1.00 19.03 ? 32  VAL A CB  1 
ATOM   244 C CG1 . VAL A 1 32 ? -6.912  0.902   0.719   1.00 24.78 ? 32  VAL A CG1 1 
ATOM   245 C CG2 . VAL A 1 32 ? -5.743  1.601   -1.388  1.00 22.91 ? 32  VAL A CG2 1 
ATOM   246 N N   . LEU A 1 33 ? -4.202  0.293   2.991   1.00 18.38 ? 33  LEU A N   1 
ATOM   247 C CA  . LEU A 1 33 ? -3.995  -0.674  4.059   1.00 20.09 ? 33  LEU A CA  1 
ATOM   248 C C   . LEU A 1 33 ? -5.247  -0.854  4.907   1.00 24.20 ? 33  LEU A C   1 
ATOM   249 O O   . LEU A 1 33 ? -6.030  0.127   5.006   1.00 22.31 ? 33  LEU A O   1 
ATOM   250 C CB  . LEU A 1 33 ? -2.873  -0.128  4.930   1.00 21.23 ? 33  LEU A CB  1 
ATOM   251 C CG  . LEU A 1 33 ? -1.509  0.046   4.260   1.00 22.95 ? 33  LEU A CG  1 
ATOM   252 C CD1 . LEU A 1 33 ? -0.532  0.403   5.361   1.00 24.10 ? 33  LEU A CD1 1 
ATOM   253 C CD2 . LEU A 1 33 ? -1.043  -1.209  3.537   1.00 22.51 ? 33  LEU A CD2 1 
ATOM   254 N N   . GLU A 1 34 ? -5.405  -2.074  5.415   1.00 25.26 ? 34  GLU A N   1 
ATOM   255 C CA  . GLU A 1 34 ? -6.510  -2.503  6.309   1.00 28.63 ? 34  GLU A CA  1 
ATOM   256 C C   . GLU A 1 34 ? -6.488  -1.608  7.544   1.00 29.14 ? 34  GLU A C   1 
ATOM   257 O O   . GLU A 1 34 ? -5.470  -0.943  7.845   1.00 25.95 ? 34  GLU A O   1 
ATOM   258 C CB  . GLU A 1 34 ? -6.391  -3.976  6.700   1.00 29.60 ? 34  GLU A CB  1 
ATOM   259 C CG  . GLU A 1 34 ? -6.520  -4.980  5.557   1.00 35.38 ? 34  GLU A CG  1 
ATOM   260 C CD  . GLU A 1 34 ? -6.836  -6.391  6.071   1.00 41.98 ? 34  GLU A CD  1 
ATOM   261 O OE1 . GLU A 1 34 ? -5.940  -7.231  6.054   1.00 43.11 ? 34  GLU A OE1 1 
ATOM   262 O OE2 . GLU A 1 34 ? -7.991  -6.639  6.522   1.00 39.06 ? 34  GLU A OE2 1 
ATOM   263 N N   . GLU A 1 35 ? -7.622  -1.523  8.237   1.00 33.26 ? 35  GLU A N   1 
ATOM   264 C CA  . GLU A 1 35 ? -7.677  -0.650  9.419   1.00 33.53 ? 35  GLU A CA  1 
ATOM   265 C C   . GLU A 1 35 ? -6.474  -0.965  10.295  1.00 30.98 ? 35  GLU A C   1 
ATOM   266 O O   . GLU A 1 35 ? -6.192  -2.174  10.591  1.00 32.89 ? 35  GLU A O   1 
ATOM   267 C CB  . GLU A 1 35 ? -8.913  -0.828  10.297  1.00 38.32 ? 35  GLU A CB  1 
ATOM   268 C CG  . GLU A 1 35 ? -8.982  0.232   11.403  1.00 37.97 ? 35  GLU A CG  1 
ATOM   269 C CD  . GLU A 1 35 ? -9.103  1.641   10.851  1.00 41.62 ? 35  GLU A CD  1 
ATOM   270 O OE1 . GLU A 1 35 ? -8.290  2.523   11.235  1.00 42.35 ? 35  GLU A OE1 1 
ATOM   271 O OE2 . GLU A 1 35 ? -9.973  1.838   9.968   1.00 39.76 ? 35  GLU A OE2 1 
ATOM   272 N N   . MET A 1 36 ? -5.811  0.102   10.668  1.00 27.90 ? 36  MET A N   1 
ATOM   273 C CA  . MET A 1 36 ? -4.621  0.036   11.518  1.00 31.74 ? 36  MET A CA  1 
ATOM   274 C C   . MET A 1 36 ? -4.506  1.397   12.187  1.00 31.05 ? 36  MET A C   1 
ATOM   275 O O   . MET A 1 36 ? -5.129  2.343   11.708  1.00 31.16 ? 36  MET A O   1 
ATOM   276 C CB  . MET A 1 36 ? -3.353  -0.209  10.697  1.00 30.08 ? 36  MET A CB  1 
ATOM   277 C CG  . MET A 1 36 ? -2.934  1.020   9.913   1.00 30.99 ? 36  MET A CG  1 
ATOM   278 S SD  . MET A 1 36 ? -1.300  0.783   9.176   1.00 31.97 ? 36  MET A SD  1 
ATOM   279 C CE  . MET A 1 36 ? -0.282  0.897   10.658  1.00 33.20 ? 36  MET A CE  1 
ATOM   280 N N   . ASN A 1 37 ? -3.746  1.422   13.273  1.00 35.39 ? 37  ASN A N   1 
ATOM   281 C CA  . ASN A 1 37 ? -3.482  2.596   14.127  1.00 37.40 ? 37  ASN A CA  1 
ATOM   282 C C   . ASN A 1 37 ? -2.338  3.409   13.512  1.00 35.74 ? 37  ASN A C   1 
ATOM   283 O O   . ASN A 1 37 ? -1.160  2.923   13.618  1.00 33.66 ? 37  ASN A O   1 
ATOM   284 C CB  . ASN A 1 37 ? -3.093  2.098   15.524  1.00 41.76 ? 37  ASN A CB  1 
ATOM   285 C CG  . ASN A 1 37 ? -2.731  3.219   16.479  1.00 48.25 ? 37  ASN A CG  1 
ATOM   286 O OD1 . ASN A 1 37 ? -3.095  4.379   16.236  1.00 53.76 ? 37  ASN A OD1 1 
ATOM   287 N ND2 . ASN A 1 37 ? -2.036  2.880   17.565  1.00 41.86 ? 37  ASN A ND2 1 
ATOM   288 N N   . LEU A 1 38 ? -2.621  4.594   12.950  1.00 32.35 ? 38  LEU A N   1 
ATOM   289 C CA  . LEU A 1 38 ? -1.561  5.501   12.415  1.00 32.80 ? 38  LEU A CA  1 
ATOM   290 C C   . LEU A 1 38 ? -1.636  6.827   13.161  1.00 36.85 ? 38  LEU A C   1 
ATOM   291 O O   . LEU A 1 38 ? -2.722  7.283   13.510  1.00 42.06 ? 38  LEU A O   1 
ATOM   292 C CB  . LEU A 1 38 ? -1.719  5.741   10.909  1.00 36.87 ? 38  LEU A CB  1 
ATOM   293 C CG  . LEU A 1 38 ? -1.100  4.724   9.943   1.00 35.81 ? 38  LEU A CG  1 
ATOM   294 C CD1 . LEU A 1 38 ? -1.083  5.289   8.526   1.00 32.59 ? 38  LEU A CD1 1 
ATOM   295 C CD2 . LEU A 1 38 ? 0.300   4.287   10.361  1.00 34.41 ? 38  LEU A CD2 1 
ATOM   296 N N   . PRO A 1 39 ? -0.486  7.464   13.453  1.00 35.71 ? 39  PRO A N   1 
ATOM   297 C CA  . PRO A 1 39 ? -0.481  8.730   14.176  1.00 40.49 ? 39  PRO A CA  1 
ATOM   298 C C   . PRO A 1 39 ? -0.785  9.874   13.203  1.00 43.92 ? 39  PRO A C   1 
ATOM   299 O O   . PRO A 1 39 ? -0.448  9.719   12.035  1.00 40.92 ? 39  PRO A O   1 
ATOM   300 C CB  . PRO A 1 39 ? 0.963   8.809   14.683  1.00 35.74 ? 39  PRO A CB  1 
ATOM   301 C CG  . PRO A 1 39 ? 1.754   8.190   13.560  1.00 38.12 ? 39  PRO A CG  1 
ATOM   302 C CD  . PRO A 1 39 ? 0.875   7.054   13.062  1.00 33.25 ? 39  PRO A CD  1 
ATOM   303 N N   . GLY A 1 40 ? -1.387  10.959  13.707  1.00 45.91 ? 40  GLY A N   1 
ATOM   304 C CA  . GLY A 1 40 ? -1.395  12.280  13.052  1.00 39.48 ? 40  GLY A CA  1 
ATOM   305 C C   . GLY A 1 40 ? -2.683  12.585  12.303  1.00 41.49 ? 40  GLY A C   1 
ATOM   306 O O   . GLY A 1 40 ? -3.663  11.838  12.475  1.00 35.37 ? 40  GLY A O   1 
ATOM   307 N N   . ARG A 1 41 ? -2.645  13.655  11.498  1.00 37.10 ? 41  ARG A N   1 
ATOM   308 C CA  . ARG A 1 41 ? -3.797  14.243  10.772  1.00 46.18 ? 41  ARG A CA  1 
ATOM   309 C C   . ARG A 1 41 ? -4.118  13.347  9.565   1.00 41.83 ? 41  ARG A C   1 
ATOM   310 O O   . ARG A 1 41 ? -3.209  12.686  9.069   1.00 39.84 ? 41  ARG A O   1 
ATOM   311 C CB  . ARG A 1 41 ? -3.455  15.676  10.341  1.00 51.97 ? 41  ARG A CB  1 
ATOM   312 C CG  . ARG A 1 41 ? -4.671  16.571  10.134  1.00 65.17 ? 41  ARG A CG  1 
ATOM   313 C CD  . ARG A 1 41 ? -4.423  18.025  10.502  1.00 71.80 ? 41  ARG A CD  1 
ATOM   314 N NE  . ARG A 1 41 ? -3.989  18.162  11.888  1.00 79.58 ? 41  ARG A NE  1 
ATOM   315 C CZ  . ARG A 1 41 ? -4.769  18.012  12.957  1.00 81.79 ? 41  ARG A CZ  1 
ATOM   316 N NH1 . ARG A 1 41 ? -6.054  17.721  12.818  1.00 81.90 ? 41  ARG A NH1 1 
ATOM   317 N NH2 . ARG A 1 41 ? -4.258  18.152  14.169  1.00 83.21 ? 41  ARG A NH2 1 
ATOM   318 N N   . TRP A 1 42 ? -5.369  13.327  9.128   1.00 40.09 ? 42  TRP A N   1 
ATOM   319 C CA  . TRP A 1 42 ? -5.805  12.601  7.906   1.00 35.61 ? 42  TRP A CA  1 
ATOM   320 C C   . TRP A 1 42 ? -6.988  13.340  7.298   1.00 40.54 ? 42  TRP A C   1 
ATOM   321 O O   . TRP A 1 42 ? -7.493  14.264  7.959   1.00 41.40 ? 42  TRP A O   1 
ATOM   322 C CB  . TRP A 1 42 ? -6.168  11.176  8.262   1.00 40.76 ? 42  TRP A CB  1 
ATOM   323 C CG  . TRP A 1 42 ? -7.196  11.094  9.339   1.00 43.75 ? 42  TRP A CG  1 
ATOM   324 C CD1 . TRP A 1 42 ? -6.973  10.978  10.679  1.00 48.66 ? 42  TRP A CD1 1 
ATOM   325 C CD2 . TRP A 1 42 ? -8.619  11.128  9.167   1.00 47.30 ? 42  TRP A CD2 1 
ATOM   326 N NE1 . TRP A 1 42 ? -8.161  10.896  11.349  1.00 47.47 ? 42  TRP A NE1 1 
ATOM   327 C CE2 . TRP A 1 42 ? -9.190  10.991  10.451  1.00 45.71 ? 42  TRP A CE2 1 
ATOM   328 C CE3 . TRP A 1 42 ? -9.464  11.221  8.054   1.00 44.91 ? 42  TRP A CE3 1 
ATOM   329 C CZ2 . TRP A 1 42 ? -10.572 10.966  10.654  1.00 47.14 ? 42  TRP A CZ2 1 
ATOM   330 C CZ3 . TRP A 1 42 ? -10.828 11.201  8.255   1.00 46.56 ? 42  TRP A CZ3 1 
ATOM   331 C CH2 . TRP A 1 42 ? -11.370 11.085  9.537   1.00 47.00 ? 42  TRP A CH2 1 
ATOM   332 N N   . LYS A 1 43 ? -7.394  12.936  6.094   1.00 37.09 ? 43  LYS A N   1 
ATOM   333 C CA  . LYS A 1 43 ? -8.433  13.596  5.248   1.00 36.80 ? 43  LYS A CA  1 
ATOM   334 C C   . LYS A 1 43 ? -9.318  12.509  4.660   1.00 42.43 ? 43  LYS A C   1 
ATOM   335 O O   . LYS A 1 43 ? -8.790  11.501  4.180   1.00 39.16 ? 43  LYS A O   1 
ATOM   336 C CB  . LYS A 1 43 ? -7.831  14.363  4.073   1.00 36.58 ? 43  LYS A CB  1 
ATOM   337 C CG  . LYS A 1 43 ? -6.997  15.588  4.408   1.00 47.26 ? 43  LYS A CG  1 
ATOM   338 C CD  . LYS A 1 43 ? -6.283  16.138  3.192   1.00 46.43 ? 43  LYS A CD  1 
ATOM   339 C CE  . LYS A 1 43 ? -5.423  17.354  3.471   1.00 49.07 ? 43  LYS A CE  1 
ATOM   340 N NZ  . LYS A 1 43 ? -6.213  18.433  4.111   1.00 53.55 ? 43  LYS A NZ  1 
ATOM   341 N N   . PRO A 1 44 ? -10.663 12.648  4.729   1.00 41.65 ? 44  PRO A N   1 
ATOM   342 C CA  . PRO A 1 44 ? -11.582 11.633  4.215   1.00 40.48 ? 44  PRO A CA  1 
ATOM   343 C C   . PRO A 1 44 ? -11.437 11.531  2.694   1.00 38.39 ? 44  PRO A C   1 
ATOM   344 O O   . PRO A 1 44 ? -11.092 12.493  2.061   1.00 38.93 ? 44  PRO A O   1 
ATOM   345 C CB  . PRO A 1 44 ? -12.986 12.115  4.610   1.00 41.05 ? 44  PRO A CB  1 
ATOM   346 C CG  . PRO A 1 44 ? -12.758 13.195  5.628   1.00 38.95 ? 44  PRO A CG  1 
ATOM   347 C CD  . PRO A 1 44 ? -11.389 13.778  5.340   1.00 39.93 ? 44  PRO A CD  1 
ATOM   348 N N   . LYS A 1 45 ? -11.557 10.319  2.162   1.00 35.04 ? 45  LYS A N   1 
ATOM   349 C CA  . LYS A 1 45 ? -11.397 10.063  0.711   1.00 35.24 ? 45  LYS A CA  1 
ATOM   350 C C   . LYS A 1 45 ? -12.279 8.865   0.376   1.00 31.90 ? 45  LYS A C   1 
ATOM   351 O O   . LYS A 1 45 ? -12.449 8.013   1.235   1.00 30.91 ? 45  LYS A O   1 
ATOM   352 C CB  . LYS A 1 45 ? -9.926  9.797   0.387   1.00 38.39 ? 45  LYS A CB  1 
ATOM   353 C CG  . LYS A 1 45 ? -9.463  10.237  -0.987  1.00 40.68 ? 45  LYS A CG  1 
ATOM   354 C CD  . LYS A 1 45 ? -8.218  9.500   -1.463  1.00 44.37 ? 45  LYS A CD  1 
ATOM   355 C CE  . LYS A 1 45 ? -7.579  10.128  -2.682  1.00 47.62 ? 45  LYS A CE  1 
ATOM   356 N NZ  . LYS A 1 45 ? -6.759  9.141   -3.429  1.00 52.75 ? 45  LYS A NZ  1 
ATOM   357 N N   . MET A 1 46 ? -12.833 8.842   -0.832  1.00 38.70 ? 46  MET A N   1 
ATOM   358 C CA  . MET A 1 46 ? -13.570 7.661   -1.333  1.00 35.93 ? 46  MET A CA  1 
ATOM   359 C C   . MET A 1 46 ? -12.740 7.165   -2.496  1.00 32.08 ? 46  MET A C   1 
ATOM   360 O O   . MET A 1 46 ? -12.328 7.987   -3.282  1.00 38.37 ? 46  MET A O   1 
ATOM   361 C CB  . MET A 1 46 ? -14.942 7.969   -1.932  1.00 41.01 ? 46  MET A CB  1 
ATOM   362 C CG  . MET A 1 46 ? -15.694 9.078   -1.309  1.00 47.41 ? 46  MET A CG  1 
ATOM   363 S SD  . MET A 1 46 ? -17.290 8.395   -0.959  1.00 54.77 ? 46  MET A SD  1 
ATOM   364 C CE  . MET A 1 46 ? -16.799 7.212   0.292   1.00 52.85 ? 46  MET A CE  1 
ATOM   365 N N   . ILE A 1 47 ? -12.530 5.865   -2.579  1.00 28.94 ? 47  ILE A N   1 
ATOM   366 C CA  . ILE A 1 47 ? -11.760 5.244   -3.692  1.00 27.29 ? 47  ILE A CA  1 
ATOM   367 C C   . ILE A 1 47 ? -12.563 4.082   -4.259  1.00 26.15 ? 47  ILE A C   1 
ATOM   368 O O   . ILE A 1 47 ? -13.360 3.454   -3.520  1.00 28.28 ? 47  ILE A O   1 
ATOM   369 C CB  . ILE A 1 47 ? -10.361 4.781   -3.263  1.00 28.42 ? 47  ILE A CB  1 
ATOM   370 C CG1 . ILE A 1 47 ? -10.444 3.705   -2.183  1.00 27.12 ? 47  ILE A CG1 1 
ATOM   371 C CG2 . ILE A 1 47 ? -9.504  5.965   -2.856  1.00 30.43 ? 47  ILE A CG2 1 
ATOM   372 C CD1 . ILE A 1 47 ? -9.111  3.117   -1.816  1.00 26.66 ? 47  ILE A CD1 1 
ATOM   373 N N   . GLY A 1 48 ? -12.417 3.843   -5.560  1.00 23.26 ? 48  GLY A N   1 
ATOM   374 C CA  . GLY A 1 48 ? -13.246 2.832   -6.225  1.00 21.95 ? 48  GLY A CA  1 
ATOM   375 C C   . GLY A 1 48 ? -12.444 1.637   -6.697  1.00 20.41 ? 48  GLY A C   1 
ATOM   376 O O   . GLY A 1 48 ? -11.311 1.810   -7.114  1.00 22.47 ? 48  GLY A O   1 
ATOM   377 N N   . GLY A 1 49 ? -13.086 0.487   -6.698  1.00 20.57 ? 49  GLY A N   1 
ATOM   378 C CA  . GLY A 1 49 ? -12.450 -0.737  -7.180  1.00 21.16 ? 49  GLY A CA  1 
ATOM   379 C C   . GLY A 1 49 ? -13.439 -1.624  -7.876  1.00 22.18 ? 49  GLY A C   1 
ATOM   380 O O   . GLY A 1 49 ? -14.480 -1.162  -8.246  1.00 21.96 ? 49  GLY A O   1 
ATOM   381 N N   . ILE A 1 50 ? -13.143 -2.899  -7.905  1.00 21.27 ? 50  ILE A N   1 
ATOM   382 C CA  . ILE A 1 50 ? -13.995 -3.821  -8.685  1.00 24.31 ? 50  ILE A CA  1 
ATOM   383 C C   . ILE A 1 50 ? -15.485 -3.814  -8.307  1.00 26.51 ? 50  ILE A C   1 
ATOM   384 O O   . ILE A 1 50 ? -16.296 -3.743  -9.264  1.00 26.87 ? 50  ILE A O   1 
ATOM   385 C CB  . ILE A 1 50 ? -13.330 -5.198  -8.824  1.00 25.90 ? 50  ILE A CB  1 
ATOM   386 C CG1 . ILE A 1 50 ? -13.092 -5.536  -10.290 1.00 26.60 ? 50  ILE A CG1 1 
ATOM   387 C CG2 . ILE A 1 50 ? -14.094 -6.291  -8.132  1.00 27.71 ? 50  ILE A CG2 1 
ATOM   388 C CD1 . ILE A 1 50 ? -12.380 -6.819  -10.476 1.00 25.58 ? 50  ILE A CD1 1 
ATOM   389 N N   . GLY A 1 51 ? -15.840 -3.805  -7.024  1.00 25.62 ? 51  GLY A N   1 
ATOM   390 C CA  . GLY A 1 51 ? -17.242 -3.972  -6.589  1.00 23.47 ? 51  GLY A CA  1 
ATOM   391 C C   . GLY A 1 51 ? -17.939 -2.734  -6.039  1.00 25.71 ? 51  GLY A C   1 
ATOM   392 O O   . GLY A 1 51 ? -19.026 -2.842  -5.527  1.00 29.56 ? 51  GLY A O   1 
ATOM   393 N N   . GLY A 1 52 ? -17.320 -1.598  -6.159  1.00 21.15 ? 52  GLY A N   1 
ATOM   394 C CA  . GLY A 1 52 ? -17.834 -0.289  -5.731  1.00 24.89 ? 52  GLY A CA  1 
ATOM   395 C C   . GLY A 1 52 ? -16.768 0.506   -5.010  1.00 24.65 ? 52  GLY A C   1 
ATOM   396 O O   . GLY A 1 52 ? -15.568 0.380   -5.310  1.00 29.12 ? 52  GLY A O   1 
ATOM   397 N N   A PHE A 1 53 ? -17.184 1.327   -4.048  0.50 23.93 ? 53  PHE A N   1 
ATOM   398 N N   B PHE A 1 53 ? -17.192 1.329   -4.063  0.50 25.60 ? 53  PHE A N   1 
ATOM   399 C CA  A PHE A 1 53 ? -16.336 2.378   -3.435  0.50 24.03 ? 53  PHE A CA  1 
ATOM   400 C CA  B PHE A 1 53 ? -16.309 2.315   -3.409  0.50 26.68 ? 53  PHE A CA  1 
ATOM   401 C C   A PHE A 1 53 ? -16.216 2.171   -1.917  0.50 26.57 ? 53  PHE A C   1 
ATOM   402 C C   B PHE A 1 53 ? -16.105 1.948   -1.936  0.50 27.71 ? 53  PHE A C   1 
ATOM   403 O O   A PHE A 1 53 ? -17.174 1.741   -1.269  0.50 24.70 ? 53  PHE A O   1 
ATOM   404 O O   B PHE A 1 53 ? -16.869 1.155   -1.346  0.50 26.26 ? 53  PHE A O   1 
ATOM   405 C CB  A PHE A 1 53 ? -16.892 3.763   -3.766  0.50 25.29 ? 53  PHE A CB  1 
ATOM   406 C CB  B PHE A 1 53 ? -16.879 3.722   -3.556  0.50 29.52 ? 53  PHE A CB  1 
ATOM   407 C CG  A PHE A 1 53 ? -16.654 4.204   -5.190  0.50 24.62 ? 53  PHE A CG  1 
ATOM   408 C CG  B PHE A 1 53 ? -18.145 3.962   -2.779  0.50 32.41 ? 53  PHE A CG  1 
ATOM   409 C CD1 A PHE A 1 53 ? -17.470 3.755   -6.218  0.50 24.39 ? 53  PHE A CD1 1 
ATOM   410 C CD1 B PHE A 1 53 ? -18.092 4.288   -1.434  0.50 33.74 ? 53  PHE A CD1 1 
ATOM   411 C CD2 A PHE A 1 53 ? -15.607 5.063   -5.511  0.50 25.13 ? 53  PHE A CD2 1 
ATOM   412 C CD2 B PHE A 1 53 ? -19.386 3.869   -3.387  0.50 30.56 ? 53  PHE A CD2 1 
ATOM   413 C CE1 A PHE A 1 53 ? -17.249 4.158   -7.525  0.50 23.13 ? 53  PHE A CE1 1 
ATOM   414 C CE1 B PHE A 1 53 ? -19.256 4.506   -0.712  0.50 34.80 ? 53  PHE A CE1 1 
ATOM   415 C CE2 A PHE A 1 53 ? -15.370 5.440   -6.830  0.50 24.87 ? 53  PHE A CE2 1 
ATOM   416 C CE2 B PHE A 1 53 ? -20.547 4.097   -2.665  0.50 33.16 ? 53  PHE A CE2 1 
ATOM   417 C CZ  A PHE A 1 53 ? -16.197 4.989   -7.830  0.50 24.22 ? 53  PHE A CZ  1 
ATOM   418 C CZ  B PHE A 1 53 ? -20.479 4.411   -1.328  0.50 33.31 ? 53  PHE A CZ  1 
ATOM   419 N N   . ILE A 1 54 ? -15.059 2.530   -1.373  1.00 27.07 ? 54  ILE A N   1 
ATOM   420 C CA  . ILE A 1 54 ? -14.841 2.543   0.097   1.00 27.94 ? 54  ILE A CA  1 
ATOM   421 C C   . ILE A 1 54 ? -14.395 3.932   0.517   1.00 25.88 ? 54  ILE A C   1 
ATOM   422 O O   . ILE A 1 54 ? -13.714 4.626   -0.252  1.00 25.32 ? 54  ILE A O   1 
ATOM   423 C CB  . ILE A 1 54 ? -13.860 1.444   0.544   1.00 25.22 ? 54  ILE A CB  1 
ATOM   424 C CG1 . ILE A 1 54 ? -12.475 1.568   -0.099  1.00 27.64 ? 54  ILE A CG1 1 
ATOM   425 C CG2 . ILE A 1 54 ? -14.510 0.098   0.317   1.00 26.35 ? 54  ILE A CG2 1 
ATOM   426 C CD1 . ILE A 1 54 ? -11.391 0.857   0.677   1.00 25.00 ? 54  ILE A CD1 1 
ATOM   427 N N   . LYS A 1 55 ? -14.718 4.263   1.767   1.00 28.33 ? 55  LYS A N   1 
ATOM   428 C CA  . LYS A 1 55 ? -14.273 5.486   2.464   1.00 29.38 ? 55  LYS A CA  1 
ATOM   429 C C   . LYS A 1 55 ? -12.949 5.128   3.149   1.00 23.11 ? 55  LYS A C   1 
ATOM   430 O O   . LYS A 1 55 ? -12.934 4.087   3.812   1.00 26.59 ? 55  LYS A O   1 
ATOM   431 C CB  . LYS A 1 55 ? -15.293 5.911   3.535   1.00 33.74 ? 55  LYS A CB  1 
ATOM   432 C CG  . LYS A 1 55 ? -16.730 6.213   3.102   1.00 41.62 ? 55  LYS A CG  1 
ATOM   433 C CD  . LYS A 1 55 ? -17.569 5.027   2.566   1.00 46.03 ? 55  LYS A CD  1 
ATOM   434 C CE  . LYS A 1 55 ? -17.740 3.848   3.519   1.00 47.15 ? 55  LYS A CE  1 
ATOM   435 N NZ  . LYS A 1 55 ? -16.943 2.637   3.154   1.00 40.31 ? 55  LYS A NZ  1 
ATOM   436 N N   . VAL A 1 56 ? -11.919 5.901   2.894   1.00 24.98 ? 56  VAL A N   1 
ATOM   437 C CA  . VAL A 1 56 ? -10.573 5.714   3.511   1.00 27.43 ? 56  VAL A CA  1 
ATOM   438 C C   . VAL A 1 56 ? -10.122 6.999   4.209   1.00 28.03 ? 56  VAL A C   1 
ATOM   439 O O   . VAL A 1 56 ? -10.682 8.115   3.933   1.00 28.57 ? 56  VAL A O   1 
ATOM   440 C CB  . VAL A 1 56 ? -9.567  5.261   2.443   1.00 24.97 ? 56  VAL A CB  1 
ATOM   441 C CG1 . VAL A 1 56 ? -9.983  3.929   1.834   1.00 26.06 ? 56  VAL A CG1 1 
ATOM   442 C CG2 . VAL A 1 56 ? -9.354  6.316   1.380   1.00 27.71 ? 56  VAL A CG2 1 
ATOM   443 N N   . ARG A 1 57 ? -9.146  6.878   5.116   1.00 25.89 ? 57  ARG A N   1 
ATOM   444 C CA  . ARG A 1 57 ? -8.447  8.072   5.660   1.00 27.61 ? 57  ARG A CA  1 
ATOM   445 C C   . ARG A 1 57 ? -7.143  8.246   4.890   1.00 24.98 ? 57  ARG A C   1 
ATOM   446 O O   . ARG A 1 57 ? -6.359  7.259   4.821   1.00 26.11 ? 57  ARG A O   1 
ATOM   447 C CB  . ARG A 1 57 ? -8.234  7.905   7.168   1.00 29.65 ? 57  ARG A CB  1 
ATOM   448 C CG  . ARG A 1 57 ? -9.487  7.506   7.941   1.00 30.83 ? 57  ARG A CG  1 
ATOM   449 C CD  . ARG A 1 57 ? -9.326  7.567   9.454   1.00 32.26 ? 57  ARG A CD  1 
ATOM   450 N NE  . ARG A 1 57 ? -8.181  6.819   9.949   1.00 31.99 ? 57  ARG A NE  1 
ATOM   451 C CZ  . ARG A 1 57 ? -8.195  5.532   10.258  1.00 32.70 ? 57  ARG A CZ  1 
ATOM   452 N NH1 . ARG A 1 57 ? -9.294  4.805   10.125  1.00 35.65 ? 57  ARG A NH1 1 
ATOM   453 N NH2 . ARG A 1 57 ? -7.085  4.955   10.689  1.00 37.08 ? 57  ARG A NH2 1 
ATOM   454 N N   . GLN A 1 58 ? -6.889  9.431   4.358   1.00 24.61 ? 58  GLN A N   1 
ATOM   455 C CA  . GLN A 1 58 ? -5.681  9.766   3.598   1.00 24.76 ? 58  GLN A CA  1 
ATOM   456 C C   . GLN A 1 58 ? -4.648  10.346  4.576   1.00 29.15 ? 58  GLN A C   1 
ATOM   457 O O   . GLN A 1 58 ? -4.930  11.380  5.231   1.00 28.47 ? 58  GLN A O   1 
ATOM   458 C CB  . GLN A 1 58 ? -5.941  10.684  2.419   1.00 28.01 ? 58  GLN A CB  1 
ATOM   459 C CG  . GLN A 1 58 ? -4.669  11.092  1.709   1.00 26.96 ? 58  GLN A CG  1 
ATOM   460 C CD  . GLN A 1 58 ? -4.867  11.873  0.440   1.00 29.63 ? 58  GLN A CD  1 
ATOM   461 O OE1 . GLN A 1 58 ? -5.912  11.778  -0.207  1.00 36.24 ? 58  GLN A OE1 1 
ATOM   462 N NE2 . GLN A 1 58 ? -3.835  12.593  0.028   1.00 29.56 ? 58  GLN A NE2 1 
ATOM   463 N N   . TYR A 1 59 ? -3.504  9.673   4.679   1.00 25.35 ? 59  TYR A N   1 
ATOM   464 C CA  . TYR A 1 59 ? -2.308  10.093  5.450   1.00 25.28 ? 59  TYR A CA  1 
ATOM   465 C C   . TYR A 1 59 ? -1.167  10.364  4.493   1.00 28.90 ? 59  TYR A C   1 
ATOM   466 O O   . TYR A 1 59 ? -0.844  9.480   3.670   1.00 24.98 ? 59  TYR A O   1 
ATOM   467 C CB  . TYR A 1 59 ? -1.866  9.029   6.447   1.00 27.30 ? 59  TYR A CB  1 
ATOM   468 C CG  . TYR A 1 59 ? -2.814  8.707   7.569   1.00 26.09 ? 59  TYR A CG  1 
ATOM   469 C CD1 . TYR A 1 59 ? -3.847  7.803   7.420   1.00 26.43 ? 59  TYR A CD1 1 
ATOM   470 C CD2 . TYR A 1 59 ? -2.662  9.304   8.820   1.00 32.74 ? 59  TYR A CD2 1 
ATOM   471 C CE1 . TYR A 1 59 ? -4.715  7.500   8.460   1.00 26.96 ? 59  TYR A CE1 1 
ATOM   472 C CE2 . TYR A 1 59 ? -3.536  9.023   9.864   1.00 32.49 ? 59  TYR A CE2 1 
ATOM   473 C CZ  . TYR A 1 59 ? -4.561  8.114   9.700   1.00 33.63 ? 59  TYR A CZ  1 
ATOM   474 O OH  . TYR A 1 59 ? -5.417  7.775   10.725  1.00 31.04 ? 59  TYR A OH  1 
ATOM   475 N N   . ASP A 1 60 ? -0.580  11.553  4.563   1.00 25.94 ? 60  ASP A N   1 
ATOM   476 C CA  . ASP A 1 60 ? 0.546   11.957  3.695   1.00 27.57 ? 60  ASP A CA  1 
ATOM   477 C C   . ASP A 1 60 ? 1.842   11.859  4.485   1.00 28.39 ? 60  ASP A C   1 
ATOM   478 O O   . ASP A 1 60 ? 1.761   11.796  5.761   1.00 29.88 ? 60  ASP A O   1 
ATOM   479 C CB  . ASP A 1 60 ? 0.329   13.333  3.066   1.00 32.06 ? 60  ASP A CB  1 
ATOM   480 C CG  . ASP A 1 60 ? -0.979  13.430  2.308   1.00 36.62 ? 60  ASP A CG  1 
ATOM   481 O OD1 . ASP A 1 60 ? -1.425  12.417  1.742   1.00 32.32 ? 60  ASP A OD1 1 
ATOM   482 O OD2 . ASP A 1 60 ? -1.557  14.531  2.299   1.00 41.25 ? 60  ASP A OD2 1 
ATOM   483 N N   . GLN A 1 61 ? 2.933   11.707  3.728   1.00 27.68 ? 61  GLN A N   1 
ATOM   484 C CA  . GLN A 1 61 ? 4.343   11.717  4.178   1.00 29.94 ? 61  GLN A CA  1 
ATOM   485 C C   . GLN A 1 61 ? 4.460   10.679  5.299   1.00 29.31 ? 61  GLN A C   1 
ATOM   486 O O   . GLN A 1 61 ? 5.104   10.940  6.357   1.00 28.28 ? 61  GLN A O   1 
ATOM   487 C CB  . GLN A 1 61 ? 4.758   13.166  4.506   1.00 32.09 ? 61  GLN A CB  1 
ATOM   488 C CG  . GLN A 1 61 ? 6.265   13.403  4.639   1.00 38.77 ? 61  GLN A CG  1 
ATOM   489 C CD  . GLN A 1 61 ? 7.023   13.429  3.326   1.00 44.88 ? 61  GLN A CD  1 
ATOM   490 O OE1 . GLN A 1 61 ? 6.457   13.199  2.254   1.00 47.85 ? 61  GLN A OE1 1 
ATOM   491 N NE2 . GLN A 1 61 ? 8.323   13.696  3.388   1.00 36.36 ? 61  GLN A NE2 1 
ATOM   492 N N   . ILE A 1 62 ? 3.957   9.470   5.040   1.00 23.84 ? 62  ILE A N   1 
ATOM   493 C CA  . ILE A 1 62 ? 4.066   8.301   5.964   1.00 23.20 ? 62  ILE A CA  1 
ATOM   494 C C   . ILE A 1 62 ? 5.286   7.478   5.553   1.00 22.15 ? 62  ILE A C   1 
ATOM   495 O O   . ILE A 1 62 ? 5.436   7.125   4.342   1.00 19.04 ? 62  ILE A O   1 
ATOM   496 C CB  . ILE A 1 62 ? 2.788   7.450   5.920   1.00 22.78 ? 62  ILE A CB  1 
ATOM   497 C CG1 . ILE A 1 62 ? 1.562   8.231   6.397   1.00 26.12 ? 62  ILE A CG1 1 
ATOM   498 C CG2 . ILE A 1 62 ? 2.973   6.166   6.705   1.00 24.00 ? 62  ILE A CG2 1 
ATOM   499 C CD1 . ILE A 1 62 ? 1.728   8.785   7.816   1.00 28.86 ? 62  ILE A CD1 1 
ATOM   500 N N   . LEU A 1 63 ? 6.134   7.091   6.509   1.00 19.98 ? 63  LEU A N   1 
ATOM   501 C CA  . LEU A 1 63 ? 7.305   6.255   6.175   1.00 18.49 ? 63  LEU A CA  1 
ATOM   502 C C   . LEU A 1 63 ? 6.872   4.778   6.166   1.00 17.22 ? 63  LEU A C   1 
ATOM   503 O O   . LEU A 1 63 ? 6.155   4.349   7.083   1.00 18.95 ? 63  LEU A O   1 
ATOM   504 C CB  . LEU A 1 63 ? 8.409   6.528   7.198   1.00 20.21 ? 63  LEU A CB  1 
ATOM   505 C CG  . LEU A 1 63 ? 9.558   5.532   7.238   1.00 21.79 ? 63  LEU A CG  1 
ATOM   506 C CD1 . LEU A 1 63 ? 10.459  5.664   6.001   1.00 22.12 ? 63  LEU A CD1 1 
ATOM   507 C CD2 . LEU A 1 63 ? 10.337  5.750   8.516   1.00 22.23 ? 63  LEU A CD2 1 
ATOM   508 N N   . ILE A 1 64 ? 7.269   4.058   5.145   1.00 17.62 ? 64  ILE A N   1 
ATOM   509 C CA  . ILE A 1 64 ? 6.968   2.599   5.045   1.00 17.08 ? 64  ILE A CA  1 
ATOM   510 C C   . ILE A 1 64 ? 8.233   1.901   4.586   1.00 19.35 ? 64  ILE A C   1 
ATOM   511 O O   . ILE A 1 64 ? 8.934   2.421   3.700   1.00 22.78 ? 64  ILE A O   1 
ATOM   512 C CB  . ILE A 1 64 ? 5.768   2.435   4.103   1.00 22.77 ? 64  ILE A CB  1 
ATOM   513 C CG1 . ILE A 1 64 ? 5.454   0.963   3.879   1.00 25.63 ? 64  ILE A CG1 1 
ATOM   514 C CG2 . ILE A 1 64 ? 5.987   3.225   2.824   1.00 28.07 ? 64  ILE A CG2 1 
ATOM   515 C CD1 . ILE A 1 64 ? 4.040   0.765   3.387   1.00 29.77 ? 64  ILE A CD1 1 
ATOM   516 N N   . GLU A 1 65 ? 8.590   0.782   5.183   1.00 18.49 ? 65  GLU A N   1 
ATOM   517 C CA  . GLU A 1 65 ? 9.769   0.028   4.734   1.00 22.37 ? 65  GLU A CA  1 
ATOM   518 C C   . GLU A 1 65 ? 9.209   -1.240  4.076   1.00 24.68 ? 65  GLU A C   1 
ATOM   519 O O   . GLU A 1 65 ? 8.485   -1.973  4.780   1.00 24.24 ? 65  GLU A O   1 
ATOM   520 C CB  . GLU A 1 65 ? 10.723  -0.223  5.898   1.00 27.85 ? 65  GLU A CB  1 
ATOM   521 C CG  . GLU A 1 65 ? 12.010  -0.864  5.454   1.00 34.67 ? 65  GLU A CG  1 
ATOM   522 C CD  . GLU A 1 65 ? 13.183  -0.538  6.360   1.00 43.37 ? 65  GLU A CD  1 
ATOM   523 O OE1 . GLU A 1 65 ? 12.960  0.130   7.397   1.00 41.83 ? 65  GLU A OE1 1 
ATOM   524 O OE2 . GLU A 1 65 ? 14.319  -0.910  5.998   1.00 54.59 ? 65  GLU A OE2 1 
ATOM   525 N N   . ILE A 1 66 ? 9.397   -1.367  2.757   1.00 23.86 ? 66  ILE A N   1 
ATOM   526 C CA  . ILE A 1 66 ? 8.729   -2.391  1.891   1.00 21.50 ? 66  ILE A CA  1 
ATOM   527 C C   . ILE A 1 66 ? 9.818   -3.376  1.478   1.00 22.12 ? 66  ILE A C   1 
ATOM   528 O O   . ILE A 1 66 ? 10.774  -2.970  0.784   1.00 22.31 ? 66  ILE A O   1 
ATOM   529 C CB  . ILE A 1 66 ? 8.063   -1.761  0.660   1.00 23.51 ? 66  ILE A CB  1 
ATOM   530 C CG1 . ILE A 1 66 ? 7.001   -0.739  1.044   1.00 24.84 ? 66  ILE A CG1 1 
ATOM   531 C CG2 . ILE A 1 66 ? 7.519   -2.883  -0.241  1.00 22.18 ? 66  ILE A CG2 1 
ATOM   532 C CD1 . ILE A 1 66 ? 6.682   0.221   -0.065  1.00 28.33 ? 66  ILE A CD1 1 
ATOM   533 N N   . CYS A 1 67 ? 9.789   -4.586  2.020   1.00 28.48 ? 67  CYS A N   1 
ATOM   534 C CA  . CYS A 1 67 ? 10.834  -5.605  1.786   1.00 30.49 ? 67  CYS A CA  1 
ATOM   535 C C   . CYS A 1 67 ? 12.220  -4.946  1.956   1.00 32.57 ? 67  CYS A C   1 
ATOM   536 O O   . CYS A 1 67 ? 13.056  -5.132  1.051   1.00 28.59 ? 67  CYS A O   1 
ATOM   537 C CB  . CYS A 1 67 ? 10.596  -6.208  0.396   1.00 35.50 ? 67  CYS A CB  1 
ATOM   538 S SG  . CYS A 1 67 ? 11.566  -7.707  0.054   1.00 39.87 ? 67  CYS A SG  1 
ATOM   539 N N   . GLY A 1 68 ? 12.418  -4.082  2.972   1.00 27.50 ? 68  GLY A N   1 
ATOM   540 C CA  . GLY A 1 68 ? 13.760  -3.586  3.353   1.00 31.12 ? 68  GLY A CA  1 
ATOM   541 C C   . GLY A 1 68 ? 14.171  -2.338  2.585   1.00 35.42 ? 68  GLY A C   1 
ATOM   542 O O   . GLY A 1 68 ? 15.342  -1.917  2.686   1.00 44.46 ? 68  GLY A O   1 
ATOM   543 N N   . HIS A 1 69 ? 13.258  -1.761  1.808   1.00 30.46 ? 69  HIS A N   1 
ATOM   544 C CA  . HIS A 1 69 ? 13.485  -0.504  1.045   1.00 26.23 ? 69  HIS A CA  1 
ATOM   545 C C   . HIS A 1 69 ? 12.594  0.567   1.660   1.00 26.14 ? 69  HIS A C   1 
ATOM   546 O O   . HIS A 1 69 ? 11.363  0.344   1.702   1.00 25.64 ? 69  HIS A O   1 
ATOM   547 C CB  . HIS A 1 69 ? 13.029  -0.702  -0.402  1.00 25.88 ? 69  HIS A CB  1 
ATOM   548 C CG  . HIS A 1 69 ? 13.965  -1.470  -1.243  1.00 28.67 ? 69  HIS A CG  1 
ATOM   549 N ND1 . HIS A 1 69 ? 14.155  -2.829  -1.109  1.00 29.73 ? 69  HIS A ND1 1 
ATOM   550 C CD2 . HIS A 1 69 ? 14.729  -1.057  -2.284  1.00 28.37 ? 69  HIS A CD2 1 
ATOM   551 C CE1 . HIS A 1 69 ? 15.056  -3.211  -2.002  1.00 28.45 ? 69  HIS A CE1 1 
ATOM   552 N NE2 . HIS A 1 69 ? 15.383  -2.156  -2.746  1.00 31.32 ? 69  HIS A NE2 1 
ATOM   553 N N   . LYS A 1 70 ? 13.125  1.741   1.967   1.00 25.19 ? 70  LYS A N   1 
ATOM   554 C CA  . LYS A 1 70 ? 12.336  2.807   2.592   1.00 24.67 ? 70  LYS A CA  1 
ATOM   555 C C   . LYS A 1 70 ? 11.683  3.685   1.529   1.00 22.66 ? 70  LYS A C   1 
ATOM   556 O O   . LYS A 1 70 ? 12.253  3.942   0.499   1.00 24.58 ? 70  LYS A O   1 
ATOM   557 C CB  . LYS A 1 70 ? 13.198  3.629   3.539   1.00 24.47 ? 70  LYS A CB  1 
ATOM   558 C CG  . LYS A 1 70 ? 13.597  2.878   4.795   1.00 29.48 ? 70  LYS A CG  1 
ATOM   559 C CD  . LYS A 1 70 ? 14.476  3.706   5.684   1.00 34.94 ? 70  LYS A CD  1 
ATOM   560 C CE  . LYS A 1 70 ? 15.300  2.853   6.616   1.00 38.27 ? 70  LYS A CE  1 
ATOM   561 N NZ  . LYS A 1 70 ? 16.688  3.376   6.633   1.00 43.72 ? 70  LYS A NZ  1 
ATOM   562 N N   . ALA A 1 71 ? 10.452  4.041   1.785   1.00 19.98 ? 71  ALA A N   1 
ATOM   563 C CA  . ALA A 1 71 ? 9.702   4.966   0.926   1.00 21.94 ? 71  ALA A CA  1 
ATOM   564 C C   . ALA A 1 71 ? 8.904   5.891   1.828   1.00 21.27 ? 71  ALA A C   1 
ATOM   565 O O   . ALA A 1 71 ? 8.578   5.508   2.989   1.00 21.85 ? 71  ALA A O   1 
ATOM   566 C CB  . ALA A 1 71 ? 8.841   4.189   -0.051  1.00 22.63 ? 71  ALA A CB  1 
ATOM   567 N N   . ILE A 1 72 ? 8.555   7.090   1.349   1.00 20.74 ? 72  ILE A N   1 
ATOM   568 C CA  . ILE A 1 72 ? 7.674   8.012   2.104   1.00 20.75 ? 72  ILE A CA  1 
ATOM   569 C C   . ILE A 1 72 ? 6.592   8.460   1.126   1.00 20.20 ? 72  ILE A C   1 
ATOM   570 O O   . ILE A 1 72 ? 6.919   8.818   -0.004  1.00 22.77 ? 72  ILE A O   1 
ATOM   571 C CB  . ILE A 1 72 ? 8.353   9.233   2.767   1.00 26.38 ? 72  ILE A CB  1 
ATOM   572 C CG1 . ILE A 1 72 ? 9.235   8.886   3.958   1.00 31.35 ? 72  ILE A CG1 1 
ATOM   573 C CG2 . ILE A 1 72 ? 7.284   10.216  3.224   1.00 26.37 ? 72  ILE A CG2 1 
ATOM   574 C CD1 . ILE A 1 72 ? 9.729   10.099  4.687   1.00 31.20 ? 72  ILE A CD1 1 
ATOM   575 N N   . GLY A 1 73 ? 5.351   8.374   1.532   1.00 19.00 ? 73  GLY A N   1 
ATOM   576 C CA  . GLY A 1 73 ? 4.251   8.866   0.693   1.00 19.66 ? 73  GLY A CA  1 
ATOM   577 C C   . GLY A 1 73 ? 2.899   8.727   1.314   1.00 20.62 ? 73  GLY A C   1 
ATOM   578 O O   . GLY A 1 73 ? 2.739   8.458   2.514   1.00 19.54 ? 73  GLY A O   1 
ATOM   579 N N   . THR A 1 74 ? 1.880   8.881   0.470   1.00 19.81 ? 74  THR A N   1 
ATOM   580 C CA  . THR A 1 74 ? 0.488   8.779   0.885   1.00 20.35 ? 74  THR A CA  1 
ATOM   581 C C   . THR A 1 74 ? 0.118   7.316   1.123   1.00 21.64 ? 74  THR A C   1 
ATOM   582 O O   . THR A 1 74 ? 0.349   6.465   0.235   1.00 19.64 ? 74  THR A O   1 
ATOM   583 C CB  . THR A 1 74 ? -0.424  9.468   -0.138  1.00 21.31 ? 74  THR A CB  1 
ATOM   584 O OG1 . THR A 1 74 ? 0.117   10.798  -0.137  1.00 26.34 ? 74  THR A OG1 1 
ATOM   585 C CG2 . THR A 1 74 ? -1.895  9.344   0.189   1.00 24.48 ? 74  THR A CG2 1 
ATOM   586 N N   . VAL A 1 75 ? -0.540  7.065   2.225   1.00 20.46 ? 75  VAL A N   1 
ATOM   587 C CA  . VAL A 1 75 ? -1.141  5.776   2.590   1.00 20.46 ? 75  VAL A CA  1 
ATOM   588 C C   . VAL A 1 75 ? -2.614  6.037   2.850   1.00 21.36 ? 75  VAL A C   1 
ATOM   589 O O   . VAL A 1 75 ? -2.926  6.975   3.603   1.00 25.25 ? 75  VAL A O   1 
ATOM   590 C CB  . VAL A 1 75 ? -0.390  5.138   3.777   1.00 23.30 ? 75  VAL A CB  1 
ATOM   591 C CG1 . VAL A 1 75 ? -1.132  3.939   4.286   1.00 23.94 ? 75  VAL A CG1 1 
ATOM   592 C CG2 . VAL A 1 75 ? 1.045   4.788   3.387   1.00 25.72 ? 75  VAL A CG2 1 
ATOM   593 N N   . LEU A 1 76 ? -3.497  5.265   2.235   1.00 19.72 ? 76  LEU A N   1 
ATOM   594 C CA  . LEU A 1 76 ? -4.934  5.277   2.508   1.00 19.39 ? 76  LEU A CA  1 
ATOM   595 C C   . LEU A 1 76 ? -5.256  4.130   3.463   1.00 20.56 ? 76  LEU A C   1 
ATOM   596 O O   . LEU A 1 76 ? -4.775  2.978   3.314   1.00 22.35 ? 76  LEU A O   1 
ATOM   597 C CB  . LEU A 1 76 ? -5.680  5.176   1.163   1.00 19.30 ? 76  LEU A CB  1 
ATOM   598 C CG  . LEU A 1 76 ? -5.205  6.096   0.057   1.00 20.10 ? 76  LEU A CG  1 
ATOM   599 C CD1 . LEU A 1 76 ? -6.019  5.855   -1.225  1.00 20.56 ? 76  LEU A CD1 1 
ATOM   600 C CD2 . LEU A 1 76 ? -5.352  7.557   0.475   1.00 22.15 ? 76  LEU A CD2 1 
ATOM   601 N N   . VAL A 1 77 ? -6.044  4.403   4.492   1.00 20.77 ? 77  VAL A N   1 
ATOM   602 C CA  . VAL A 1 77 ? -6.395  3.382   5.490   1.00 21.24 ? 77  VAL A CA  1 
ATOM   603 C C   . VAL A 1 77 ? -7.904  3.192   5.507   1.00 23.86 ? 77  VAL A C   1 
ATOM   604 O O   . VAL A 1 77 ? -8.605  4.233   5.621   1.00 23.58 ? 77  VAL A O   1 
ATOM   605 C CB  . VAL A 1 77 ? -5.908  3.822   6.884   1.00 22.35 ? 77  VAL A CB  1 
ATOM   606 C CG1 . VAL A 1 77 ? -6.267  2.761   7.891   1.00 25.46 ? 77  VAL A CG1 1 
ATOM   607 C CG2 . VAL A 1 77 ? -4.405  4.130   6.868   1.00 22.19 ? 77  VAL A CG2 1 
ATOM   608 N N   . GLY A 1 78 ? -8.383  1.970   5.427   1.00 24.20 ? 78  GLY A N   1 
ATOM   609 C CA  . GLY A 1 78 ? -9.827  1.697   5.363   1.00 26.34 ? 78  GLY A CA  1 
ATOM   610 C C   . GLY A 1 78 ? -10.125 0.238   5.104   1.00 29.39 ? 78  GLY A C   1 
ATOM   611 O O   . GLY A 1 78 ? -9.193  -0.589  5.080   1.00 28.92 ? 78  GLY A O   1 
ATOM   612 N N   . PRO A 1 79 ? -11.419 -0.056  4.892   1.00 25.68 ? 79  PRO A N   1 
ATOM   613 C CA  . PRO A 1 79 ? -11.905 -1.394  4.730   1.00 26.50 ? 79  PRO A CA  1 
ATOM   614 C C   . PRO A 1 79 ? -11.511 -2.115  3.441   1.00 24.64 ? 79  PRO A C   1 
ATOM   615 O O   . PRO A 1 79 ? -12.344 -2.663  2.838   1.00 30.70 ? 79  PRO A O   1 
ATOM   616 C CB  . PRO A 1 79 ? -13.424 -1.235  4.844   1.00 27.19 ? 79  PRO A CB  1 
ATOM   617 C CG  . PRO A 1 79 ? -13.664 0.129   4.332   1.00 28.36 ? 79  PRO A CG  1 
ATOM   618 C CD  . PRO A 1 79 ? -12.483 0.932   4.807   1.00 25.79 ? 79  PRO A CD  1 
ATOM   619 N N   . THR A 1 80 ? -10.224 -2.112  3.105   1.00 26.40 ? 80  THR A N   1 
ATOM   620 C CA  . THR A 1 80 ? -9.786  -2.906  1.942   1.00 24.66 ? 80  THR A CA  1 
ATOM   621 C C   . THR A 1 80 ? -9.696  -4.360  2.409   1.00 25.47 ? 80  THR A C   1 
ATOM   622 O O   . THR A 1 80 ? -9.362  -4.567  3.548   1.00 28.83 ? 80  THR A O   1 
ATOM   623 C CB  . THR A 1 80 ? -8.413  -2.430  1.453   1.00 23.57 ? 80  THR A CB  1 
ATOM   624 O OG1 . THR A 1 80 ? -7.950  -3.312  0.445   1.00 21.58 ? 80  THR A OG1 1 
ATOM   625 C CG2 . THR A 1 80 ? -7.389  -2.374  2.555   1.00 22.55 ? 80  THR A CG2 1 
ATOM   626 N N   . PRO A 1 81 ? -10.008 -5.376  1.595   1.00 29.77 ? 81  PRO A N   1 
ATOM   627 C CA  . PRO A 1 81 ? -9.854  -6.762  2.033   1.00 27.64 ? 81  PRO A CA  1 
ATOM   628 C C   . PRO A 1 81 ? -8.392  -7.210  2.223   1.00 29.36 ? 81  PRO A C   1 
ATOM   629 O O   . PRO A 1 81 ? -8.159  -8.169  2.902   1.00 26.75 ? 81  PRO A O   1 
ATOM   630 C CB  . PRO A 1 81 ? -10.461 -7.581  0.892   1.00 29.63 ? 81  PRO A CB  1 
ATOM   631 C CG  . PRO A 1 81 ? -10.475 -6.655  -0.290  1.00 33.76 ? 81  PRO A CG  1 
ATOM   632 C CD  . PRO A 1 81 ? -10.613 -5.271  0.298   1.00 29.95 ? 81  PRO A CD  1 
ATOM   633 N N   . VAL A 1 82 ? -7.456  -6.529  1.561   1.00 23.82 ? 82  VAL A N   1 
ATOM   634 C CA  . VAL A 1 82 ? -6.016  -6.906  1.598   1.00 22.94 ? 82  VAL A CA  1 
ATOM   635 C C   . VAL A 1 82 ? -5.177  -5.627  1.592   1.00 20.34 ? 82  VAL A C   1 
ATOM   636 O O   . VAL A 1 82 ? -5.630  -4.631  1.060   1.00 20.72 ? 82  VAL A O   1 
ATOM   637 C CB  . VAL A 1 82 ? -5.632  -7.769  0.382   1.00 26.93 ? 82  VAL A CB  1 
ATOM   638 C CG1 . VAL A 1 82 ? -6.357  -9.102  0.303   1.00 31.57 ? 82  VAL A CG1 1 
ATOM   639 C CG2 . VAL A 1 82 ? -5.859  -7.005  -0.878  1.00 26.93 ? 82  VAL A CG2 1 
ATOM   640 N N   . ASN A 1 83 ? -4.009  -5.679  2.219   1.00 18.05 ? 83  ASN A N   1 
ATOM   641 C CA  . ASN A 1 83 ? -3.069  -4.540  2.195   1.00 16.79 ? 83  ASN A CA  1 
ATOM   642 C C   . ASN A 1 83 ? -2.441  -4.526  0.803   1.00 14.33 ? 83  ASN A C   1 
ATOM   643 O O   . ASN A 1 83 ? -1.953  -5.534  0.377   1.00 14.97 ? 83  ASN A O   1 
ATOM   644 C CB  . ASN A 1 83 ? -1.975  -4.662  3.253   1.00 16.48 ? 83  ASN A CB  1 
ATOM   645 C CG  . ASN A 1 83 ? -2.491  -4.707  4.670   1.00 19.27 ? 83  ASN A CG  1 
ATOM   646 O OD1 . ASN A 1 83 ? -3.368  -3.954  5.013   1.00 21.17 ? 83  ASN A OD1 1 
ATOM   647 N ND2 . ASN A 1 83 ? -1.909  -5.557  5.488   1.00 18.78 ? 83  ASN A ND2 1 
ATOM   648 N N   . ILE A 1 84 ? -2.476  -3.358  0.188   1.00 15.85 ? 84  ILE A N   1 
ATOM   649 C CA  . ILE A 1 84 ? -1.993  -3.196  -1.198  1.00 17.37 ? 84  ILE A CA  1 
ATOM   650 C C   . ILE A 1 84 ? -0.935  -2.104  -1.278  1.00 15.32 ? 84  ILE A C   1 
ATOM   651 O O   . ILE A 1 84 ? -1.183  -1.040  -0.860  1.00 16.17 ? 84  ILE A O   1 
ATOM   652 C CB  . ILE A 1 84 ? -3.186  -2.779  -2.064  1.00 20.95 ? 84  ILE A CB  1 
ATOM   653 C CG1 . ILE A 1 84 ? -4.160  -3.931  -2.284  1.00 25.27 ? 84  ILE A CG1 1 
ATOM   654 C CG2 . ILE A 1 84 ? -2.711  -2.141  -3.353  1.00 23.81 ? 84  ILE A CG2 1 
ATOM   655 C CD1 . ILE A 1 84 ? -5.563  -3.399  -2.322  1.00 25.27 ? 84  ILE A CD1 1 
ATOM   656 N N   . ILE A 1 85 ? 0.200   -2.437  -1.851  1.00 14.25 ? 85  ILE A N   1 
ATOM   657 C CA  . ILE A 1 85 ? 1.242   -1.421  -2.141  1.00 13.86 ? 85  ILE A CA  1 
ATOM   658 C C   . ILE A 1 85 ? 1.043   -1.026  -3.603  1.00 13.35 ? 85  ILE A C   1 
ATOM   659 O O   . ILE A 1 85 ? 1.251   -1.837  -4.463  1.00 13.76 ? 85  ILE A O   1 
ATOM   660 C CB  . ILE A 1 85 ? 2.660   -1.958  -1.909  1.00 14.50 ? 85  ILE A CB  1 
ATOM   661 C CG1 . ILE A 1 85 ? 2.827   -2.583  -0.523  1.00 16.59 ? 85  ILE A CG1 1 
ATOM   662 C CG2 . ILE A 1 85 ? 3.648   -0.837  -2.154  1.00 15.65 ? 85  ILE A CG2 1 
ATOM   663 C CD1 . ILE A 1 85 ? 2.443   -1.675  0.610   1.00 16.42 ? 85  ILE A CD1 1 
ATOM   664 N N   . GLY A 1 86 ? 0.684   0.234   -3.818  1.00 14.44 ? 86  GLY A N   1 
ATOM   665 C CA  . GLY A 1 86 ? 0.396   0.783   -5.147  1.00 14.31 ? 86  GLY A CA  1 
ATOM   666 C C   . GLY A 1 86 ? 1.568   1.504   -5.765  1.00 13.73 ? 86  GLY A C   1 
ATOM   667 O O   . GLY A 1 86 ? 2.597   1.626   -5.189  1.00 14.34 ? 86  GLY A O   1 
ATOM   668 N N   . ARG A 1 87 ? 1.350   2.018   -6.978  1.00 14.01 ? 87  ARG A N   1 
ATOM   669 C CA  . ARG A 1 87 ? 2.454   2.561   -7.794  1.00 14.48 ? 87  ARG A CA  1 
ATOM   670 C C   . ARG A 1 87 ? 3.117   3.799   -7.156  1.00 14.30 ? 87  ARG A C   1 
ATOM   671 O O   . ARG A 1 87 ? 4.344   3.986   -7.392  1.00 15.48 ? 87  ARG A O   1 
ATOM   672 C CB  . ARG A 1 87 ? 1.961   2.867   -9.197  1.00 13.65 ? 87  ARG A CB  1 
ATOM   673 C CG  . ARG A 1 87 ? 1.524   1.645   -10.015 1.00 15.04 ? 87  ARG A CG  1 
ATOM   674 C CD  . ARG A 1 87 ? 1.229   1.958   -11.513 1.00 14.08 ? 87  ARG A CD  1 
ATOM   675 N NE  . ARG A 1 87 ? 0.095   2.871   -11.596 1.00 15.38 ? 87  ARG A NE  1 
ATOM   676 C CZ  . ARG A 1 87 ? 0.161   4.190   -11.783 1.00 18.21 ? 87  ARG A CZ  1 
ATOM   677 N NH1 . ARG A 1 87 ? 1.312   4.819   -11.940 1.00 16.50 ? 87  ARG A NH1 1 
ATOM   678 N NH2 . ARG A 1 87 ? -0.947  4.885   -11.781 1.00 19.03 ? 87  ARG A NH2 1 
ATOM   679 N N   . ASN A 1 88 ? 2.353   4.530   -6.334  1.00 15.95 ? 88  ASN A N   1 
ATOM   680 C CA  . ASN A 1 88 ? 2.922   5.709   -5.636  1.00 16.64 ? 88  ASN A CA  1 
ATOM   681 C C   . ASN A 1 88 ? 4.153   5.280   -4.834  1.00 17.39 ? 88  ASN A C   1 
ATOM   682 O O   . ASN A 1 88 ? 5.099   6.084   -4.692  1.00 18.31 ? 88  ASN A O   1 
ATOM   683 C CB  . ASN A 1 88 ? 1.822   6.369   -4.828  1.00 16.58 ? 88  ASN A CB  1 
ATOM   684 C CG  . ASN A 1 88 ? 1.525   5.627   -3.555  1.00 18.20 ? 88  ASN A CG  1 
ATOM   685 O OD1 . ASN A 1 88 ? 1.109   4.474   -3.594  1.00 17.39 ? 88  ASN A OD1 1 
ATOM   686 N ND2 . ASN A 1 88 ? 1.634   6.311   -2.422  1.00 18.84 ? 88  ASN A ND2 1 
ATOM   687 N N   . LEU A 1 89 ? 4.163   4.057   -4.263  1.00 16.83 ? 89  LEU A N   1 
ATOM   688 C CA  . LEU A 1 89 ? 5.317   3.572   -3.477  1.00 16.59 ? 89  LEU A CA  1 
ATOM   689 C C   . LEU A 1 89 ? 6.180   2.619   -4.311  1.00 14.88 ? 89  LEU A C   1 
ATOM   690 O O   . LEU A 1 89 ? 7.349   2.602   -4.124  1.00 16.31 ? 89  LEU A O   1 
ATOM   691 C CB  . LEU A 1 89 ? 4.858   2.898   -2.168  1.00 16.89 ? 89  LEU A CB  1 
ATOM   692 C CG  . LEU A 1 89 ? 4.085   3.824   -1.227  1.00 18.63 ? 89  LEU A CG  1 
ATOM   693 C CD1 . LEU A 1 89 ? 3.725   3.120   0.070   1.00 19.75 ? 89  LEU A CD1 1 
ATOM   694 C CD2 . LEU A 1 89 ? 4.918   5.057   -0.921  1.00 20.05 ? 89  LEU A CD2 1 
ATOM   695 N N   . LEU A 1 90 ? 5.619   1.858   -5.270  1.00 14.99 ? 90  LEU A N   1 
ATOM   696 C CA  . LEU A 1 90 ? 6.437   0.919   -6.086  1.00 15.08 ? 90  LEU A CA  1 
ATOM   697 C C   . LEU A 1 90 ? 7.502   1.697   -6.895  1.00 15.34 ? 90  LEU A C   1 
ATOM   698 O O   . LEU A 1 90 ? 8.590   1.203   -7.027  1.00 15.23 ? 90  LEU A O   1 
ATOM   699 C CB  . LEU A 1 90 ? 5.548   0.088   -7.019  1.00 16.23 ? 90  LEU A CB  1 
ATOM   700 C CG  . LEU A 1 90 ? 4.531   -0.828  -6.328  1.00 15.29 ? 90  LEU A CG  1 
ATOM   701 C CD1 . LEU A 1 90 ? 3.629   -1.447  -7.380  1.00 17.43 ? 90  LEU A CD1 1 
ATOM   702 C CD2 . LEU A 1 90 ? 5.230   -1.899  -5.491  1.00 16.12 ? 90  LEU A CD2 1 
ATOM   703 N N   . THR A 1 91 ? 7.157   2.893   -7.392  1.00 16.90 ? 91  THR A N   1 
ATOM   704 C CA  . THR A 1 91 ? 8.115   3.723   -8.141  1.00 17.07 ? 91  THR A CA  1 
ATOM   705 C C   . THR A 1 91 ? 9.283   4.132   -7.241  1.00 18.70 ? 91  THR A C   1 
ATOM   706 O O   . THR A 1 91 ? 10.397  4.144   -7.733  1.00 21.12 ? 91  THR A O   1 
ATOM   707 C CB  . THR A 1 91 ? 7.443   4.963   -8.725  1.00 17.41 ? 91  THR A CB  1 
ATOM   708 O OG1 . THR A 1 91 ? 6.779   5.673   -7.683  1.00 21.14 ? 91  THR A OG1 1 
ATOM   709 C CG2 . THR A 1 91 ? 6.467   4.668   -9.828  1.00 17.77 ? 91  THR A CG2 1 
ATOM   710 N N   . GLN A 1 92 ? 9.048   4.296   -5.927  1.00 21.00 ? 92  GLN A N   1 
ATOM   711 C CA  . GLN A 1 92 ? 10.151  4.724   -5.009  1.00 22.70 ? 92  GLN A CA  1 
ATOM   712 C C   . GLN A 1 92 ? 11.144  3.625   -4.712  1.00 26.68 ? 92  GLN A C   1 
ATOM   713 O O   . GLN A 1 92 ? 12.297  3.929   -4.384  1.00 30.57 ? 92  GLN A O   1 
ATOM   714 C CB  . GLN A 1 92 ? 9.595   5.208   -3.697  1.00 25.05 ? 92  GLN A CB  1 
ATOM   715 C CG  . GLN A 1 92 ? 8.822   6.478   -3.865  1.00 25.65 ? 92  GLN A CG  1 
ATOM   716 C CD  . GLN A 1 92 ? 8.521   7.110   -2.532  1.00 28.59 ? 92  GLN A CD  1 
ATOM   717 O OE1 . GLN A 1 92 ? 9.393   7.244   -1.666  1.00 26.36 ? 92  GLN A OE1 1 
ATOM   718 N NE2 . GLN A 1 92 ? 7.259   7.485   -2.364  1.00 29.64 ? 92  GLN A NE2 1 
ATOM   719 N N   . ILE A 1 93 ? 10.721  2.379   -4.733  1.00 21.69 ? 93  ILE A N   1 
ATOM   720 C CA  . ILE A 1 93 ? 11.646  1.258   -4.465  1.00 23.51 ? 93  ILE A CA  1 
ATOM   721 C C   . ILE A 1 93 ? 12.232  0.737   -5.774  1.00 21.70 ? 93  ILE A C   1 
ATOM   722 O O   . ILE A 1 93 ? 12.927  -0.254  -5.707  1.00 24.69 ? 93  ILE A O   1 
ATOM   723 C CB  . ILE A 1 93 ? 10.947  0.219   -3.580  1.00 24.63 ? 93  ILE A CB  1 
ATOM   724 C CG1 . ILE A 1 93 ? 9.823   -0.510  -4.319  1.00 24.09 ? 93  ILE A CG1 1 
ATOM   725 C CG2 . ILE A 1 93 ? 10.413  0.872   -2.317  1.00 25.29 ? 93  ILE A CG2 1 
ATOM   726 C CD1 . ILE A 1 93 ? 9.244   -1.664  -3.540  1.00 25.72 ? 93  ILE A CD1 1 
ATOM   727 N N   . GLY A 1 94 ? 11.904  1.325   -6.937  1.00 23.04 ? 94  GLY A N   1 
ATOM   728 C CA  . GLY A 1 94 ? 12.548  0.922   -8.194  1.00 22.14 ? 94  GLY A CA  1 
ATOM   729 C C   . GLY A 1 94 ? 11.887  -0.295  -8.806  1.00 23.97 ? 94  GLY A C   1 
ATOM   730 O O   . GLY A 1 94 ? 12.494  -0.954  -9.611  1.00 22.40 ? 94  GLY A O   1 
ATOM   731 N N   . CYS A 1 95 ? 10.622  -0.551  -8.495  1.00 22.52 ? 95  CYS A N   1 
ATOM   732 C CA  . CYS A 1 95 ? 9.923   -1.735  -9.014  1.00 21.58 ? 95  CYS A CA  1 
ATOM   733 C C   . CYS A 1 95 ? 9.530   -1.602  -10.491 1.00 20.72 ? 95  CYS A C   1 
ATOM   734 O O   . CYS A 1 95 ? 8.948   -0.577  -10.893 1.00 23.09 ? 95  CYS A O   1 
ATOM   735 C CB  . CYS A 1 95 ? 8.732   -1.989  -8.108  1.00 25.18 ? 95  CYS A CB  1 
ATOM   736 S SG  . CYS A 1 95 ? 8.063   -3.630  -8.364  1.00 24.86 ? 95  CYS A SG  1 
ATOM   737 N N   . THR A 1 96 ? 9.846   -2.638  -11.259 1.00 18.65 ? 96  THR A N   1 
ATOM   738 C CA  . THR A 1 96 ? 9.480   -2.735  -12.691 1.00 19.48 ? 96  THR A CA  1 
ATOM   739 C C   . THR A 1 96 ? 8.807   -4.076  -13.003 1.00 17.47 ? 96  THR A C   1 
ATOM   740 O O   . THR A 1 96 ? 8.954   -5.012  -12.257 1.00 19.11 ? 96  THR A O   1 
ATOM   741 C CB  . THR A 1 96 ? 10.698  -2.577  -13.617 1.00 22.13 ? 96  THR A CB  1 
ATOM   742 O OG1 . THR A 1 96 ? 11.651  -3.587  -13.340 1.00 24.23 ? 96  THR A OG1 1 
ATOM   743 C CG2 . THR A 1 96 ? 11.357  -1.226  -13.520 1.00 25.56 ? 96  THR A CG2 1 
ATOM   744 N N   . LEU A 1 97 ? 8.071   -4.102  -14.099 1.00 19.35 ? 97  LEU A N   1 
ATOM   745 C CA  . LEU A 1 97 ? 7.478   -5.339  -14.651 1.00 18.24 ? 97  LEU A CA  1 
ATOM   746 C C   . LEU A 1 97 ? 8.361   -5.731  -15.834 1.00 18.33 ? 97  LEU A C   1 
ATOM   747 O O   . LEU A 1 97 ? 8.871   -4.870  -16.482 1.00 21.65 ? 97  LEU A O   1 
ATOM   748 C CB  . LEU A 1 97 ? 6.071   -5.045  -15.166 1.00 20.29 ? 97  LEU A CB  1 
ATOM   749 C CG  . LEU A 1 97 ? 4.987   -5.007  -14.110 1.00 19.57 ? 97  LEU A CG  1 
ATOM   750 C CD1 . LEU A 1 97 ? 3.689   -4.541  -14.737 1.00 20.52 ? 97  LEU A CD1 1 
ATOM   751 C CD2 . LEU A 1 97 ? 4.832   -6.395  -13.522 1.00 20.74 ? 97  LEU A CD2 1 
ATOM   752 N N   . ASN A 1 98 ? 8.620   -7.011  -16.003 1.00 21.76 ? 98  ASN A N   1 
ATOM   753 C CA  . ASN A 1 98 ? 9.498   -7.423  -17.120 1.00 24.61 ? 98  ASN A CA  1 
ATOM   754 C C   . ASN A 1 98 ? 8.959   -8.689  -17.775 1.00 24.31 ? 98  ASN A C   1 
ATOM   755 O O   . ASN A 1 98 ? 8.610   -9.596  -17.067 1.00 22.82 ? 98  ASN A O   1 
ATOM   756 C CB  . ASN A 1 98 ? 10.899  -7.800  -16.645 1.00 27.28 ? 98  ASN A CB  1 
ATOM   757 C CG  . ASN A 1 98 ? 11.575  -6.739  -15.811 1.00 30.00 ? 98  ASN A CG  1 
ATOM   758 O OD1 . ASN A 1 98 ? 12.416  -6.018  -16.302 1.00 38.32 ? 98  ASN A OD1 1 
ATOM   759 N ND2 . ASN A 1 98 ? 11.202  -6.623  -14.551 1.00 35.13 ? 98  ASN A ND2 1 
ATOM   760 N N   . PHE A 1 99 ? 8.907   -8.695  -19.100 1.00 27.27 ? 99  PHE A N   1 
ATOM   761 C CA  . PHE A 1 99 ? 8.536   -9.908  -19.864 1.00 26.55 ? 99  PHE A CA  1 
ATOM   762 C C   . PHE A 1 99 ? 9.153   -9.844  -21.270 1.00 29.94 ? 99  PHE A C   1 
ATOM   763 O O   . PHE A 1 99 ? 9.009   -10.756 -22.008 1.00 31.84 ? 99  PHE A O   1 
ATOM   764 C CB  . PHE A 1 99 ? 7.032   -10.155 -19.870 1.00 26.19 ? 99  PHE A CB  1 
ATOM   765 C CG  . PHE A 1 99 ? 6.211   -9.140  -20.609 1.00 30.08 ? 99  PHE A CG  1 
ATOM   766 C CD1 . PHE A 1 99 ? 5.689   -8.052  -19.948 1.00 26.91 ? 99  PHE A CD1 1 
ATOM   767 C CD2 . PHE A 1 99 ? 5.893   -9.317  -21.946 1.00 32.42 ? 99  PHE A CD2 1 
ATOM   768 C CE1 . PHE A 1 99 ? 4.915   -7.127  -20.614 1.00 28.83 ? 99  PHE A CE1 1 
ATOM   769 C CE2 . PHE A 1 99 ? 5.119   -8.389  -22.612 1.00 32.09 ? 99  PHE A CE2 1 
ATOM   770 C CZ  . PHE A 1 99 ? 4.631   -7.297  -21.940 1.00 32.23 ? 99  PHE A CZ  1 
ATOM   771 O OXT . PHE A 1 99 ? 9.792   -8.857  -21.568 1.00 33.41 ? 99  PHE A OXT 1 
HETATM 772 C CAE . NKA B 2 .  ? -10.158 -11.677 -7.232  0.48 15.18 ? 101 NKA A CAE 1 
HETATM 773 C CAH . NKA B 2 .  ? -11.164 -11.116 -8.151  0.48 14.82 ? 101 NKA A CAH 1 
HETATM 774 C CAG . NKA B 2 .  ? -10.317 -10.016 -8.752  0.48 14.36 ? 101 NKA A CAG 1 
HETATM 775 C CAJ . NKA B 2 .  ? -9.131  -10.606 -9.534  0.48 14.89 ? 101 NKA A CAJ 1 
HETATM 776 O OAI . NKA B 2 .  ? -9.045  -12.014 -9.398  0.48 15.41 ? 101 NKA A OAI 1 
HETATM 777 C CAA . NKA B 2 .  ? -9.009  -12.294 -7.991  0.48 15.37 ? 101 NKA A CAA 1 
HETATM 778 O OAB . NKA B 2 .  ? -7.791  -11.695 -7.402  0.48 15.41 ? 101 NKA A OAB 1 
HETATM 779 C CAC . NKA B 2 .  ? -8.096  -10.737 -6.430  0.48 15.50 ? 101 NKA A CAC 1 
HETATM 780 C CAD . NKA B 2 .  ? -9.569  -10.422 -6.569  0.48 15.60 ? 101 NKA A CAD 1 
HETATM 781 C CAF . NKA B 2 .  ? -9.893  -9.261  -7.541  0.48 14.87 ? 101 NKA A CAF 1 
HETATM 782 O OAK . NKA B 2 .  ? -8.807  -8.459  -7.870  0.48 13.86 ? 101 NKA A OAK 1 
HETATM 783 C CAL . NKA B 2 .  ? -8.795  -7.115  -7.559  0.48 14.35 ? 101 NKA A CAL 1 
HETATM 784 O OAM . NKA B 2 .  ? -9.812  -6.479  -7.466  0.48 13.10 ? 101 NKA A OAM 1 
HETATM 785 N NAN . NKA B 2 .  ? -7.560  -6.625  -7.331  0.48 14.15 ? 101 NKA A NAN 1 
HETATM 786 C CAO . NKA B 2 .  ? -7.121  -5.324  -6.879  0.48 15.44 ? 101 NKA A CAO 1 
HETATM 787 C CAW . NKA B 2 .  ? -6.339  -5.580  -5.562  0.48 15.70 ? 101 NKA A CAW 1 
HETATM 788 C CBH . NKA B 2 .  ? -7.151  -6.328  -4.739  0.48 16.61 ? 101 NKA A CBH 1 
HETATM 789 C CBI . NKA B 2 .  ? -8.288  -5.745  -4.212  0.48 17.71 ? 101 NKA A CBI 1 
HETATM 790 C CBJ . NKA B 2 .  ? -9.147  -6.476  -3.385  0.48 18.57 ? 101 NKA A CBJ 1 
HETATM 791 C CBK . NKA B 2 .  ? -8.886  -7.801  -3.067  0.48 17.58 ? 101 NKA A CBK 1 
HETATM 792 F FBU . NKA B 2 .  ? -9.740  -8.547  -2.253  0.48 21.45 ? 101 NKA A FBU 1 
HETATM 793 C CBL . NKA B 2 .  ? -7.735  -8.382  -3.583  0.48 17.87 ? 101 NKA A CBL 1 
HETATM 794 C CBM . NKA B 2 .  ? -6.871  -7.641  -4.392  0.48 17.36 ? 101 NKA A CBM 1 
HETATM 795 C CAT . NKA B 2 .  ? -6.282  -4.554  -7.957  0.48 16.34 ? 101 NKA A CAT 1 
HETATM 796 O OBO . NKA B 2 .  ? -4.985  -5.011  -8.048  0.48 16.70 ? 101 NKA A OBO 1 
HETATM 797 C CAP . NKA B 2 .  ? -6.196  -3.071  -7.586  0.48 16.64 ? 101 NKA A CAP 1 
HETATM 798 N NAQ . NKA B 2 .  ? -7.508  -2.514  -7.770  0.48 15.77 ? 101 NKA A NAQ 1 
HETATM 799 C CBP . NKA B 2 .  ? -7.530  -1.642  -8.891  0.48 16.32 ? 101 NKA A CBP 1 
HETATM 800 C CBQ . NKA B 2 .  ? -8.091  -2.348  -10.130 0.48 15.58 ? 101 NKA A CBQ 1 
HETATM 801 C CBS . NKA B 2 .  ? -9.526  -2.814  -9.947  0.48 16.32 ? 101 NKA A CBS 1 
HETATM 802 C CBR . NKA B 2 .  ? -8.105  -1.273  -11.176 0.48 15.76 ? 101 NKA A CBR 1 
HETATM 803 S SAR . NKA B 2 .  ? -8.174  -1.774  -6.384  0.48 16.70 ? 101 NKA A SAR 1 
HETATM 804 O OAU . NKA B 2 .  ? -7.856  -2.658  -5.182  0.48 16.53 ? 101 NKA A OAU 1 
HETATM 805 O OAV . NKA B 2 .  ? -9.579  -1.660  -6.608  0.48 15.24 ? 101 NKA A OAV 1 
HETATM 806 C CAS . NKA B 2 .  ? -7.421  -0.302  -6.159  0.48 15.94 ? 101 NKA A CAS 1 
HETATM 807 C CAX . NKA B 2 .  ? -7.971  0.839   -6.664  0.48 17.55 ? 101 NKA A CAX 1 
HETATM 808 C CBB . NKA B 2 .  ? -6.256  -0.248  -5.404  0.48 15.75 ? 101 NKA A CBB 1 
HETATM 809 C CBA . NKA B 2 .  ? -5.629  0.970   -5.229  0.48 16.10 ? 101 NKA A CBA 1 
HETATM 810 C CAZ . NKA B 2 .  ? -6.180  2.034   -5.743  0.48 16.81 ? 101 NKA A CAZ 1 
HETATM 811 N NBE . NKA B 2 .  ? -5.780  3.282   -5.743  0.48 19.32 ? 101 NKA A NBE 1 
HETATM 812 C CAY . NKA B 2 .  ? -7.333  1.964   -6.430  0.48 17.72 ? 101 NKA A CAY 1 
HETATM 813 O OBC . NKA B 2 .  ? -7.633  3.246   -6.836  0.48 18.90 ? 101 NKA A OBC 1 
HETATM 814 C CBD . NKA B 2 .  ? -6.691  3.974   -6.409  0.48 18.09 ? 101 NKA A CBD 1 
HETATM 815 N NBF . NKA B 2 .  ? -6.623  5.293   -6.575  0.48 19.22 ? 101 NKA A NBF 1 
HETATM 816 C CBG . NKA B 2 .  ? -7.656  5.984   -7.364  0.48 21.86 ? 101 NKA A CBG 1 
HETATM 817 C CBT . NKA B 2 .  ? -7.161  6.301   -8.782  0.48 20.68 ? 101 NKA A CBT 1 
HETATM 818 C CBN . NKA B 2 .  ? -8.008  7.258   -6.650  0.48 22.61 ? 101 NKA A CBN 1 
HETATM 819 O O   . HOH C 3 .  ? -10.809 -3.918  -6.484  0.50 17.96 ? 201 HOH A O   1 
HETATM 820 O O   . HOH C 3 .  ? 8.850   1.943   -11.569 1.00 22.65 ? 202 HOH A O   1 
HETATM 821 O O   . HOH C 3 .  ? 11.454  1.782   8.766   1.00 38.06 ? 203 HOH A O   1 
HETATM 822 O O   . HOH C 3 .  ? -12.934 4.558   6.400   1.00 45.02 ? 204 HOH A O   1 
HETATM 823 O O   . HOH C 3 .  ? 1.443   3.619   14.462  1.00 27.23 ? 205 HOH A O   1 
HETATM 824 O O   . HOH C 3 .  ? -1.614  6.071   -1.499  1.00 21.43 ? 206 HOH A O   1 
HETATM 825 O O   . HOH C 3 .  ? 5.473   4.735   9.633   1.00 26.37 ? 207 HOH A O   1 
HETATM 826 O O   . HOH C 3 .  ? -2.849  -1.135  14.423  1.00 34.96 ? 208 HOH A O   1 
HETATM 827 O O   . HOH C 3 .  ? 4.828   -13.723 -6.191  1.00 22.15 ? 209 HOH A O   1 
HETATM 828 O O   . HOH C 3 .  ? 2.454   -15.594 -1.816  1.00 26.76 ? 210 HOH A O   1 
HETATM 829 O O   . HOH C 3 .  ? -1.966  1.001   -12.079 1.00 16.58 ? 211 HOH A O   1 
HETATM 830 O O   . HOH C 3 .  ? 0.118   -20.230 -10.305 1.00 42.82 ? 212 HOH A O   1 
HETATM 831 O O   . HOH C 3 .  ? -0.518  -17.142 -3.622  1.00 23.83 ? 213 HOH A O   1 
HETATM 832 O O   . HOH C 3 .  ? -3.424  -7.880  3.851   1.00 31.44 ? 214 HOH A O   1 
HETATM 833 O O   . HOH C 3 .  ? -4.732  1.429   -11.698 1.00 19.46 ? 215 HOH A O   1 
HETATM 834 O O   . HOH C 3 .  ? 2.560   11.976  0.791   1.00 29.18 ? 216 HOH A O   1 
HETATM 835 O O   . HOH C 3 .  ? 8.710   2.099   8.803   1.00 26.68 ? 217 HOH A O   1 
HETATM 836 O O   . HOH C 3 .  ? -15.389 1.483   -8.934  1.00 36.59 ? 218 HOH A O   1 
HETATM 837 O O   . HOH C 3 .  ? 0.422   6.520   -8.637  1.00 28.72 ? 219 HOH A O   1 
HETATM 838 O O   . HOH C 3 .  ? 3.739   -5.505  14.610  1.00 25.38 ? 220 HOH A O   1 
HETATM 839 O O   . HOH C 3 .  ? 16.029  2.018   1.919   1.00 30.08 ? 221 HOH A O   1 
HETATM 840 O O   . HOH C 3 .  ? 2.469   9.142   -2.375  1.00 22.89 ? 222 HOH A O   1 
HETATM 841 O O   . HOH C 3 .  ? 5.966   -17.080 -7.694  1.00 31.21 ? 223 HOH A O   1 
HETATM 842 O O   . HOH C 3 .  ? -0.538  -8.321  7.727   1.00 25.90 ? 224 HOH A O   1 
HETATM 843 O O   . HOH C 3 .  ? 5.777   7.895   9.351   1.00 26.40 ? 225 HOH A O   1 
HETATM 844 O O   . HOH C 3 .  ? 7.728   2.315   11.284  1.00 24.86 ? 226 HOH A O   1 
HETATM 845 O O   . HOH C 3 .  ? -3.059  -6.048  8.225   1.00 34.89 ? 227 HOH A O   1 
HETATM 846 O O   . HOH C 3 .  ? 9.545   -15.285 -6.809  1.00 26.87 ? 228 HOH A O   1 
HETATM 847 O O   . HOH C 3 .  ? 10.318  -4.393  5.523   1.00 39.00 ? 229 HOH A O   1 
HETATM 848 O O   . HOH C 3 .  ? 6.133   -14.073 -3.929  1.00 33.51 ? 230 HOH A O   1 
HETATM 849 O O   . HOH C 3 .  ? 14.911  1.295   -2.815  1.00 30.00 ? 231 HOH A O   1 
# 
loop_
_pdbx_poly_seq_scheme.asym_id 
_pdbx_poly_seq_scheme.entity_id 
_pdbx_poly_seq_scheme.seq_id 
_pdbx_poly_seq_scheme.mon_id 
_pdbx_poly_seq_scheme.ndb_seq_num 
_pdbx_poly_seq_scheme.pdb_seq_num 
_pdbx_poly_seq_scheme.auth_seq_num 
_pdbx_poly_seq_scheme.pdb_mon_id 
_pdbx_poly_seq_scheme.auth_mon_id 
_pdbx_poly_seq_scheme.pdb_strand_id 
_pdbx_poly_seq_scheme.pdb_ins_code 
_pdbx_poly_seq_scheme.hetero 
A 1 1  PRO 1  1  1  PRO PRO A . n 
A 1 2  GLN 2  2  2  GLN GLN A . n 
A 1 3  ILE 3  3  3  ILE ILE A . n 
A 1 4  THR 4  4  4  THR THR A . n 
A 1 5  LEU 5  5  5  LEU LEU A . n 
A 1 6  TRP 6  6  6  TRP TRP A . n 
A 1 7  GLN 7  7  7  GLN GLN A . n 
A 1 8  ARG 8  8  8  ARG ARG A . n 
A 1 9  PRO 9  9  9  PRO PRO A . n 
A 1 10 LEU 10 10 10 LEU LEU A . n 
A 1 11 VAL 11 11 11 VAL VAL A . n 
A 1 12 THR 12 12 12 THR THR A . n 
A 1 13 ILE 13 13 13 ILE ILE A . n 
A 1 14 LYS 14 14 14 LYS LYS A . n 
A 1 15 ILE 15 15 15 ILE ILE A . n 
A 1 16 GLY 16 16 16 GLY GLY A . n 
A 1 17 GLY 17 17 17 GLY GLY A . n 
A 1 18 GLN 18 18 18 GLN GLN A . n 
A 1 19 LEU 19 19 19 LEU LEU A . n 
A 1 20 LYS 20 20 20 LYS LYS A . n 
A 1 21 GLU 21 21 21 GLU GLU A . n 
A 1 22 ALA 22 22 22 ALA ALA A . n 
A 1 23 LEU 23 23 23 LEU LEU A . n 
A 1 24 LEU 24 24 24 LEU LEU A . n 
A 1 25 ASP 25 25 25 ASP ASP A . n 
A 1 26 THR 26 26 26 THR THR A . n 
A 1 27 GLY 27 27 27 GLY GLY A . n 
A 1 28 ALA 28 28 28 ALA ALA A . n 
A 1 29 ASP 29 29 29 ASP ASP A . n 
A 1 30 ASP 30 30 30 ASP ASP A . n 
A 1 31 THR 31 31 31 THR THR A . n 
A 1 32 VAL 32 32 32 VAL VAL A . n 
A 1 33 LEU 33 33 33 LEU LEU A . n 
A 1 34 GLU 34 34 34 GLU GLU A . n 
A 1 35 GLU 35 35 35 GLU GLU A . n 
A 1 36 MET 36 36 36 MET MET A . n 
A 1 37 ASN 37 37 37 ASN ASN A . n 
A 1 38 LEU 38 38 38 LEU LEU A . n 
A 1 39 PRO 39 39 39 PRO PRO A . n 
A 1 40 GLY 40 40 40 GLY GLY A . n 
A 1 41 ARG 41 41 41 ARG ARG A . n 
A 1 42 TRP 42 42 42 TRP TRP A . n 
A 1 43 LYS 43 43 43 LYS LYS A . n 
A 1 44 PRO 44 44 44 PRO PRO A . n 
A 1 45 LYS 45 45 45 LYS LYS A . n 
A 1 46 MET 46 46 46 MET MET A . n 
A 1 47 ILE 47 47 47 ILE ILE A . n 
A 1 48 GLY 48 48 48 GLY GLY A . n 
A 1 49 GLY 49 49 49 GLY GLY A . n 
A 1 50 ILE 50 50 50 ILE ILE A . n 
A 1 51 GLY 51 51 51 GLY GLY A . n 
A 1 52 GLY 52 52 52 GLY GLY A . n 
A 1 53 PHE 53 53 53 PHE PHE A . n 
A 1 54 ILE 54 54 54 ILE ILE A . n 
A 1 55 LYS 55 55 55 LYS LYS A . n 
A 1 56 VAL 56 56 56 VAL VAL A . n 
A 1 57 ARG 57 57 57 ARG ARG A . n 
A 1 58 GLN 58 58 58 GLN GLN A . n 
A 1 59 TYR 59 59 59 TYR TYR A . n 
A 1 60 ASP 60 60 60 ASP ASP A . n 
A 1 61 GLN 61 61 61 GLN GLN A . n 
A 1 62 ILE 62 62 62 ILE ILE A . n 
A 1 63 LEU 63 63 63 LEU LEU A . n 
A 1 64 ILE 64 64 64 ILE ILE A . n 
A 1 65 GLU 65 65 65 GLU GLU A . n 
A 1 66 ILE 66 66 66 ILE ILE A . n 
A 1 67 CYS 67 67 67 CYS CYS A . n 
A 1 68 GLY 68 68 68 GLY GLY A . n 
A 1 69 HIS 69 69 69 HIS HIS A . n 
A 1 70 LYS 70 70 70 LYS LYS A . n 
A 1 71 ALA 71 71 71 ALA ALA A . n 
A 1 72 ILE 72 72 72 ILE ILE A . n 
A 1 73 GLY 73 73 73 GLY GLY A . n 
A 1 74 THR 74 74 74 THR THR A . n 
A 1 75 VAL 75 75 75 VAL VAL A . n 
A 1 76 LEU 76 76 76 LEU LEU A . n 
A 1 77 VAL 77 77 77 VAL VAL A . n 
A 1 78 GLY 78 78 78 GLY GLY A . n 
A 1 79 PRO 79 79 79 PRO PRO A . n 
A 1 80 THR 80 80 80 THR THR A . n 
A 1 81 PRO 81 81 81 PRO PRO A . n 
A 1 82 VAL 82 82 82 VAL VAL A . n 
A 1 83 ASN 83 83 83 ASN ASN A . n 
A 1 84 ILE 84 84 84 ILE ILE A . n 
A 1 85 ILE 85 85 85 ILE ILE A . n 
A 1 86 GLY 86 86 86 GLY GLY A . n 
A 1 87 ARG 87 87 87 ARG ARG A . n 
A 1 88 ASN 88 88 88 ASN ASN A . n 
A 1 89 LEU 89 89 89 LEU LEU A . n 
A 1 90 LEU 90 90 90 LEU LEU A . n 
A 1 91 THR 91 91 91 THR THR A . n 
A 1 92 GLN 92 92 92 GLN GLN A . n 
A 1 93 ILE 93 93 93 ILE ILE A . n 
A 1 94 GLY 94 94 94 GLY GLY A . n 
A 1 95 CYS 95 95 95 CYS CYS A . n 
A 1 96 THR 96 96 96 THR THR A . n 
A 1 97 LEU 97 97 97 LEU LEU A . n 
A 1 98 ASN 98 98 98 ASN ASN A . n 
A 1 99 PHE 99 99 99 PHE PHE A . n 
# 
loop_
_pdbx_nonpoly_scheme.asym_id 
_pdbx_nonpoly_scheme.entity_id 
_pdbx_nonpoly_scheme.mon_id 
_pdbx_nonpoly_scheme.ndb_seq_num 
_pdbx_nonpoly_scheme.pdb_seq_num 
_pdbx_nonpoly_scheme.auth_seq_num 
_pdbx_nonpoly_scheme.pdb_mon_id 
_pdbx_nonpoly_scheme.auth_mon_id 
_pdbx_nonpoly_scheme.pdb_strand_id 
_pdbx_nonpoly_scheme.pdb_ins_code 
B 2 NKA 1  101 1  NKA DRG A . 
C 3 HOH 1  201 2  HOH HOH A . 
C 3 HOH 2  202 10 HOH HOH A . 
C 3 HOH 3  203 27 HOH HOH A . 
C 3 HOH 4  204 28 HOH HOH A . 
C 3 HOH 5  205 9  HOH HOH A . 
C 3 HOH 6  206 4  HOH HOH A . 
C 3 HOH 7  207 21 HOH HOH A . 
C 3 HOH 8  208 29 HOH HOH A . 
C 3 HOH 9  209 17 HOH HOH A . 
C 3 HOH 10 210 11 HOH HOH A . 
C 3 HOH 11 211 1  HOH HOH A . 
C 3 HOH 12 212 26 HOH HOH A . 
C 3 HOH 13 213 12 HOH HOH A . 
C 3 HOH 14 214 23 HOH HOH A . 
C 3 HOH 15 215 5  HOH HOH A . 
C 3 HOH 16 216 13 HOH HOH A . 
C 3 HOH 17 217 8  HOH HOH A . 
C 3 HOH 18 218 31 HOH HOH A . 
C 3 HOH 19 219 20 HOH HOH A . 
C 3 HOH 20 220 7  HOH HOH A . 
C 3 HOH 21 221 18 HOH HOH A . 
C 3 HOH 22 222 6  HOH HOH A . 
C 3 HOH 23 223 19 HOH HOH A . 
C 3 HOH 24 224 14 HOH HOH A . 
C 3 HOH 25 225 3  HOH HOH A . 
C 3 HOH 26 226 15 HOH HOH A . 
C 3 HOH 27 227 25 HOH HOH A . 
C 3 HOH 28 228 16 HOH HOH A . 
C 3 HOH 29 229 30 HOH HOH A . 
C 3 HOH 30 230 22 HOH HOH A . 
C 3 HOH 31 231 32 HOH HOH A . 
# 
_pdbx_struct_assembly.id                   1 
_pdbx_struct_assembly.details              author_and_software_defined_assembly 
_pdbx_struct_assembly.method_details       PISA 
_pdbx_struct_assembly.oligomeric_details   dimeric 
_pdbx_struct_assembly.oligomeric_count     2 
# 
_pdbx_struct_assembly_gen.assembly_id       1 
_pdbx_struct_assembly_gen.oper_expression   1,2 
_pdbx_struct_assembly_gen.asym_id_list      A,B,C 
# 
loop_
_pdbx_struct_assembly_prop.biol_id 
_pdbx_struct_assembly_prop.type 
_pdbx_struct_assembly_prop.value 
_pdbx_struct_assembly_prop.details 
1 'ABSA (A^2)' 2650  ? 
1 MORE         -12   ? 
1 'SSA (A^2)'  10770 ? 
# 
loop_
_pdbx_struct_oper_list.id 
_pdbx_struct_oper_list.type 
_pdbx_struct_oper_list.name 
_pdbx_struct_oper_list.symmetry_operation 
_pdbx_struct_oper_list.matrix[1][1] 
_pdbx_struct_oper_list.matrix[1][2] 
_pdbx_struct_oper_list.matrix[1][3] 
_pdbx_struct_oper_list.vector[1] 
_pdbx_struct_oper_list.matrix[2][1] 
_pdbx_struct_oper_list.matrix[2][2] 
_pdbx_struct_oper_list.matrix[2][3] 
_pdbx_struct_oper_list.vector[2] 
_pdbx_struct_oper_list.matrix[3][1] 
_pdbx_struct_oper_list.matrix[3][2] 
_pdbx_struct_oper_list.matrix[3][3] 
_pdbx_struct_oper_list.vector[3] 
1 'identity operation'         1_555 x,y,z      1.0000000000 0.0000000000  0.0000000000  0.0000000000  0.0000000000  1.0000000000  0.0000000000 0.0000000000  0.0000000000  0.0000000000 1.0000000000  0.0000000000   
2 'crystal symmetry operation' 7_555 y,x,-z+1/3 0.7691717788 -0.2554359504 -0.5857706462 -7.2942651650 -0.2554359504 -0.9631197346 0.0845745357 -9.9053022932 -0.5857706462 0.0845745357 -0.8060520442 -17.7110919427 
# 
loop_
_pdbx_struct_special_symmetry.id 
_pdbx_struct_special_symmetry.PDB_model_num 
_pdbx_struct_special_symmetry.auth_asym_id 
_pdbx_struct_special_symmetry.auth_comp_id 
_pdbx_struct_special_symmetry.auth_seq_id 
_pdbx_struct_special_symmetry.PDB_ins_code 
_pdbx_struct_special_symmetry.label_asym_id 
_pdbx_struct_special_symmetry.label_comp_id 
_pdbx_struct_special_symmetry.label_seq_id 
1 1 A NKA 101 ? B NKA . 
2 1 A HOH 201 ? C HOH . 
# 
loop_
_pdbx_audit_revision_history.ordinal 
_pdbx_audit_revision_history.data_content_type 
_pdbx_audit_revision_history.major_revision 
_pdbx_audit_revision_history.minor_revision 
_pdbx_audit_revision_history.revision_date 
1 'Structure model' 1 0 2020-05-20 
2 'Structure model' 1 1 2020-08-26 
3 'Structure model' 1 2 2021-04-28 
4 'Structure model' 1 3 2021-06-09 
5 'Structure model' 1 4 2023-10-11 
# 
_pdbx_audit_revision_details.ordinal             1 
_pdbx_audit_revision_details.revision_ordinal    1 
_pdbx_audit_revision_details.data_content_type   'Structure model' 
_pdbx_audit_revision_details.provider            repository 
_pdbx_audit_revision_details.type                'Initial release' 
_pdbx_audit_revision_details.description         ? 
_pdbx_audit_revision_details.details             ? 
# 
loop_
_pdbx_audit_revision_group.ordinal 
_pdbx_audit_revision_group.revision_ordinal 
_pdbx_audit_revision_group.data_content_type 
_pdbx_audit_revision_group.group 
1 2 'Structure model' 'Database references'    
2 3 'Structure model' 'Data collection'        
3 4 'Structure model' 'Derived calculations'   
4 5 'Structure model' 'Data collection'        
5 5 'Structure model' 'Database references'    
6 5 'Structure model' 'Refinement description' 
# 
loop_
_pdbx_audit_revision_category.ordinal 
_pdbx_audit_revision_category.revision_ordinal 
_pdbx_audit_revision_category.data_content_type 
_pdbx_audit_revision_category.category 
1  2 'Structure model' citation                      
2  2 'Structure model' citation_author               
3  3 'Structure model' diffrn_source                 
4  4 'Structure model' pdbx_struct_assembly          
5  4 'Structure model' pdbx_struct_assembly_gen      
6  4 'Structure model' pdbx_struct_assembly_prop     
7  5 'Structure model' chem_comp_atom                
8  5 'Structure model' chem_comp_bond                
9  5 'Structure model' database_2                    
10 5 'Structure model' pdbx_initial_refinement_model 
# 
loop_
_pdbx_audit_revision_item.ordinal 
_pdbx_audit_revision_item.revision_ordinal 
_pdbx_audit_revision_item.data_content_type 
_pdbx_audit_revision_item.item 
1  2 'Structure model' '_citation.country'                        
2  2 'Structure model' '_citation.journal_abbrev'                 
3  2 'Structure model' '_citation.journal_id_CSD'                 
4  2 'Structure model' '_citation.journal_id_ISSN'                
5  2 'Structure model' '_citation.journal_volume'                 
6  2 'Structure model' '_citation.page_first'                     
7  2 'Structure model' '_citation.page_last'                      
8  2 'Structure model' '_citation.pdbx_database_id_DOI'           
9  2 'Structure model' '_citation.pdbx_database_id_PubMed'        
10 2 'Structure model' '_citation.title'                          
11 2 'Structure model' '_citation.year'                           
12 3 'Structure model' '_diffrn_source.pdbx_synchrotron_beamline' 
13 3 'Structure model' '_diffrn_source.type'                      
14 4 'Structure model' '_pdbx_struct_assembly_prop.biol_id'       
15 5 'Structure model' '_database_2.pdbx_DOI'                     
16 5 'Structure model' '_database_2.pdbx_database_accession'      
# 
loop_
_software.citation_id 
_software.classification 
_software.compiler_name 
_software.compiler_version 
_software.contact_author 
_software.contact_author_email 
_software.date 
_software.description 
_software.dependencies 
_software.hardware 
_software.language 
_software.location 
_software.mods 
_software.name 
_software.os 
_software.os_version 
_software.type 
_software.version 
_software.pdbx_ordinal 
? refinement       ? ? ? ? ? ? ? ? ? ? ? REFMAC ? ? ? 5.8.0238 1 
? 'data reduction' ? ? ? ? ? ? ? ? ? ? ? xia2   ? ? ? .        2 
? 'data scaling'   ? ? ? ? ? ? ? ? ? ? ? xia2   ? ? ? .        3 
? phasing          ? ? ? ? ? ? ? ? ? ? ? MOLREP ? ? ? .        4 
# 
_pdbx_validate_symm_contact.id                1 
_pdbx_validate_symm_contact.PDB_model_num     1 
_pdbx_validate_symm_contact.auth_atom_id_1    ND2 
_pdbx_validate_symm_contact.auth_asym_id_1    A 
_pdbx_validate_symm_contact.auth_comp_id_1    ASN 
_pdbx_validate_symm_contact.auth_seq_id_1     98 
_pdbx_validate_symm_contact.PDB_ins_code_1    ? 
_pdbx_validate_symm_contact.label_alt_id_1    ? 
_pdbx_validate_symm_contact.site_symmetry_1   1_555 
_pdbx_validate_symm_contact.auth_atom_id_2    ND2 
_pdbx_validate_symm_contact.auth_asym_id_2    A 
_pdbx_validate_symm_contact.auth_comp_id_2    ASN 
_pdbx_validate_symm_contact.auth_seq_id_2     98 
_pdbx_validate_symm_contact.PDB_ins_code_2    ? 
_pdbx_validate_symm_contact.label_alt_id_2    ? 
_pdbx_validate_symm_contact.site_symmetry_2   7_555 
_pdbx_validate_symm_contact.dist              1.79 
# 
_pdbx_validate_torsion.id              1 
_pdbx_validate_torsion.PDB_model_num   1 
_pdbx_validate_torsion.auth_comp_id    PRO 
_pdbx_validate_torsion.auth_asym_id    A 
_pdbx_validate_torsion.auth_seq_id     79 
_pdbx_validate_torsion.PDB_ins_code    ? 
_pdbx_validate_torsion.label_alt_id    ? 
_pdbx_validate_torsion.phi             -69.72 
_pdbx_validate_torsion.psi             50.10 
# 
loop_
_chem_comp_atom.comp_id 
_chem_comp_atom.atom_id 
_chem_comp_atom.type_symbol 
_chem_comp_atom.pdbx_aromatic_flag 
_chem_comp_atom.pdbx_stereo_config 
_chem_comp_atom.pdbx_ordinal 
ALA N    N N N 1   
ALA CA   C N S 2   
ALA C    C N N 3   
ALA O    O N N 4   
ALA CB   C N N 5   
ALA OXT  O N N 6   
ALA H    H N N 7   
ALA H2   H N N 8   
ALA HA   H N N 9   
ALA HB1  H N N 10  
ALA HB2  H N N 11  
ALA HB3  H N N 12  
ALA HXT  H N N 13  
ARG N    N N N 14  
ARG CA   C N S 15  
ARG C    C N N 16  
ARG O    O N N 17  
ARG CB   C N N 18  
ARG CG   C N N 19  
ARG CD   C N N 20  
ARG NE   N N N 21  
ARG CZ   C N N 22  
ARG NH1  N N N 23  
ARG NH2  N N N 24  
ARG OXT  O N N 25  
ARG H    H N N 26  
ARG H2   H N N 27  
ARG HA   H N N 28  
ARG HB2  H N N 29  
ARG HB3  H N N 30  
ARG HG2  H N N 31  
ARG HG3  H N N 32  
ARG HD2  H N N 33  
ARG HD3  H N N 34  
ARG HE   H N N 35  
ARG HH11 H N N 36  
ARG HH12 H N N 37  
ARG HH21 H N N 38  
ARG HH22 H N N 39  
ARG HXT  H N N 40  
ASN N    N N N 41  
ASN CA   C N S 42  
ASN C    C N N 43  
ASN O    O N N 44  
ASN CB   C N N 45  
ASN CG   C N N 46  
ASN OD1  O N N 47  
ASN ND2  N N N 48  
ASN OXT  O N N 49  
ASN H    H N N 50  
ASN H2   H N N 51  
ASN HA   H N N 52  
ASN HB2  H N N 53  
ASN HB3  H N N 54  
ASN HD21 H N N 55  
ASN HD22 H N N 56  
ASN HXT  H N N 57  
ASP N    N N N 58  
ASP CA   C N S 59  
ASP C    C N N 60  
ASP O    O N N 61  
ASP CB   C N N 62  
ASP CG   C N N 63  
ASP OD1  O N N 64  
ASP OD2  O N N 65  
ASP OXT  O N N 66  
ASP H    H N N 67  
ASP H2   H N N 68  
ASP HA   H N N 69  
ASP HB2  H N N 70  
ASP HB3  H N N 71  
ASP HD2  H N N 72  
ASP HXT  H N N 73  
CYS N    N N N 74  
CYS CA   C N R 75  
CYS C    C N N 76  
CYS O    O N N 77  
CYS CB   C N N 78  
CYS SG   S N N 79  
CYS OXT  O N N 80  
CYS H    H N N 81  
CYS H2   H N N 82  
CYS HA   H N N 83  
CYS HB2  H N N 84  
CYS HB3  H N N 85  
CYS HG   H N N 86  
CYS HXT  H N N 87  
GLN N    N N N 88  
GLN CA   C N S 89  
GLN C    C N N 90  
GLN O    O N N 91  
GLN CB   C N N 92  
GLN CG   C N N 93  
GLN CD   C N N 94  
GLN OE1  O N N 95  
GLN NE2  N N N 96  
GLN OXT  O N N 97  
GLN H    H N N 98  
GLN H2   H N N 99  
GLN HA   H N N 100 
GLN HB2  H N N 101 
GLN HB3  H N N 102 
GLN HG2  H N N 103 
GLN HG3  H N N 104 
GLN HE21 H N N 105 
GLN HE22 H N N 106 
GLN HXT  H N N 107 
GLU N    N N N 108 
GLU CA   C N S 109 
GLU C    C N N 110 
GLU O    O N N 111 
GLU CB   C N N 112 
GLU CG   C N N 113 
GLU CD   C N N 114 
GLU OE1  O N N 115 
GLU OE2  O N N 116 
GLU OXT  O N N 117 
GLU H    H N N 118 
GLU H2   H N N 119 
GLU HA   H N N 120 
GLU HB2  H N N 121 
GLU HB3  H N N 122 
GLU HG2  H N N 123 
GLU HG3  H N N 124 
GLU HE2  H N N 125 
GLU HXT  H N N 126 
GLY N    N N N 127 
GLY CA   C N N 128 
GLY C    C N N 129 
GLY O    O N N 130 
GLY OXT  O N N 131 
GLY H    H N N 132 
GLY H2   H N N 133 
GLY HA2  H N N 134 
GLY HA3  H N N 135 
GLY HXT  H N N 136 
HIS N    N N N 137 
HIS CA   C N S 138 
HIS C    C N N 139 
HIS O    O N N 140 
HIS CB   C N N 141 
HIS CG   C Y N 142 
HIS ND1  N Y N 143 
HIS CD2  C Y N 144 
HIS CE1  C Y N 145 
HIS NE2  N Y N 146 
HIS OXT  O N N 147 
HIS H    H N N 148 
HIS H2   H N N 149 
HIS HA   H N N 150 
HIS HB2  H N N 151 
HIS HB3  H N N 152 
HIS HD1  H N N 153 
HIS HD2  H N N 154 
HIS HE1  H N N 155 
HIS HE2  H N N 156 
HIS HXT  H N N 157 
HOH O    O N N 158 
HOH H1   H N N 159 
HOH H2   H N N 160 
ILE N    N N N 161 
ILE CA   C N S 162 
ILE C    C N N 163 
ILE O    O N N 164 
ILE CB   C N S 165 
ILE CG1  C N N 166 
ILE CG2  C N N 167 
ILE CD1  C N N 168 
ILE OXT  O N N 169 
ILE H    H N N 170 
ILE H2   H N N 171 
ILE HA   H N N 172 
ILE HB   H N N 173 
ILE HG12 H N N 174 
ILE HG13 H N N 175 
ILE HG21 H N N 176 
ILE HG22 H N N 177 
ILE HG23 H N N 178 
ILE HD11 H N N 179 
ILE HD12 H N N 180 
ILE HD13 H N N 181 
ILE HXT  H N N 182 
LEU N    N N N 183 
LEU CA   C N S 184 
LEU C    C N N 185 
LEU O    O N N 186 
LEU CB   C N N 187 
LEU CG   C N N 188 
LEU CD1  C N N 189 
LEU CD2  C N N 190 
LEU OXT  O N N 191 
LEU H    H N N 192 
LEU H2   H N N 193 
LEU HA   H N N 194 
LEU HB2  H N N 195 
LEU HB3  H N N 196 
LEU HG   H N N 197 
LEU HD11 H N N 198 
LEU HD12 H N N 199 
LEU HD13 H N N 200 
LEU HD21 H N N 201 
LEU HD22 H N N 202 
LEU HD23 H N N 203 
LEU HXT  H N N 204 
LYS N    N N N 205 
LYS CA   C N S 206 
LYS C    C N N 207 
LYS O    O N N 208 
LYS CB   C N N 209 
LYS CG   C N N 210 
LYS CD   C N N 211 
LYS CE   C N N 212 
LYS NZ   N N N 213 
LYS OXT  O N N 214 
LYS H    H N N 215 
LYS H2   H N N 216 
LYS HA   H N N 217 
LYS HB2  H N N 218 
LYS HB3  H N N 219 
LYS HG2  H N N 220 
LYS HG3  H N N 221 
LYS HD2  H N N 222 
LYS HD3  H N N 223 
LYS HE2  H N N 224 
LYS HE3  H N N 225 
LYS HZ1  H N N 226 
LYS HZ2  H N N 227 
LYS HZ3  H N N 228 
LYS HXT  H N N 229 
MET N    N N N 230 
MET CA   C N S 231 
MET C    C N N 232 
MET O    O N N 233 
MET CB   C N N 234 
MET CG   C N N 235 
MET SD   S N N 236 
MET CE   C N N 237 
MET OXT  O N N 238 
MET H    H N N 239 
MET H2   H N N 240 
MET HA   H N N 241 
MET HB2  H N N 242 
MET HB3  H N N 243 
MET HG2  H N N 244 
MET HG3  H N N 245 
MET HE1  H N N 246 
MET HE2  H N N 247 
MET HE3  H N N 248 
MET HXT  H N N 249 
NKA CAE  C N R 250 
NKA CAH  C N N 251 
NKA CAG  C N R 252 
NKA CAJ  C N N 253 
NKA OAI  O N N 254 
NKA CAA  C N R 255 
NKA OAB  O N N 256 
NKA CAC  C N N 257 
NKA CAD  C N S 258 
NKA CAF  C N S 259 
NKA OAK  O N N 260 
NKA CAL  C N N 261 
NKA OAM  O N N 262 
NKA NAN  N N N 263 
NKA CAO  C N S 264 
NKA CAW  C N N 265 
NKA CBH  C Y N 266 
NKA CBI  C Y N 267 
NKA CBJ  C Y N 268 
NKA CBK  C Y N 269 
NKA FBU  F N N 270 
NKA CBL  C Y N 271 
NKA CBM  C Y N 272 
NKA CAT  C N R 273 
NKA OBO  O N N 274 
NKA CAP  C N N 275 
NKA NAQ  N N N 276 
NKA CBP  C N N 277 
NKA CBQ  C N N 278 
NKA CBS  C N N 279 
NKA CBR  C N N 280 
NKA SAR  S N N 281 
NKA OAU  O N N 282 
NKA OAV  O N N 283 
NKA CAS  C Y N 284 
NKA CAX  C Y N 285 
NKA CBB  C Y N 286 
NKA CBA  C Y N 287 
NKA CAZ  C Y N 288 
NKA NBE  N Y N 289 
NKA CAY  C Y N 290 
NKA OBC  O Y N 291 
NKA CBD  C Y N 292 
NKA NBF  N N N 293 
NKA CBG  C N N 294 
NKA CBT  C N N 295 
NKA CBN  C N N 296 
NKA H1   H N N 297 
NKA H2   H N N 298 
NKA H3   H N N 299 
NKA H4   H N N 300 
NKA H5   H N N 301 
NKA H6   H N N 302 
NKA H7   H N N 303 
NKA H8   H N N 304 
NKA H9   H N N 305 
NKA H10  H N N 306 
NKA H11  H N N 307 
NKA H12  H N N 308 
NKA H13  H N N 309 
NKA H14  H N N 310 
NKA H15  H N N 311 
NKA H16  H N N 312 
NKA H17  H N N 313 
NKA H18  H N N 314 
NKA H19  H N N 315 
NKA H20  H N N 316 
NKA H21  H N N 317 
NKA H22  H N N 318 
NKA H23  H N N 319 
NKA H24  H N N 320 
NKA H25  H N N 321 
NKA H26  H N N 322 
NKA H27  H N N 323 
NKA H28  H N N 324 
NKA H29  H N N 325 
NKA H30  H N N 326 
NKA H31  H N N 327 
NKA H32  H N N 328 
NKA H33  H N N 329 
NKA H34  H N N 330 
NKA H35  H N N 331 
NKA H36  H N N 332 
NKA H37  H N N 333 
NKA H38  H N N 334 
NKA H39  H N N 335 
NKA H40  H N N 336 
NKA H41  H N N 337 
NKA H42  H N N 338 
NKA H43  H N N 339 
PHE N    N N N 340 
PHE CA   C N S 341 
PHE C    C N N 342 
PHE O    O N N 343 
PHE CB   C N N 344 
PHE CG   C Y N 345 
PHE CD1  C Y N 346 
PHE CD2  C Y N 347 
PHE CE1  C Y N 348 
PHE CE2  C Y N 349 
PHE CZ   C Y N 350 
PHE OXT  O N N 351 
PHE H    H N N 352 
PHE H2   H N N 353 
PHE HA   H N N 354 
PHE HB2  H N N 355 
PHE HB3  H N N 356 
PHE HD1  H N N 357 
PHE HD2  H N N 358 
PHE HE1  H N N 359 
PHE HE2  H N N 360 
PHE HZ   H N N 361 
PHE HXT  H N N 362 
PRO N    N N N 363 
PRO CA   C N S 364 
PRO C    C N N 365 
PRO O    O N N 366 
PRO CB   C N N 367 
PRO CG   C N N 368 
PRO CD   C N N 369 
PRO OXT  O N N 370 
PRO H    H N N 371 
PRO HA   H N N 372 
PRO HB2  H N N 373 
PRO HB3  H N N 374 
PRO HG2  H N N 375 
PRO HG3  H N N 376 
PRO HD2  H N N 377 
PRO HD3  H N N 378 
PRO HXT  H N N 379 
THR N    N N N 380 
THR CA   C N S 381 
THR C    C N N 382 
THR O    O N N 383 
THR CB   C N R 384 
THR OG1  O N N 385 
THR CG2  C N N 386 
THR OXT  O N N 387 
THR H    H N N 388 
THR H2   H N N 389 
THR HA   H N N 390 
THR HB   H N N 391 
THR HG1  H N N 392 
THR HG21 H N N 393 
THR HG22 H N N 394 
THR HG23 H N N 395 
THR HXT  H N N 396 
TRP N    N N N 397 
TRP CA   C N S 398 
TRP C    C N N 399 
TRP O    O N N 400 
TRP CB   C N N 401 
TRP CG   C Y N 402 
TRP CD1  C Y N 403 
TRP CD2  C Y N 404 
TRP NE1  N Y N 405 
TRP CE2  C Y N 406 
TRP CE3  C Y N 407 
TRP CZ2  C Y N 408 
TRP CZ3  C Y N 409 
TRP CH2  C Y N 410 
TRP OXT  O N N 411 
TRP H    H N N 412 
TRP H2   H N N 413 
TRP HA   H N N 414 
TRP HB2  H N N 415 
TRP HB3  H N N 416 
TRP HD1  H N N 417 
TRP HE1  H N N 418 
TRP HE3  H N N 419 
TRP HZ2  H N N 420 
TRP HZ3  H N N 421 
TRP HH2  H N N 422 
TRP HXT  H N N 423 
TYR N    N N N 424 
TYR CA   C N S 425 
TYR C    C N N 426 
TYR O    O N N 427 
TYR CB   C N N 428 
TYR CG   C Y N 429 
TYR CD1  C Y N 430 
TYR CD2  C Y N 431 
TYR CE1  C Y N 432 
TYR CE2  C Y N 433 
TYR CZ   C Y N 434 
TYR OH   O N N 435 
TYR OXT  O N N 436 
TYR H    H N N 437 
TYR H2   H N N 438 
TYR HA   H N N 439 
TYR HB2  H N N 440 
TYR HB3  H N N 441 
TYR HD1  H N N 442 
TYR HD2  H N N 443 
TYR HE1  H N N 444 
TYR HE2  H N N 445 
TYR HH   H N N 446 
TYR HXT  H N N 447 
VAL N    N N N 448 
VAL CA   C N S 449 
VAL C    C N N 450 
VAL O    O N N 451 
VAL CB   C N N 452 
VAL CG1  C N N 453 
VAL CG2  C N N 454 
VAL OXT  O N N 455 
VAL H    H N N 456 
VAL H2   H N N 457 
VAL HA   H N N 458 
VAL HB   H N N 459 
VAL HG11 H N N 460 
VAL HG12 H N N 461 
VAL HG13 H N N 462 
VAL HG21 H N N 463 
VAL HG22 H N N 464 
VAL HG23 H N N 465 
VAL HXT  H N N 466 
# 
loop_
_chem_comp_bond.comp_id 
_chem_comp_bond.atom_id_1 
_chem_comp_bond.atom_id_2 
_chem_comp_bond.value_order 
_chem_comp_bond.pdbx_aromatic_flag 
_chem_comp_bond.pdbx_stereo_config 
_chem_comp_bond.pdbx_ordinal 
ALA N   CA   sing N N 1   
ALA N   H    sing N N 2   
ALA N   H2   sing N N 3   
ALA CA  C    sing N N 4   
ALA CA  CB   sing N N 5   
ALA CA  HA   sing N N 6   
ALA C   O    doub N N 7   
ALA C   OXT  sing N N 8   
ALA CB  HB1  sing N N 9   
ALA CB  HB2  sing N N 10  
ALA CB  HB3  sing N N 11  
ALA OXT HXT  sing N N 12  
ARG N   CA   sing N N 13  
ARG N   H    sing N N 14  
ARG N   H2   sing N N 15  
ARG CA  C    sing N N 16  
ARG CA  CB   sing N N 17  
ARG CA  HA   sing N N 18  
ARG C   O    doub N N 19  
ARG C   OXT  sing N N 20  
ARG CB  CG   sing N N 21  
ARG CB  HB2  sing N N 22  
ARG CB  HB3  sing N N 23  
ARG CG  CD   sing N N 24  
ARG CG  HG2  sing N N 25  
ARG CG  HG3  sing N N 26  
ARG CD  NE   sing N N 27  
ARG CD  HD2  sing N N 28  
ARG CD  HD3  sing N N 29  
ARG NE  CZ   sing N N 30  
ARG NE  HE   sing N N 31  
ARG CZ  NH1  sing N N 32  
ARG CZ  NH2  doub N N 33  
ARG NH1 HH11 sing N N 34  
ARG NH1 HH12 sing N N 35  
ARG NH2 HH21 sing N N 36  
ARG NH2 HH22 sing N N 37  
ARG OXT HXT  sing N N 38  
ASN N   CA   sing N N 39  
ASN N   H    sing N N 40  
ASN N   H2   sing N N 41  
ASN CA  C    sing N N 42  
ASN CA  CB   sing N N 43  
ASN CA  HA   sing N N 44  
ASN C   O    doub N N 45  
ASN C   OXT  sing N N 46  
ASN CB  CG   sing N N 47  
ASN CB  HB2  sing N N 48  
ASN CB  HB3  sing N N 49  
ASN CG  OD1  doub N N 50  
ASN CG  ND2  sing N N 51  
ASN ND2 HD21 sing N N 52  
ASN ND2 HD22 sing N N 53  
ASN OXT HXT  sing N N 54  
ASP N   CA   sing N N 55  
ASP N   H    sing N N 56  
ASP N   H2   sing N N 57  
ASP CA  C    sing N N 58  
ASP CA  CB   sing N N 59  
ASP CA  HA   sing N N 60  
ASP C   O    doub N N 61  
ASP C   OXT  sing N N 62  
ASP CB  CG   sing N N 63  
ASP CB  HB2  sing N N 64  
ASP CB  HB3  sing N N 65  
ASP CG  OD1  doub N N 66  
ASP CG  OD2  sing N N 67  
ASP OD2 HD2  sing N N 68  
ASP OXT HXT  sing N N 69  
CYS N   CA   sing N N 70  
CYS N   H    sing N N 71  
CYS N   H2   sing N N 72  
CYS CA  C    sing N N 73  
CYS CA  CB   sing N N 74  
CYS CA  HA   sing N N 75  
CYS C   O    doub N N 76  
CYS C   OXT  sing N N 77  
CYS CB  SG   sing N N 78  
CYS CB  HB2  sing N N 79  
CYS CB  HB3  sing N N 80  
CYS SG  HG   sing N N 81  
CYS OXT HXT  sing N N 82  
GLN N   CA   sing N N 83  
GLN N   H    sing N N 84  
GLN N   H2   sing N N 85  
GLN CA  C    sing N N 86  
GLN CA  CB   sing N N 87  
GLN CA  HA   sing N N 88  
GLN C   O    doub N N 89  
GLN C   OXT  sing N N 90  
GLN CB  CG   sing N N 91  
GLN CB  HB2  sing N N 92  
GLN CB  HB3  sing N N 93  
GLN CG  CD   sing N N 94  
GLN CG  HG2  sing N N 95  
GLN CG  HG3  sing N N 96  
GLN CD  OE1  doub N N 97  
GLN CD  NE2  sing N N 98  
GLN NE2 HE21 sing N N 99  
GLN NE2 HE22 sing N N 100 
GLN OXT HXT  sing N N 101 
GLU N   CA   sing N N 102 
GLU N   H    sing N N 103 
GLU N   H2   sing N N 104 
GLU CA  C    sing N N 105 
GLU CA  CB   sing N N 106 
GLU CA  HA   sing N N 107 
GLU C   O    doub N N 108 
GLU C   OXT  sing N N 109 
GLU CB  CG   sing N N 110 
GLU CB  HB2  sing N N 111 
GLU CB  HB3  sing N N 112 
GLU CG  CD   sing N N 113 
GLU CG  HG2  sing N N 114 
GLU CG  HG3  sing N N 115 
GLU CD  OE1  doub N N 116 
GLU CD  OE2  sing N N 117 
GLU OE2 HE2  sing N N 118 
GLU OXT HXT  sing N N 119 
GLY N   CA   sing N N 120 
GLY N   H    sing N N 121 
GLY N   H2   sing N N 122 
GLY CA  C    sing N N 123 
GLY CA  HA2  sing N N 124 
GLY CA  HA3  sing N N 125 
GLY C   O    doub N N 126 
GLY C   OXT  sing N N 127 
GLY OXT HXT  sing N N 128 
HIS N   CA   sing N N 129 
HIS N   H    sing N N 130 
HIS N   H2   sing N N 131 
HIS CA  C    sing N N 132 
HIS CA  CB   sing N N 133 
HIS CA  HA   sing N N 134 
HIS C   O    doub N N 135 
HIS C   OXT  sing N N 136 
HIS CB  CG   sing N N 137 
HIS CB  HB2  sing N N 138 
HIS CB  HB3  sing N N 139 
HIS CG  ND1  sing Y N 140 
HIS CG  CD2  doub Y N 141 
HIS ND1 CE1  doub Y N 142 
HIS ND1 HD1  sing N N 143 
HIS CD2 NE2  sing Y N 144 
HIS CD2 HD2  sing N N 145 
HIS CE1 NE2  sing Y N 146 
HIS CE1 HE1  sing N N 147 
HIS NE2 HE2  sing N N 148 
HIS OXT HXT  sing N N 149 
HOH O   H1   sing N N 150 
HOH O   H2   sing N N 151 
ILE N   CA   sing N N 152 
ILE N   H    sing N N 153 
ILE N   H2   sing N N 154 
ILE CA  C    sing N N 155 
ILE CA  CB   sing N N 156 
ILE CA  HA   sing N N 157 
ILE C   O    doub N N 158 
ILE C   OXT  sing N N 159 
ILE CB  CG1  sing N N 160 
ILE CB  CG2  sing N N 161 
ILE CB  HB   sing N N 162 
ILE CG1 CD1  sing N N 163 
ILE CG1 HG12 sing N N 164 
ILE CG1 HG13 sing N N 165 
ILE CG2 HG21 sing N N 166 
ILE CG2 HG22 sing N N 167 
ILE CG2 HG23 sing N N 168 
ILE CD1 HD11 sing N N 169 
ILE CD1 HD12 sing N N 170 
ILE CD1 HD13 sing N N 171 
ILE OXT HXT  sing N N 172 
LEU N   CA   sing N N 173 
LEU N   H    sing N N 174 
LEU N   H2   sing N N 175 
LEU CA  C    sing N N 176 
LEU CA  CB   sing N N 177 
LEU CA  HA   sing N N 178 
LEU C   O    doub N N 179 
LEU C   OXT  sing N N 180 
LEU CB  CG   sing N N 181 
LEU CB  HB2  sing N N 182 
LEU CB  HB3  sing N N 183 
LEU CG  CD1  sing N N 184 
LEU CG  CD2  sing N N 185 
LEU CG  HG   sing N N 186 
LEU CD1 HD11 sing N N 187 
LEU CD1 HD12 sing N N 188 
LEU CD1 HD13 sing N N 189 
LEU CD2 HD21 sing N N 190 
LEU CD2 HD22 sing N N 191 
LEU CD2 HD23 sing N N 192 
LEU OXT HXT  sing N N 193 
LYS N   CA   sing N N 194 
LYS N   H    sing N N 195 
LYS N   H2   sing N N 196 
LYS CA  C    sing N N 197 
LYS CA  CB   sing N N 198 
LYS CA  HA   sing N N 199 
LYS C   O    doub N N 200 
LYS C   OXT  sing N N 201 
LYS CB  CG   sing N N 202 
LYS CB  HB2  sing N N 203 
LYS CB  HB3  sing N N 204 
LYS CG  CD   sing N N 205 
LYS CG  HG2  sing N N 206 
LYS CG  HG3  sing N N 207 
LYS CD  CE   sing N N 208 
LYS CD  HD2  sing N N 209 
LYS CD  HD3  sing N N 210 
LYS CE  NZ   sing N N 211 
LYS CE  HE2  sing N N 212 
LYS CE  HE3  sing N N 213 
LYS NZ  HZ1  sing N N 214 
LYS NZ  HZ2  sing N N 215 
LYS NZ  HZ3  sing N N 216 
LYS OXT HXT  sing N N 217 
MET N   CA   sing N N 218 
MET N   H    sing N N 219 
MET N   H2   sing N N 220 
MET CA  C    sing N N 221 
MET CA  CB   sing N N 222 
MET CA  HA   sing N N 223 
MET C   O    doub N N 224 
MET C   OXT  sing N N 225 
MET CB  CG   sing N N 226 
MET CB  HB2  sing N N 227 
MET CB  HB3  sing N N 228 
MET CG  SD   sing N N 229 
MET CG  HG2  sing N N 230 
MET CG  HG3  sing N N 231 
MET SD  CE   sing N N 232 
MET CE  HE1  sing N N 233 
MET CE  HE2  sing N N 234 
MET CE  HE3  sing N N 235 
MET OXT HXT  sing N N 236 
NKA CBN CBG  sing N N 237 
NKA CBG NBF  sing N N 238 
NKA CBG CBT  sing N N 239 
NKA NBF CBD  sing N N 240 
NKA CBD NBE  doub Y N 241 
NKA CBD OBC  sing Y N 242 
NKA NBE CAZ  sing Y N 243 
NKA OBC CAY  sing Y N 244 
NKA CAZ CBA  doub Y N 245 
NKA CAZ CAY  sing Y N 246 
NKA CBA CBB  sing Y N 247 
NKA CAY CAX  doub Y N 248 
NKA CAX CAS  sing Y N 249 
NKA CBB CAS  doub Y N 250 
NKA CAS SAR  sing N N 251 
NKA SAR OAU  doub N N 252 
NKA SAR OAV  doub N N 253 
NKA SAR NAQ  sing N N 254 
NKA CBP NAQ  sing N N 255 
NKA CBP CBQ  sing N N 256 
NKA NAQ CAP  sing N N 257 
NKA CAP CAT  sing N N 258 
NKA CBR CBQ  sing N N 259 
NKA CBQ CBS  sing N N 260 
NKA CAT OBO  sing N N 261 
NKA CAT CAO  sing N N 262 
NKA CAW CAO  sing N N 263 
NKA CAW CBH  sing N N 264 
NKA CBI CBH  doub Y N 265 
NKA CBI CBJ  sing Y N 266 
NKA CAO NAN  sing N N 267 
NKA CBH CBM  sing Y N 268 
NKA CBJ CBK  doub Y N 269 
NKA CBM CBL  doub Y N 270 
NKA CBK CBL  sing Y N 271 
NKA CBK FBU  sing N N 272 
NKA NAN CAL  sing N N 273 
NKA OAM CAL  doub N N 274 
NKA CAL OAK  sing N N 275 
NKA OAK CAF  sing N N 276 
NKA CAF CAD  sing N N 277 
NKA CAF CAG  sing N N 278 
NKA CAC CAD  sing N N 279 
NKA CAC OAB  sing N N 280 
NKA CAD CAE  sing N N 281 
NKA CAG CAJ  sing N N 282 
NKA CAG CAH  sing N N 283 
NKA OAB CAA  sing N N 284 
NKA CAJ OAI  sing N N 285 
NKA CAE CAH  sing N N 286 
NKA CAE CAA  sing N N 287 
NKA CAA OAI  sing N N 288 
NKA CAE H1   sing N N 289 
NKA CAH H2   sing N N 290 
NKA CAH H3   sing N N 291 
NKA CAG H4   sing N N 292 
NKA CAJ H5   sing N N 293 
NKA CAJ H6   sing N N 294 
NKA CAA H7   sing N N 295 
NKA CAC H8   sing N N 296 
NKA CAC H9   sing N N 297 
NKA CAD H10  sing N N 298 
NKA CAF H11  sing N N 299 
NKA NAN H12  sing N N 300 
NKA CAO H13  sing N N 301 
NKA CAW H14  sing N N 302 
NKA CAW H15  sing N N 303 
NKA CBI H16  sing N N 304 
NKA CBJ H17  sing N N 305 
NKA CBL H18  sing N N 306 
NKA CBM H19  sing N N 307 
NKA CAT H20  sing N N 308 
NKA OBO H21  sing N N 309 
NKA CAP H22  sing N N 310 
NKA CAP H23  sing N N 311 
NKA CBP H24  sing N N 312 
NKA CBP H25  sing N N 313 
NKA CBQ H26  sing N N 314 
NKA CBS H27  sing N N 315 
NKA CBS H28  sing N N 316 
NKA CBS H29  sing N N 317 
NKA CBR H30  sing N N 318 
NKA CBR H31  sing N N 319 
NKA CBR H32  sing N N 320 
NKA CAX H33  sing N N 321 
NKA CBB H34  sing N N 322 
NKA CBA H35  sing N N 323 
NKA NBF H36  sing N N 324 
NKA CBG H37  sing N N 325 
NKA CBT H38  sing N N 326 
NKA CBT H39  sing N N 327 
NKA CBT H40  sing N N 328 
NKA CBN H41  sing N N 329 
NKA CBN H42  sing N N 330 
NKA CBN H43  sing N N 331 
PHE N   CA   sing N N 332 
PHE N   H    sing N N 333 
PHE N   H2   sing N N 334 
PHE CA  C    sing N N 335 
PHE CA  CB   sing N N 336 
PHE CA  HA   sing N N 337 
PHE C   O    doub N N 338 
PHE C   OXT  sing N N 339 
PHE CB  CG   sing N N 340 
PHE CB  HB2  sing N N 341 
PHE CB  HB3  sing N N 342 
PHE CG  CD1  doub Y N 343 
PHE CG  CD2  sing Y N 344 
PHE CD1 CE1  sing Y N 345 
PHE CD1 HD1  sing N N 346 
PHE CD2 CE2  doub Y N 347 
PHE CD2 HD2  sing N N 348 
PHE CE1 CZ   doub Y N 349 
PHE CE1 HE1  sing N N 350 
PHE CE2 CZ   sing Y N 351 
PHE CE2 HE2  sing N N 352 
PHE CZ  HZ   sing N N 353 
PHE OXT HXT  sing N N 354 
PRO N   CA   sing N N 355 
PRO N   CD   sing N N 356 
PRO N   H    sing N N 357 
PRO CA  C    sing N N 358 
PRO CA  CB   sing N N 359 
PRO CA  HA   sing N N 360 
PRO C   O    doub N N 361 
PRO C   OXT  sing N N 362 
PRO CB  CG   sing N N 363 
PRO CB  HB2  sing N N 364 
PRO CB  HB3  sing N N 365 
PRO CG  CD   sing N N 366 
PRO CG  HG2  sing N N 367 
PRO CG  HG3  sing N N 368 
PRO CD  HD2  sing N N 369 
PRO CD  HD3  sing N N 370 
PRO OXT HXT  sing N N 371 
THR N   CA   sing N N 372 
THR N   H    sing N N 373 
THR N   H2   sing N N 374 
THR CA  C    sing N N 375 
THR CA  CB   sing N N 376 
THR CA  HA   sing N N 377 
THR C   O    doub N N 378 
THR C   OXT  sing N N 379 
THR CB  OG1  sing N N 380 
THR CB  CG2  sing N N 381 
THR CB  HB   sing N N 382 
THR OG1 HG1  sing N N 383 
THR CG2 HG21 sing N N 384 
THR CG2 HG22 sing N N 385 
THR CG2 HG23 sing N N 386 
THR OXT HXT  sing N N 387 
TRP N   CA   sing N N 388 
TRP N   H    sing N N 389 
TRP N   H2   sing N N 390 
TRP CA  C    sing N N 391 
TRP CA  CB   sing N N 392 
TRP CA  HA   sing N N 393 
TRP C   O    doub N N 394 
TRP C   OXT  sing N N 395 
TRP CB  CG   sing N N 396 
TRP CB  HB2  sing N N 397 
TRP CB  HB3  sing N N 398 
TRP CG  CD1  doub Y N 399 
TRP CG  CD2  sing Y N 400 
TRP CD1 NE1  sing Y N 401 
TRP CD1 HD1  sing N N 402 
TRP CD2 CE2  doub Y N 403 
TRP CD2 CE3  sing Y N 404 
TRP NE1 CE2  sing Y N 405 
TRP NE1 HE1  sing N N 406 
TRP CE2 CZ2  sing Y N 407 
TRP CE3 CZ3  doub Y N 408 
TRP CE3 HE3  sing N N 409 
TRP CZ2 CH2  doub Y N 410 
TRP CZ2 HZ2  sing N N 411 
TRP CZ3 CH2  sing Y N 412 
TRP CZ3 HZ3  sing N N 413 
TRP CH2 HH2  sing N N 414 
TRP OXT HXT  sing N N 415 
TYR N   CA   sing N N 416 
TYR N   H    sing N N 417 
TYR N   H2   sing N N 418 
TYR CA  C    sing N N 419 
TYR CA  CB   sing N N 420 
TYR CA  HA   sing N N 421 
TYR C   O    doub N N 422 
TYR C   OXT  sing N N 423 
TYR CB  CG   sing N N 424 
TYR CB  HB2  sing N N 425 
TYR CB  HB3  sing N N 426 
TYR CG  CD1  doub Y N 427 
TYR CG  CD2  sing Y N 428 
TYR CD1 CE1  sing Y N 429 
TYR CD1 HD1  sing N N 430 
TYR CD2 CE2  doub Y N 431 
TYR CD2 HD2  sing N N 432 
TYR CE1 CZ   doub Y N 433 
TYR CE1 HE1  sing N N 434 
TYR CE2 CZ   sing Y N 435 
TYR CE2 HE2  sing N N 436 
TYR CZ  OH   sing N N 437 
TYR OH  HH   sing N N 438 
TYR OXT HXT  sing N N 439 
VAL N   CA   sing N N 440 
VAL N   H    sing N N 441 
VAL N   H2   sing N N 442 
VAL CA  C    sing N N 443 
VAL CA  CB   sing N N 444 
VAL CA  HA   sing N N 445 
VAL C   O    doub N N 446 
VAL C   OXT  sing N N 447 
VAL CB  CG1  sing N N 448 
VAL CB  CG2  sing N N 449 
VAL CB  HB   sing N N 450 
VAL CG1 HG11 sing N N 451 
VAL CG1 HG12 sing N N 452 
VAL CG1 HG13 sing N N 453 
VAL CG2 HG21 sing N N 454 
VAL CG2 HG22 sing N N 455 
VAL CG2 HG23 sing N N 456 
VAL OXT HXT  sing N N 457 
# 
_pdbx_audit_support.funding_organization   'National Institutes of Health/National Cancer Institute (NIH/NCI)' 
_pdbx_audit_support.country                'United States' 
_pdbx_audit_support.grant_number           ? 
_pdbx_audit_support.ordinal                1 
# 
_pdbx_entity_instance_feature.ordinal        1 
_pdbx_entity_instance_feature.comp_id        NKA 
_pdbx_entity_instance_feature.asym_id        ? 
_pdbx_entity_instance_feature.seq_num        ? 
_pdbx_entity_instance_feature.auth_comp_id   NKA 
_pdbx_entity_instance_feature.auth_asym_id   ? 
_pdbx_entity_instance_feature.auth_seq_num   ? 
_pdbx_entity_instance_feature.feature_type   'SUBJECT OF INVESTIGATION' 
_pdbx_entity_instance_feature.details        ? 
# 
loop_
_pdbx_entity_nonpoly.entity_id 
_pdbx_entity_nonpoly.name 
_pdbx_entity_nonpoly.comp_id 
2 
;(3S,3aR,5R,7aS,8S)-hexahydro-4H-3,5-methanofuro[2,3-b]pyran-8-yl {(2S,3R)-1-(4-fluorophenyl)-3-hydroxy-4-[(2-methylpropyl)({2-[(propan-2-yl)amino]-1,3-benzoxazol-6-yl}sulfonyl)amino]butan-2-yl}carbamate
;
NKA 
3 water HOH 
# 
_pdbx_initial_refinement_model.id               1 
_pdbx_initial_refinement_model.entity_id_list   ? 
_pdbx_initial_refinement_model.type             'experimental model' 
_pdbx_initial_refinement_model.source_name      PDB 
_pdbx_initial_refinement_model.accession_code   5TYR 
_pdbx_initial_refinement_model.details          ? 
# 
_pdbx_struct_assembly_auth_evidence.id                     1 
_pdbx_struct_assembly_auth_evidence.assembly_id            1 
_pdbx_struct_assembly_auth_evidence.experimental_support   'gel filtration' 
_pdbx_struct_assembly_auth_evidence.details                ? 
# 
